data_7MEL
#
_entry.id   7MEL
#
_cell.length_a   113.049
_cell.length_b   113.049
_cell.length_c   311.506
_cell.angle_alpha   90.000
_cell.angle_beta   90.000
_cell.angle_gamma   90.000
#
_symmetry.space_group_name_H-M   'P 41 21 2'
#
loop_
_entity.id
_entity.type
_entity.pdbx_description
1 polymer 'Alpha-1,4-glucan:maltose-1-phosphate maltosyltransferase 1'
2 non-polymer '(1R,2R,3S,4S,6R)-4-amino-2,3-dihydroxy-6-(hydroxymethyl)cyclohexyl alpha-D-glucopyranoside'
3 non-polymer 'TRIETHYLENE GLYCOL'
4 non-polymer DI(HYDROXYETHYL)ETHER
5 non-polymer 'CHLORIDE ION'
6 non-polymer 1,2-ETHANEDIOL
7 water water
#
_entity_poly.entity_id   1
_entity_poly.type   'polypeptide(L)'
_entity_poly.pdbx_seq_one_letter_code
;MPATHHSSATSAERPTVVGRIPVLDVRPVVQRGRRPAKAVTGESFEVSATVFREGHDAVGANVVLRDPRGRPGPWTPMRE
LAPGTDRWGATVTAGETGTWSYTVEAWGDPVTTWRHHARIKIPAGLDTDLVLEEGARLYERAAADVPGREDRRELLAAVD
ALRDESRPAASRLAAALTPQVDAVLARHPLRDLVTSSDPLPLLVERERALYGAWYEFFPRSEGTPHTPHGTFRTAARRLP
AIAAMGFDVVYLPPIHPIGTTHRKGRNNTLSATGDDVGSPWAIGSPEGGHDSIHPALGTLDDFDHFVTEAGKLGLEIALD
FALQCSPDHPWVHKHPEWFHHRPDGTIAHAENPPKKYQDIYPIAFDADPDGLATETVRILRHWMDHGVRIFRVDNPHTKP
VAFWERVIADINGTDPDVIFLAEAFTRPAMMATLAQIGFQQSYTYFTWRNTKQELTEYLTELSGEAASYMRPNFFANTPD
ILHAYLQHGGRPAFEVRAVLAATLSPTWGIYSGYELCENTPLREGSEEYLDSEKYQLKPRDWTRAAREGTTIAPLVTRLN
TIRRENPALRQLRDLHFHPTDKEEVIAYSKRQGSNTVLVVVNLDPRHTQEATVSLDMPQLGLDWHESVPVRDELTGETYH
WGRANYVRLEPGRTPAHVCTVLRPSHPQIGGSHTTALHHHHHH
;
_entity_poly.pdbx_strand_id   A,B
#
# COMPACT_ATOMS: atom_id res chain seq x y z
N PRO A 15 22.80 -6.41 15.07
CA PRO A 15 22.03 -5.21 14.74
C PRO A 15 20.60 -5.54 14.25
N THR A 16 19.58 -4.98 14.91
CA THR A 16 18.20 -5.27 14.56
C THR A 16 17.66 -4.22 13.58
N VAL A 17 16.72 -4.64 12.74
CA VAL A 17 16.07 -3.69 11.86
C VAL A 17 15.16 -2.76 12.65
N VAL A 18 14.44 -3.31 13.64
CA VAL A 18 13.49 -2.53 14.41
C VAL A 18 14.19 -1.96 15.65
N GLY A 19 13.85 -0.71 16.00
CA GLY A 19 14.49 -0.03 17.11
C GLY A 19 13.79 -0.29 18.44
N ARG A 20 14.30 0.39 19.48
CA ARG A 20 13.80 0.12 20.84
C ARG A 20 12.32 0.47 20.97
N ILE A 21 11.92 1.64 20.47
CA ILE A 21 10.51 2.01 20.33
C ILE A 21 10.20 2.01 18.83
N PRO A 22 9.47 1.01 18.32
CA PRO A 22 9.32 0.86 16.87
C PRO A 22 8.80 2.12 16.16
N VAL A 23 9.51 2.52 15.11
CA VAL A 23 9.08 3.56 14.18
C VAL A 23 9.07 2.92 12.80
N LEU A 24 7.87 2.72 12.24
CA LEU A 24 7.71 1.89 11.06
C LEU A 24 6.93 2.61 9.97
N ASP A 25 7.27 2.30 8.72
N ASP A 25 7.27 2.30 8.72
CA ASP A 25 6.49 2.72 7.55
CA ASP A 25 6.49 2.72 7.54
C ASP A 25 6.22 4.23 7.56
C ASP A 25 6.23 4.22 7.55
N VAL A 26 7.31 5.00 7.60
CA VAL A 26 7.19 6.46 7.54
C VAL A 26 6.70 6.87 6.16
N ARG A 27 5.74 7.79 6.13
CA ARG A 27 5.20 8.34 4.89
C ARG A 27 5.18 9.86 4.99
N PRO A 28 5.19 10.57 3.85
CA PRO A 28 5.13 10.02 2.47
C PRO A 28 6.41 9.30 2.06
N VAL A 29 6.30 8.35 1.13
CA VAL A 29 7.45 7.66 0.57
C VAL A 29 7.18 7.40 -0.90
N VAL A 30 8.22 7.53 -1.71
CA VAL A 30 8.10 7.36 -3.16
C VAL A 30 9.14 6.33 -3.59
N GLN A 31 8.68 5.25 -4.22
CA GLN A 31 9.57 4.19 -4.71
C GLN A 31 10.51 3.72 -3.60
N ARG A 32 9.93 3.48 -2.42
CA ARG A 32 10.61 2.96 -1.24
C ARG A 32 11.76 3.84 -0.78
N GLY A 33 11.73 5.12 -1.13
CA GLY A 33 12.74 6.06 -0.70
C GLY A 33 13.79 6.36 -1.74
N ARG A 34 13.70 5.75 -2.92
CA ARG A 34 14.67 5.96 -3.98
C ARG A 34 14.41 7.23 -4.79
N ARG A 35 13.23 7.83 -4.66
CA ARG A 35 12.91 9.12 -5.24
C ARG A 35 12.33 10.00 -4.16
N PRO A 36 12.43 11.33 -4.29
CA PRO A 36 11.94 12.21 -3.23
C PRO A 36 10.43 12.41 -3.28
N ALA A 37 9.84 12.53 -2.10
CA ALA A 37 8.53 13.17 -1.99
C ALA A 37 8.68 14.65 -2.35
N LYS A 38 7.55 15.28 -2.68
CA LYS A 38 7.54 16.64 -3.22
C LYS A 38 6.76 17.60 -2.33
N ALA A 39 7.19 18.86 -2.37
CA ALA A 39 6.43 19.97 -1.79
C ALA A 39 6.91 21.23 -2.49
N VAL A 40 6.26 22.36 -2.18
CA VAL A 40 6.75 23.66 -2.61
C VAL A 40 6.90 24.55 -1.39
N THR A 41 7.65 25.64 -1.55
CA THR A 41 7.84 26.58 -0.45
C THR A 41 6.50 27.02 0.13
N GLY A 42 6.37 26.92 1.46
CA GLY A 42 5.17 27.34 2.14
C GLY A 42 4.05 26.31 2.18
N GLU A 43 4.25 25.14 1.58
CA GLU A 43 3.22 24.12 1.56
C GLU A 43 3.32 23.23 2.79
N SER A 44 2.17 22.99 3.41
CA SER A 44 2.09 22.09 4.56
C SER A 44 1.69 20.68 4.10
N PHE A 45 2.18 19.67 4.81
CA PHE A 45 1.70 18.30 4.54
C PHE A 45 2.00 17.45 5.77
N GLU A 46 1.33 16.29 5.82
CA GLU A 46 1.43 15.42 6.99
C GLU A 46 2.52 14.36 6.83
N VAL A 47 3.39 14.24 7.83
CA VAL A 47 4.33 13.12 7.93
C VAL A 47 3.75 12.14 8.93
N SER A 48 3.71 10.85 8.58
CA SER A 48 3.05 9.85 9.43
C SER A 48 3.95 8.62 9.60
N ALA A 49 3.64 7.82 10.62
CA ALA A 49 4.41 6.61 10.88
C ALA A 49 3.58 5.71 11.76
N THR A 50 3.96 4.44 11.80
CA THR A 50 3.38 3.49 12.76
C THR A 50 4.33 3.40 13.94
N VAL A 51 3.82 3.75 15.13
CA VAL A 51 4.61 3.88 16.34
C VAL A 51 3.88 3.18 17.48
N PHE A 52 4.61 2.40 18.28
CA PHE A 52 4.03 1.77 19.46
C PHE A 52 5.16 1.25 20.32
N ARG A 53 4.82 0.76 21.52
CA ARG A 53 5.82 0.12 22.37
C ARG A 53 5.17 -1.09 23.03
N GLU A 54 6.02 -1.92 23.64
CA GLU A 54 5.52 -3.03 24.44
C GLU A 54 5.00 -2.52 25.78
N GLY A 55 3.97 -3.18 26.30
CA GLY A 55 3.37 -2.73 27.54
C GLY A 55 2.36 -1.63 27.31
N HIS A 56 1.93 -1.00 28.40
CA HIS A 56 0.85 -0.02 28.32
C HIS A 56 1.26 1.40 28.73
N ASP A 57 2.53 1.67 28.96
CA ASP A 57 2.93 3.05 29.21
C ASP A 57 2.82 3.87 27.91
N ALA A 58 2.73 5.19 28.07
CA ALA A 58 2.47 6.09 26.94
C ALA A 58 3.72 6.28 26.07
N VAL A 59 3.52 6.38 24.75
CA VAL A 59 4.59 6.78 23.85
C VAL A 59 4.34 8.21 23.36
N GLY A 60 5.44 8.86 22.95
CA GLY A 60 5.37 10.10 22.22
C GLY A 60 6.16 9.98 20.94
N ALA A 61 5.93 10.92 20.04
CA ALA A 61 6.65 10.89 18.76
C ALA A 61 6.71 12.32 18.21
N ASN A 62 7.69 12.57 17.35
CA ASN A 62 7.86 13.90 16.78
C ASN A 62 8.55 13.78 15.43
N VAL A 63 8.31 14.75 14.56
CA VAL A 63 8.89 14.78 13.22
C VAL A 63 10.07 15.74 13.22
N VAL A 64 11.22 15.31 12.71
CA VAL A 64 12.39 16.18 12.57
C VAL A 64 12.58 16.44 11.08
N LEU A 65 12.23 17.66 10.65
CA LEU A 65 12.40 18.11 9.27
C LEU A 65 13.70 18.91 9.19
N ARG A 66 14.60 18.51 8.28
CA ARG A 66 15.91 19.16 8.15
C ARG A 66 16.06 19.80 6.77
N ASP A 67 16.56 21.02 6.75
CA ASP A 67 16.68 21.79 5.51
C ASP A 67 17.93 21.33 4.75
N PRO A 68 18.24 21.93 3.59
CA PRO A 68 19.39 21.45 2.82
C PRO A 68 20.73 21.58 3.54
N ARG A 69 20.84 22.41 4.56
CA ARG A 69 22.08 22.48 5.33
C ARG A 69 22.05 21.55 6.55
N GLY A 70 21.01 20.73 6.68
CA GLY A 70 20.90 19.80 7.78
C GLY A 70 20.31 20.37 9.06
N ARG A 71 19.79 21.58 9.02
CA ARG A 71 19.30 22.21 10.24
C ARG A 71 17.88 21.75 10.56
N PRO A 72 17.61 21.34 11.80
CA PRO A 72 16.28 20.83 12.14
C PRO A 72 15.26 21.93 12.31
N GLY A 73 14.01 21.59 12.02
CA GLY A 73 12.90 22.49 12.20
C GLY A 73 12.46 22.56 13.66
N PRO A 74 11.35 23.23 13.91
CA PRO A 74 10.84 23.33 15.29
C PRO A 74 10.40 21.99 15.84
N TRP A 75 10.27 21.93 17.16
CA TRP A 75 9.66 20.78 17.84
C TRP A 75 8.28 20.53 17.26
N THR A 76 8.08 19.33 16.70
CA THR A 76 6.88 19.01 15.94
C THR A 76 6.31 17.68 16.45
N PRO A 77 5.59 17.71 17.59
CA PRO A 77 5.06 16.48 18.16
C PRO A 77 3.92 15.92 17.32
N MET A 78 3.86 14.59 17.25
CA MET A 78 2.78 13.91 16.57
C MET A 78 1.76 13.38 17.56
N ARG A 79 0.62 12.97 17.02
CA ARG A 79 -0.48 12.39 17.79
C ARG A 79 -0.99 11.16 17.06
N GLU A 80 -1.54 10.22 17.82
CA GLU A 80 -2.26 9.10 17.18
C GLU A 80 -3.45 9.61 16.38
N LEU A 81 -3.54 9.19 15.12
CA LEU A 81 -4.53 9.76 14.21
C LEU A 81 -5.92 9.17 14.42
N ALA A 82 -6.02 7.94 14.92
CA ALA A 82 -7.31 7.31 15.16
C ALA A 82 -7.10 6.26 16.25
N PRO A 83 -8.04 6.12 17.19
CA PRO A 83 -7.80 5.21 18.32
C PRO A 83 -7.55 3.77 17.88
N GLY A 84 -6.60 3.12 18.56
CA GLY A 84 -6.30 1.73 18.30
C GLY A 84 -5.52 1.44 17.03
N THR A 85 -5.11 2.44 16.26
CA THR A 85 -4.47 2.19 14.98
C THR A 85 -2.95 2.23 15.05
N ASP A 86 -2.37 2.86 16.07
CA ASP A 86 -0.92 3.02 16.18
C ASP A 86 -0.35 3.79 15.00
N ARG A 87 -1.19 4.55 14.29
CA ARG A 87 -0.74 5.41 13.21
C ARG A 87 -0.70 6.84 13.73
N TRP A 88 0.47 7.47 13.65
CA TRP A 88 0.74 8.77 14.24
C TRP A 88 1.07 9.76 13.12
N GLY A 89 0.71 11.04 13.32
CA GLY A 89 1.00 12.04 12.30
C GLY A 89 1.23 13.44 12.86
N ALA A 90 1.94 14.25 12.09
CA ALA A 90 2.03 15.69 12.38
C ALA A 90 2.21 16.43 11.06
N THR A 91 1.77 17.68 11.05
CA THR A 91 1.90 18.53 9.86
C THR A 91 3.23 19.26 9.90
N VAL A 92 3.94 19.28 8.76
CA VAL A 92 5.18 20.04 8.62
C VAL A 92 4.99 21.04 7.48
N THR A 93 5.87 22.04 7.43
CA THR A 93 5.78 23.07 6.40
C THR A 93 7.15 23.26 5.75
N ALA A 94 7.16 23.18 4.42
CA ALA A 94 8.38 23.33 3.66
C ALA A 94 8.80 24.79 3.57
N GLY A 95 10.11 25.04 3.64
CA GLY A 95 10.63 26.40 3.53
C GLY A 95 11.31 26.67 2.19
N GLU A 96 12.56 27.08 2.25
CA GLU A 96 13.34 27.40 1.04
C GLU A 96 13.46 26.17 0.13
N THR A 97 13.64 26.43 -1.16
CA THR A 97 13.78 25.35 -2.13
C THR A 97 15.08 24.58 -1.91
N GLY A 98 15.08 23.32 -2.34
CA GLY A 98 16.26 22.48 -2.26
C GLY A 98 15.85 21.09 -1.82
N THR A 99 16.85 20.27 -1.50
CA THR A 99 16.62 18.90 -1.06
C THR A 99 16.67 18.85 0.47
N TRP A 100 15.55 18.52 1.07
CA TRP A 100 15.36 18.38 2.49
C TRP A 100 15.33 16.89 2.86
N SER A 101 15.20 16.61 4.16
CA SER A 101 15.02 15.25 4.63
C SER A 101 14.11 15.27 5.86
N TYR A 102 13.48 14.13 6.17
CA TYR A 102 12.72 14.07 7.41
C TYR A 102 12.88 12.69 8.05
N THR A 103 12.83 12.69 9.39
CA THR A 103 12.78 11.47 10.19
C THR A 103 11.64 11.58 11.17
N VAL A 104 11.23 10.44 11.71
CA VAL A 104 10.31 10.38 12.84
C VAL A 104 11.08 9.80 14.02
N GLU A 105 10.96 10.43 15.19
CA GLU A 105 11.51 9.91 16.43
C GLU A 105 10.36 9.48 17.33
N ALA A 106 10.54 8.35 18.01
CA ALA A 106 9.55 7.88 18.97
C ALA A 106 10.25 7.61 20.30
N TRP A 107 9.46 7.63 21.36
CA TRP A 107 10.07 7.59 22.69
C TRP A 107 9.03 7.19 23.72
N GLY A 108 9.52 6.64 24.83
CA GLY A 108 8.67 6.50 26.00
C GLY A 108 8.41 7.87 26.63
N ASP A 109 7.17 8.08 27.05
CA ASP A 109 6.74 9.36 27.63
C ASP A 109 6.44 9.16 29.11
N PRO A 110 7.45 9.23 29.99
CA PRO A 110 7.21 8.90 31.41
C PRO A 110 6.37 9.94 32.15
N VAL A 111 6.43 11.22 31.76
CA VAL A 111 5.65 12.24 32.47
C VAL A 111 4.16 12.06 32.18
N THR A 112 3.80 11.85 30.91
CA THR A 112 2.39 11.57 30.59
C THR A 112 1.93 10.31 31.31
N THR A 113 2.77 9.28 31.32
CA THR A 113 2.40 8.02 31.96
C THR A 113 2.14 8.22 33.45
N TRP A 114 3.03 8.94 34.13
CA TRP A 114 2.88 9.16 35.57
C TRP A 114 1.66 10.03 35.87
N ARG A 115 1.46 11.11 35.09
CA ARG A 115 0.33 12.00 35.37
C ARG A 115 -1.00 11.27 35.23
N HIS A 116 -1.11 10.36 34.25
CA HIS A 116 -2.35 9.61 34.11
C HIS A 116 -2.60 8.71 35.31
N HIS A 117 -1.55 8.03 35.81
CA HIS A 117 -1.71 7.21 37.00
C HIS A 117 -2.03 8.05 38.23
N ALA A 118 -1.34 9.18 38.42
CA ALA A 118 -1.54 9.97 39.62
C ALA A 118 -2.95 10.55 39.69
N ARG A 119 -3.48 11.01 38.55
CA ARG A 119 -4.84 11.55 38.54
C ARG A 119 -5.88 10.51 38.93
N ILE A 120 -5.59 9.23 38.75
CA ILE A 120 -6.53 8.19 39.15
C ILE A 120 -6.31 7.78 40.60
N LYS A 121 -5.06 7.60 41.00
CA LYS A 121 -4.76 6.98 42.28
C LYS A 121 -4.87 7.97 43.44
N ILE A 122 -4.42 9.21 43.25
CA ILE A 122 -4.41 10.15 44.36
C ILE A 122 -5.82 10.45 44.87
N PRO A 123 -6.82 10.74 44.02
CA PRO A 123 -8.18 10.97 44.56
C PRO A 123 -8.74 9.79 45.32
N ALA A 124 -8.34 8.58 44.98
CA ALA A 124 -8.80 7.38 45.67
C ALA A 124 -7.93 7.01 46.87
N GLY A 125 -6.88 7.79 47.16
CA GLY A 125 -5.99 7.47 48.27
C GLY A 125 -5.23 6.18 48.11
N LEU A 126 -4.93 5.75 46.88
CA LEU A 126 -4.25 4.49 46.62
C LEU A 126 -2.76 4.73 46.39
N ASP A 127 -1.90 4.06 47.18
CA ASP A 127 -0.44 4.18 47.06
C ASP A 127 0.01 5.63 46.98
N THR A 128 -0.58 6.48 47.82
CA THR A 128 -0.39 7.93 47.68
C THR A 128 1.09 8.32 47.78
N ASP A 129 1.74 7.92 48.88
CA ASP A 129 3.14 8.29 49.09
C ASP A 129 4.04 7.75 47.98
N LEU A 130 3.79 6.53 47.54
CA LEU A 130 4.61 5.90 46.51
C LEU A 130 4.44 6.62 45.17
N VAL A 131 3.20 6.88 44.77
CA VAL A 131 2.94 7.57 43.50
C VAL A 131 3.51 8.98 43.49
N LEU A 132 3.36 9.71 44.60
CA LEU A 132 3.92 11.05 44.64
C LEU A 132 5.44 11.03 44.58
N GLU A 133 6.08 10.05 45.25
CA GLU A 133 7.55 9.95 45.19
C GLU A 133 8.01 9.57 43.79
N GLU A 134 7.27 8.70 43.10
CA GLU A 134 7.59 8.42 41.70
C GLU A 134 7.57 9.71 40.87
N GLY A 135 6.60 10.59 41.12
CA GLY A 135 6.58 11.86 40.41
C GLY A 135 7.76 12.76 40.75
N ALA A 136 8.14 12.80 42.02
CA ALA A 136 9.24 13.66 42.47
C ALA A 136 10.55 13.27 41.81
N ARG A 137 10.92 11.98 41.87
CA ARG A 137 12.22 11.62 41.32
C ARG A 137 12.19 11.67 39.79
N LEU A 138 11.01 11.51 39.20
CA LEU A 138 10.86 11.70 37.76
C LEU A 138 11.14 13.14 37.35
N TYR A 139 10.56 14.11 38.06
CA TYR A 139 10.81 15.51 37.74
C TYR A 139 12.26 15.89 38.00
N GLU A 140 12.89 15.29 39.01
CA GLU A 140 14.33 15.45 39.17
C GLU A 140 15.07 14.93 37.95
N ARG A 141 14.65 13.77 37.42
CA ARG A 141 15.28 13.22 36.22
C ARG A 141 15.09 14.16 35.03
N ALA A 142 13.90 14.76 34.89
CA ALA A 142 13.70 15.69 33.79
C ALA A 142 14.57 16.95 33.95
N ALA A 143 14.72 17.43 35.20
CA ALA A 143 15.54 18.62 35.46
C ALA A 143 17.03 18.42 35.16
N ALA A 144 17.51 17.15 35.10
CA ALA A 144 18.93 16.92 34.94
C ALA A 144 19.45 17.45 33.62
N ASP A 145 18.58 17.51 32.61
CA ASP A 145 18.92 17.88 31.25
C ASP A 145 18.57 19.32 30.94
N VAL A 146 18.04 20.06 31.90
CA VAL A 146 17.54 21.41 31.67
C VAL A 146 18.69 22.39 31.87
N PRO A 147 19.09 23.14 30.84
CA PRO A 147 20.29 23.99 30.97
C PRO A 147 20.08 25.29 31.74
N GLY A 148 18.85 25.81 31.82
CA GLY A 148 18.61 27.10 32.44
C GLY A 148 18.39 26.99 33.94
N ARG A 149 19.15 27.78 34.70
CA ARG A 149 19.07 27.73 36.15
C ARG A 149 17.64 27.97 36.64
N GLU A 150 16.96 28.98 36.07
CA GLU A 150 15.61 29.28 36.54
C GLU A 150 14.61 28.20 36.17
N ASP A 151 14.79 27.56 35.01
CA ASP A 151 13.90 26.46 34.64
C ASP A 151 14.07 25.27 35.59
N ARG A 152 15.33 24.92 35.91
CA ARG A 152 15.59 23.87 36.90
C ARG A 152 14.98 24.23 38.26
N ARG A 153 15.09 25.50 38.68
CA ARG A 153 14.50 25.89 39.95
C ARG A 153 12.98 25.71 39.95
N GLU A 154 12.33 25.92 38.78
CA GLU A 154 10.90 25.68 38.64
C GLU A 154 10.54 24.21 38.86
N LEU A 155 11.27 23.31 38.19
CA LEU A 155 10.98 21.89 38.35
C LEU A 155 11.30 21.43 39.76
N LEU A 156 12.41 21.91 40.33
CA LEU A 156 12.76 21.49 41.68
C LEU A 156 11.74 21.97 42.69
N ALA A 157 11.10 23.11 42.43
CA ALA A 157 10.02 23.57 43.30
C ALA A 157 8.85 22.59 43.28
N ALA A 158 8.52 22.06 42.10
CA ALA A 158 7.49 21.03 42.02
C ALA A 158 7.95 19.74 42.67
N VAL A 159 9.24 19.37 42.50
CA VAL A 159 9.78 18.22 43.22
C VAL A 159 9.57 18.39 44.72
N ASP A 160 9.95 19.56 45.25
CA ASP A 160 9.85 19.76 46.69
C ASP A 160 8.40 19.72 47.15
N ALA A 161 7.48 20.25 46.33
CA ALA A 161 6.07 20.18 46.70
C ALA A 161 5.55 18.75 46.68
N LEU A 162 5.93 17.97 45.67
CA LEU A 162 5.52 16.57 45.60
C LEU A 162 5.99 15.80 46.82
N ARG A 163 7.16 16.14 47.35
CA ARG A 163 7.75 15.45 48.49
C ARG A 163 7.31 16.02 49.84
N ASP A 164 6.52 17.09 49.85
CA ASP A 164 6.16 17.78 51.10
C ASP A 164 5.06 17.01 51.80
N GLU A 165 5.46 16.14 52.73
CA GLU A 165 4.50 15.33 53.46
C GLU A 165 3.66 16.16 54.44
N SER A 166 3.98 17.43 54.65
CA SER A 166 3.20 18.32 55.52
C SER A 166 2.14 19.13 54.75
N ARG A 167 1.83 18.71 53.54
CA ARG A 167 0.88 19.28 52.60
C ARG A 167 -0.16 18.24 52.22
N PRO A 168 -1.43 18.61 52.03
CA PRO A 168 -2.43 17.62 51.59
C PRO A 168 -2.04 16.98 50.26
N ALA A 169 -2.39 15.69 50.12
CA ALA A 169 -1.97 14.93 48.94
C ALA A 169 -2.44 15.60 47.65
N ALA A 170 -3.67 16.12 47.63
CA ALA A 170 -4.15 16.75 46.40
C ALA A 170 -3.33 17.98 46.05
N SER A 171 -2.81 18.70 47.05
CA SER A 171 -2.01 19.89 46.78
C SER A 171 -0.60 19.52 46.35
N ARG A 172 -0.06 18.42 46.89
CA ARG A 172 1.22 17.92 46.41
C ARG A 172 1.14 17.60 44.93
N LEU A 173 0.07 16.91 44.51
CA LEU A 173 -0.10 16.55 43.12
C LEU A 173 -0.29 17.79 42.24
N ALA A 174 -1.16 18.71 42.67
CA ALA A 174 -1.47 19.88 41.84
C ALA A 174 -0.21 20.68 41.53
N ALA A 175 0.71 20.77 42.50
CA ALA A 175 1.94 21.51 42.29
C ALA A 175 2.77 20.97 41.13
N ALA A 176 2.57 19.70 40.76
CA ALA A 176 3.28 19.13 39.62
C ALA A 176 2.62 19.44 38.29
N LEU A 177 1.46 20.09 38.30
CA LEU A 177 0.62 20.24 37.11
C LEU A 177 0.35 21.71 36.76
N THR A 178 1.21 22.63 37.21
CA THR A 178 0.99 24.06 36.97
C THR A 178 1.43 24.47 35.57
N PRO A 179 0.90 25.58 35.05
CA PRO A 179 1.38 26.07 33.73
C PRO A 179 2.88 26.33 33.69
N GLN A 180 3.46 26.87 34.77
CA GLN A 180 4.89 27.14 34.80
C GLN A 180 5.70 25.85 34.66
N VAL A 181 5.21 24.75 35.24
CA VAL A 181 5.90 23.47 35.08
C VAL A 181 5.78 22.97 33.64
N ASP A 182 4.55 22.99 33.10
CA ASP A 182 4.32 22.60 31.71
C ASP A 182 5.23 23.36 30.75
N ALA A 183 5.39 24.67 30.97
CA ALA A 183 6.19 25.49 30.08
C ALA A 183 7.64 25.02 30.05
N VAL A 184 8.19 24.62 31.20
CA VAL A 184 9.54 24.08 31.22
C VAL A 184 9.61 22.77 30.45
N LEU A 185 8.63 21.88 30.68
CA LEU A 185 8.65 20.57 30.02
C LEU A 185 8.33 20.69 28.53
N ALA A 186 7.56 21.70 28.12
CA ALA A 186 7.32 21.90 26.70
C ALA A 186 8.61 22.26 25.97
N ARG A 187 9.53 22.96 26.63
CA ARG A 187 10.80 23.31 26.03
C ARG A 187 11.87 22.23 26.24
N HIS A 188 11.68 21.34 27.21
CA HIS A 188 12.66 20.28 27.50
C HIS A 188 11.91 19.01 27.89
N PRO A 189 11.13 18.42 26.97
CA PRO A 189 10.39 17.20 27.31
C PRO A 189 11.35 16.06 27.66
N LEU A 190 10.90 15.20 28.59
CA LEU A 190 11.71 14.06 29.00
C LEU A 190 11.31 12.88 28.13
N ARG A 191 12.20 12.49 27.22
CA ARG A 191 11.93 11.43 26.25
C ARG A 191 12.86 10.28 26.57
N ASP A 192 12.27 9.12 26.84
CA ASP A 192 13.05 7.92 27.15
C ASP A 192 13.18 7.03 25.90
N LEU A 193 14.33 6.39 25.76
CA LEU A 193 14.55 5.36 24.74
C LEU A 193 14.33 5.91 23.33
N VAL A 194 14.76 7.15 23.09
CA VAL A 194 14.48 7.81 21.81
C VAL A 194 14.97 6.93 20.67
N THR A 195 14.08 6.68 19.70
CA THR A 195 14.35 5.83 18.54
C THR A 195 13.99 6.60 17.27
N SER A 196 14.84 6.54 16.25
CA SER A 196 14.60 7.32 15.05
C SER A 196 14.52 6.43 13.81
N SER A 197 13.68 6.85 12.86
CA SER A 197 13.72 6.29 11.52
C SER A 197 14.95 6.79 10.76
N ASP A 198 15.26 6.10 9.65
CA ASP A 198 16.30 6.58 8.76
C ASP A 198 15.72 7.67 7.86
N PRO A 199 16.54 8.65 7.46
CA PRO A 199 16.00 9.84 6.75
C PRO A 199 15.34 9.49 5.43
N LEU A 200 14.26 10.23 5.11
CA LEU A 200 13.62 10.17 3.79
C LEU A 200 13.80 11.51 3.07
N PRO A 201 13.93 11.50 1.75
CA PRO A 201 14.19 12.73 1.00
C PRO A 201 12.92 13.51 0.63
N LEU A 202 13.07 14.83 0.61
CA LEU A 202 11.99 15.75 0.23
C LEU A 202 12.56 16.80 -0.72
N LEU A 203 11.96 16.92 -1.90
CA LEU A 203 12.34 17.93 -2.88
C LEU A 203 11.37 19.10 -2.77
N VAL A 204 11.88 20.27 -2.37
CA VAL A 204 11.05 21.46 -2.22
C VAL A 204 11.32 22.36 -3.42
N GLU A 205 10.27 22.73 -4.14
CA GLU A 205 10.40 23.51 -5.36
C GLU A 205 9.63 24.82 -5.23
N ARG A 206 9.76 25.69 -6.23
CA ARG A 206 9.19 27.02 -6.13
C ARG A 206 7.66 26.96 -6.20
N GLU A 207 7.01 28.02 -5.69
CA GLU A 207 5.56 27.99 -5.54
C GLU A 207 4.85 27.74 -6.86
N ARG A 208 5.39 28.27 -7.95
CA ARG A 208 4.73 28.09 -9.26
C ARG A 208 4.62 26.62 -9.66
N ALA A 209 5.48 25.74 -9.13
CA ALA A 209 5.34 24.31 -9.47
C ALA A 209 3.99 23.77 -9.04
N LEU A 210 3.42 24.28 -7.94
CA LEU A 210 2.12 23.84 -7.45
C LEU A 210 0.99 24.77 -7.84
N TYR A 211 1.24 26.08 -7.87
CA TYR A 211 0.18 27.09 -7.92
C TYR A 211 0.39 28.02 -9.11
N GLY A 212 -0.64 28.18 -9.93
CA GLY A 212 -0.58 29.15 -11.01
C GLY A 212 -1.74 28.99 -11.98
N ALA A 213 -2.09 30.04 -12.72
CA ALA A 213 -3.15 29.97 -13.72
C ALA A 213 -2.51 30.09 -15.11
N TRP A 214 -2.87 29.17 -16.00
CA TRP A 214 -2.23 29.04 -17.31
C TRP A 214 -3.19 29.38 -18.44
N TYR A 215 -2.66 30.01 -19.49
CA TYR A 215 -3.42 30.38 -20.68
C TYR A 215 -2.63 29.99 -21.92
N GLU A 216 -3.23 29.20 -22.80
CA GLU A 216 -2.60 28.73 -24.04
C GLU A 216 -3.16 29.48 -25.24
N PHE A 217 -2.29 29.98 -26.11
CA PHE A 217 -2.77 30.56 -27.37
C PHE A 217 -1.73 30.39 -28.46
N PHE A 218 -2.18 30.50 -29.73
CA PHE A 218 -1.31 30.35 -30.90
C PHE A 218 -0.89 31.72 -31.38
N PRO A 219 0.37 32.12 -31.24
CA PRO A 219 0.78 33.45 -31.76
C PRO A 219 0.41 33.70 -33.22
N ARG A 220 0.50 32.68 -34.09
CA ARG A 220 0.23 32.88 -35.50
C ARG A 220 -1.21 33.30 -35.78
N SER A 221 -2.14 33.03 -34.87
CA SER A 221 -3.54 33.42 -35.10
C SER A 221 -3.81 34.90 -34.84
N GLU A 222 -2.86 35.61 -34.21
CA GLU A 222 -3.06 37.00 -33.83
C GLU A 222 -2.31 37.90 -34.82
N GLY A 223 -2.84 37.93 -36.05
CA GLY A 223 -2.25 38.67 -37.14
C GLY A 223 -3.03 39.92 -37.51
N THR A 224 -2.92 40.36 -38.76
CA THR A 224 -3.55 41.55 -39.30
C THR A 224 -4.24 41.16 -40.61
N PRO A 225 -5.18 41.99 -41.10
CA PRO A 225 -5.79 41.66 -42.40
C PRO A 225 -4.78 41.63 -43.54
N HIS A 226 -3.77 42.51 -43.53
CA HIS A 226 -2.76 42.48 -44.58
C HIS A 226 -1.79 41.30 -44.43
N THR A 227 -1.52 40.88 -43.18
CA THR A 227 -0.59 39.79 -42.89
C THR A 227 -1.28 38.87 -41.88
N PRO A 228 -2.07 37.91 -42.38
CA PRO A 228 -2.87 37.07 -41.47
C PRO A 228 -2.05 36.24 -40.50
N HIS A 229 -0.85 35.81 -40.88
CA HIS A 229 0.00 35.03 -39.98
C HIS A 229 0.61 35.97 -38.94
N GLY A 230 0.21 35.81 -37.68
CA GLY A 230 0.76 36.65 -36.64
C GLY A 230 2.26 36.49 -36.49
N THR A 231 2.89 37.52 -35.91
CA THR A 231 4.29 37.48 -35.52
C THR A 231 4.38 37.58 -34.00
N PHE A 232 5.58 37.38 -33.46
CA PHE A 232 5.74 37.65 -32.03
C PHE A 232 5.45 39.10 -31.70
N ARG A 233 5.71 40.03 -32.64
CA ARG A 233 5.40 41.44 -32.38
C ARG A 233 3.90 41.71 -32.37
N THR A 234 3.14 41.09 -33.28
CA THR A 234 1.69 41.29 -33.24
C THR A 234 1.05 40.47 -32.11
N ALA A 235 1.56 39.26 -31.85
CA ALA A 235 0.98 38.44 -30.78
C ALA A 235 1.22 39.04 -29.40
N ALA A 236 2.29 39.83 -29.24
CA ALA A 236 2.54 40.48 -27.95
C ALA A 236 1.39 41.38 -27.52
N ARG A 237 0.57 41.85 -28.46
CA ARG A 237 -0.48 42.78 -28.07
C ARG A 237 -1.71 42.05 -27.50
N ARG A 238 -1.68 40.72 -27.52
CA ARG A 238 -2.61 39.89 -26.78
C ARG A 238 -2.26 39.77 -25.29
N LEU A 239 -1.00 40.01 -24.92
CA LEU A 239 -0.58 39.80 -23.54
C LEU A 239 -1.30 40.68 -22.52
N PRO A 240 -1.60 41.96 -22.78
CA PRO A 240 -2.35 42.74 -21.77
C PRO A 240 -3.69 42.12 -21.38
N ALA A 241 -4.43 41.58 -22.35
CA ALA A 241 -5.69 40.92 -22.02
C ALA A 241 -5.47 39.67 -21.17
N ILE A 242 -4.43 38.90 -21.49
CA ILE A 242 -4.16 37.68 -20.73
C ILE A 242 -3.80 38.01 -19.28
N ALA A 243 -2.94 39.01 -19.10
CA ALA A 243 -2.57 39.41 -17.75
C ALA A 243 -3.77 40.00 -17.00
N ALA A 244 -4.66 40.71 -17.70
CA ALA A 244 -5.81 41.30 -17.04
C ALA A 244 -6.82 40.24 -16.58
N MET A 245 -6.78 39.07 -17.20
CA MET A 245 -7.64 37.95 -16.89
C MET A 245 -7.10 37.21 -15.66
N GLY A 246 -5.92 37.61 -15.18
CA GLY A 246 -5.35 37.07 -13.95
C GLY A 246 -4.46 35.86 -14.13
N PHE A 247 -3.99 35.60 -15.36
CA PHE A 247 -3.13 34.44 -15.58
C PHE A 247 -1.69 34.76 -15.21
N ASP A 248 -0.93 33.70 -14.92
CA ASP A 248 0.48 33.78 -14.54
C ASP A 248 1.42 33.22 -15.59
N VAL A 249 0.94 32.27 -16.40
CA VAL A 249 1.77 31.52 -17.34
C VAL A 249 1.08 31.56 -18.70
N VAL A 250 1.85 31.85 -19.74
CA VAL A 250 1.39 31.77 -21.13
C VAL A 250 2.07 30.57 -21.76
N TYR A 251 1.28 29.58 -22.18
CA TYR A 251 1.81 28.37 -22.81
C TYR A 251 1.61 28.50 -24.32
N LEU A 252 2.74 28.46 -25.09
CA LEU A 252 2.74 28.56 -26.54
C LEU A 252 2.93 27.20 -27.17
N PRO A 253 2.12 26.80 -28.15
CA PRO A 253 2.47 25.67 -29.00
C PRO A 253 3.82 25.90 -29.66
N PRO A 254 4.42 24.86 -30.26
CA PRO A 254 5.78 24.99 -30.81
C PRO A 254 5.94 26.19 -31.72
N ILE A 255 7.09 26.86 -31.59
CA ILE A 255 7.35 28.14 -32.25
C ILE A 255 8.39 28.01 -33.37
N HIS A 256 8.67 26.79 -33.83
CA HIS A 256 9.75 26.48 -34.75
C HIS A 256 9.26 26.44 -36.18
N PRO A 257 10.16 26.39 -37.16
CA PRO A 257 9.73 26.11 -38.54
C PRO A 257 8.95 24.80 -38.61
N ILE A 258 8.06 24.73 -39.60
CA ILE A 258 7.11 23.62 -39.76
C ILE A 258 7.38 22.95 -41.10
N GLY A 259 7.38 21.61 -41.10
CA GLY A 259 7.73 20.88 -42.30
C GLY A 259 6.72 21.05 -43.42
N THR A 260 7.16 20.75 -44.64
CA THR A 260 6.26 20.75 -45.79
C THR A 260 5.86 19.35 -46.25
N THR A 261 6.76 18.37 -46.13
CA THR A 261 6.47 17.00 -46.56
C THR A 261 5.38 16.39 -45.69
N HIS A 262 4.28 15.95 -46.32
CA HIS A 262 3.11 15.40 -45.62
C HIS A 262 2.45 16.41 -44.69
N ARG A 263 2.64 17.70 -44.94
CA ARG A 263 1.98 18.71 -44.10
C ARG A 263 0.47 18.49 -44.11
N LYS A 264 -0.15 18.60 -42.93
CA LYS A 264 -1.58 18.37 -42.84
C LYS A 264 -2.35 19.64 -43.23
N GLY A 265 -3.52 19.41 -43.82
CA GLY A 265 -4.41 20.50 -44.20
C GLY A 265 -5.43 20.79 -43.11
N ARG A 266 -6.38 21.65 -43.45
CA ARG A 266 -7.41 22.03 -42.50
C ARG A 266 -8.23 20.83 -42.06
N ASN A 267 -8.67 20.88 -40.80
CA ASN A 267 -9.50 19.84 -40.20
C ASN A 267 -8.83 18.47 -40.24
N ASN A 268 -7.51 18.46 -40.06
CA ASN A 268 -6.75 17.21 -39.94
C ASN A 268 -6.86 16.39 -41.21
N THR A 269 -6.88 17.06 -42.36
CA THR A 269 -6.84 16.34 -43.63
C THR A 269 -5.38 16.08 -44.02
N LEU A 270 -5.18 15.09 -44.89
CA LEU A 270 -3.82 14.63 -45.12
C LEU A 270 -3.02 15.45 -46.11
N SER A 271 -3.65 16.34 -46.87
CA SER A 271 -2.95 17.08 -47.92
C SER A 271 -3.15 18.58 -47.72
N ALA A 272 -2.05 19.28 -47.43
CA ALA A 272 -2.10 20.73 -47.36
C ALA A 272 -2.13 21.32 -48.75
N THR A 273 -2.94 22.35 -48.94
CA THR A 273 -3.05 23.02 -50.24
C THR A 273 -2.73 24.50 -50.08
N GLY A 274 -1.87 25.00 -50.96
CA GLY A 274 -1.63 26.42 -51.11
C GLY A 274 -1.05 27.12 -49.90
N ASP A 275 -1.88 27.89 -49.20
CA ASP A 275 -1.45 28.71 -48.09
C ASP A 275 -1.61 28.01 -46.73
N ASP A 276 -1.95 26.73 -46.72
CA ASP A 276 -2.16 26.01 -45.47
C ASP A 276 -0.92 26.06 -44.58
N VAL A 277 -1.13 26.30 -43.29
CA VAL A 277 0.00 26.56 -42.38
C VAL A 277 0.53 25.30 -41.69
N GLY A 278 -0.25 24.22 -41.67
CA GLY A 278 0.19 22.97 -41.07
C GLY A 278 0.11 23.03 -39.55
N SER A 279 0.46 21.89 -38.94
CA SER A 279 0.49 21.76 -37.49
C SER A 279 1.83 22.25 -36.93
N PRO A 280 1.85 23.08 -35.88
CA PRO A 280 3.13 23.49 -35.30
C PRO A 280 3.93 22.33 -34.73
N TRP A 281 3.29 21.20 -34.41
CA TRP A 281 4.00 20.05 -33.85
C TRP A 281 4.80 19.29 -34.90
N ALA A 282 4.67 19.64 -36.19
CA ALA A 282 5.47 19.03 -37.25
C ALA A 282 6.76 19.83 -37.40
N ILE A 283 7.65 19.65 -36.42
CA ILE A 283 8.75 20.58 -36.20
C ILE A 283 9.88 20.29 -37.19
N GLY A 284 10.40 21.34 -37.82
CA GLY A 284 11.66 21.26 -38.54
C GLY A 284 11.53 21.44 -40.04
N SER A 285 12.47 22.16 -40.60
CA SER A 285 12.59 22.34 -42.04
C SER A 285 14.05 22.69 -42.34
N PRO A 286 14.43 22.89 -43.62
CA PRO A 286 15.75 23.47 -43.89
C PRO A 286 15.95 24.81 -43.20
N GLU A 287 14.87 25.49 -42.82
CA GLU A 287 14.98 26.77 -42.13
C GLU A 287 15.44 26.59 -40.68
N GLY A 288 15.43 25.38 -40.15
CA GLY A 288 15.87 25.17 -38.79
C GLY A 288 15.02 24.19 -38.01
N GLY A 289 15.53 23.78 -36.85
CA GLY A 289 14.86 22.78 -36.02
C GLY A 289 14.34 23.36 -34.71
N HIS A 290 14.47 22.57 -33.63
CA HIS A 290 13.92 22.90 -32.32
C HIS A 290 14.60 24.10 -31.66
N ASP A 291 15.75 24.52 -32.14
CA ASP A 291 16.42 25.70 -31.59
C ASP A 291 16.22 26.95 -32.45
N SER A 292 15.25 26.92 -33.37
CA SER A 292 15.02 28.01 -34.31
C SER A 292 13.60 28.53 -34.22
N ILE A 293 13.40 29.74 -34.77
CA ILE A 293 12.09 30.39 -34.81
C ILE A 293 11.49 30.22 -36.20
N HIS A 294 10.20 29.88 -36.26
CA HIS A 294 9.44 29.94 -37.51
C HIS A 294 9.63 31.30 -38.17
N PRO A 295 10.10 31.35 -39.43
CA PRO A 295 10.35 32.67 -40.05
C PRO A 295 9.11 33.58 -40.09
N ALA A 296 7.91 33.01 -40.18
CA ALA A 296 6.70 33.85 -40.16
C ALA A 296 6.42 34.44 -38.78
N LEU A 297 6.98 33.87 -37.72
CA LEU A 297 6.84 34.50 -36.39
C LEU A 297 7.88 35.59 -36.17
N GLY A 298 8.96 35.62 -36.94
CA GLY A 298 10.01 36.61 -36.76
C GLY A 298 11.35 35.97 -36.45
N THR A 299 12.14 36.67 -35.65
CA THR A 299 13.49 36.26 -35.28
C THR A 299 13.57 35.98 -33.79
N LEU A 300 14.72 35.42 -33.37
CA LEU A 300 15.03 35.26 -31.96
C LEU A 300 14.94 36.58 -31.20
N ASP A 301 15.35 37.70 -31.83
CA ASP A 301 15.20 39.00 -31.15
C ASP A 301 13.74 39.35 -30.93
N ASP A 302 12.87 38.99 -31.89
CA ASP A 302 11.44 39.21 -31.71
C ASP A 302 10.89 38.35 -30.57
N PHE A 303 11.39 37.13 -30.45
CA PHE A 303 10.98 36.29 -29.33
C PHE A 303 11.41 36.91 -28.00
N ASP A 304 12.64 37.44 -27.95
CA ASP A 304 13.11 38.12 -26.74
C ASP A 304 12.19 39.29 -26.37
N HIS A 305 11.74 40.04 -27.37
CA HIS A 305 10.80 41.13 -27.12
C HIS A 305 9.50 40.61 -26.51
N PHE A 306 8.97 39.52 -27.08
CA PHE A 306 7.76 38.89 -26.55
C PHE A 306 7.94 38.48 -25.10
N VAL A 307 9.07 37.82 -24.78
CA VAL A 307 9.33 37.40 -23.40
C VAL A 307 9.46 38.62 -22.47
N THR A 308 10.15 39.66 -22.92
CA THR A 308 10.31 40.86 -22.11
C THR A 308 8.94 41.48 -21.81
N GLU A 309 8.11 41.66 -22.84
CA GLU A 309 6.82 42.30 -22.62
C GLU A 309 5.92 41.46 -21.73
N ALA A 310 5.99 40.13 -21.89
CA ALA A 310 5.24 39.24 -21.02
C ALA A 310 5.67 39.42 -19.57
N GLY A 311 6.98 39.45 -19.33
CA GLY A 311 7.47 39.57 -17.96
C GLY A 311 7.07 40.88 -17.31
N LYS A 312 7.08 41.96 -18.10
CA LYS A 312 6.63 43.25 -17.59
C LYS A 312 5.20 43.20 -17.08
N LEU A 313 4.37 42.30 -17.63
CA LEU A 313 2.99 42.16 -17.18
C LEU A 313 2.81 41.08 -16.12
N GLY A 314 3.91 40.49 -15.65
CA GLY A 314 3.81 39.43 -14.67
C GLY A 314 3.50 38.07 -15.25
N LEU A 315 3.84 37.84 -16.52
CA LEU A 315 3.55 36.59 -17.20
C LEU A 315 4.85 35.84 -17.45
N GLU A 316 4.87 34.54 -17.12
CA GLU A 316 5.98 33.66 -17.46
C GLU A 316 5.63 32.88 -18.73
N ILE A 317 6.65 32.59 -19.56
CA ILE A 317 6.42 31.82 -20.78
C ILE A 317 6.70 30.34 -20.52
N ALA A 318 5.78 29.48 -20.94
CA ALA A 318 6.02 28.05 -21.04
C ALA A 318 6.05 27.66 -22.52
N LEU A 319 7.14 27.04 -22.96
CA LEU A 319 7.22 26.57 -24.34
C LEU A 319 6.91 25.08 -24.45
N ASP A 320 6.30 24.70 -25.57
CA ASP A 320 6.06 23.31 -25.88
C ASP A 320 7.37 22.62 -26.25
N PHE A 321 7.66 21.45 -25.66
CA PHE A 321 8.81 20.66 -26.08
C PHE A 321 8.34 19.31 -26.61
N ALA A 322 8.41 19.14 -27.92
CA ALA A 322 7.86 17.97 -28.62
C ALA A 322 9.04 17.22 -29.24
N LEU A 323 9.41 16.09 -28.65
CA LEU A 323 10.61 15.36 -29.11
C LEU A 323 10.18 14.44 -30.24
N GLN A 324 10.17 15.00 -31.45
CA GLN A 324 9.65 14.41 -32.69
C GLN A 324 10.04 15.38 -33.79
N CYS A 325 9.83 14.97 -35.05
CA CYS A 325 10.07 15.98 -36.08
C CYS A 325 9.41 15.65 -37.40
N SER A 326 9.25 16.69 -38.22
CA SER A 326 8.78 16.52 -39.58
C SER A 326 9.83 15.78 -40.40
N PRO A 327 9.43 15.26 -41.58
CA PRO A 327 10.43 14.61 -42.45
C PRO A 327 11.46 15.59 -43.03
N ASP A 328 11.27 16.90 -42.89
CA ASP A 328 12.21 17.91 -43.39
C ASP A 328 13.16 18.43 -42.34
N HIS A 329 13.08 17.95 -41.11
CA HIS A 329 13.97 18.40 -40.05
C HIS A 329 15.41 17.96 -40.36
N PRO A 330 16.41 18.81 -40.10
CA PRO A 330 17.80 18.42 -40.37
C PRO A 330 18.22 17.12 -39.68
N TRP A 331 17.63 16.78 -38.52
CA TRP A 331 18.01 15.53 -37.85
C TRP A 331 17.82 14.32 -38.75
N VAL A 332 16.85 14.36 -39.66
CA VAL A 332 16.49 13.15 -40.40
C VAL A 332 17.69 12.63 -41.19
N HIS A 333 18.49 13.52 -41.77
CA HIS A 333 19.68 13.07 -42.49
C HIS A 333 20.96 13.22 -41.68
N LYS A 334 20.97 14.11 -40.70
CA LYS A 334 22.15 14.29 -39.86
C LYS A 334 22.29 13.15 -38.86
N HIS A 335 21.17 12.66 -38.33
CA HIS A 335 21.15 11.64 -37.28
C HIS A 335 20.10 10.59 -37.61
N PRO A 336 20.28 9.83 -38.70
CA PRO A 336 19.28 8.79 -39.01
C PRO A 336 19.09 7.82 -37.87
N GLU A 337 20.10 7.63 -37.02
CA GLU A 337 19.97 6.65 -35.95
C GLU A 337 19.07 7.13 -34.81
N TRP A 338 18.53 8.34 -34.89
CA TRP A 338 17.50 8.77 -33.94
C TRP A 338 16.09 8.39 -34.41
N PHE A 339 15.97 7.51 -35.41
CA PHE A 339 14.67 7.10 -35.92
C PHE A 339 14.71 5.60 -36.17
N HIS A 340 13.52 4.98 -36.15
CA HIS A 340 13.34 3.58 -36.55
C HIS A 340 13.18 3.49 -38.07
N HIS A 341 13.98 2.67 -38.73
CA HIS A 341 13.88 2.52 -40.18
C HIS A 341 13.38 1.13 -40.57
N ARG A 342 12.58 1.09 -41.63
CA ARG A 342 12.17 -0.17 -42.24
C ARG A 342 13.23 -0.63 -43.23
N PRO A 343 13.12 -1.84 -43.76
CA PRO A 343 14.22 -2.36 -44.60
C PRO A 343 14.50 -1.58 -45.89
N ASP A 344 13.56 -0.76 -46.37
CA ASP A 344 13.85 0.12 -47.49
C ASP A 344 14.40 1.46 -47.03
N GLY A 345 14.76 1.59 -45.76
CA GLY A 345 15.29 2.83 -45.24
C GLY A 345 14.26 3.87 -44.85
N THR A 346 12.97 3.66 -45.13
CA THR A 346 11.98 4.69 -44.80
C THR A 346 11.60 4.62 -43.32
N ILE A 347 11.09 5.74 -42.81
CA ILE A 347 10.65 5.85 -41.42
C ILE A 347 9.13 5.93 -41.42
N ALA A 348 8.46 5.04 -40.68
CA ALA A 348 7.01 5.11 -40.52
C ALA A 348 6.60 6.36 -39.74
N HIS A 349 5.49 6.98 -40.15
CA HIS A 349 5.01 8.14 -39.40
C HIS A 349 4.53 7.73 -38.00
N ALA A 350 4.51 8.71 -37.10
CA ALA A 350 4.16 8.45 -35.71
C ALA A 350 2.67 8.16 -35.59
N GLU A 351 2.32 7.41 -34.54
CA GLU A 351 0.94 7.06 -34.27
C GLU A 351 0.68 7.06 -32.77
N ASN A 352 -0.59 7.19 -32.41
CA ASN A 352 -1.03 7.14 -31.01
C ASN A 352 -2.47 6.64 -31.02
N PRO A 353 -2.65 5.34 -31.24
CA PRO A 353 -3.94 4.82 -31.77
C PRO A 353 -5.11 5.22 -30.91
N PRO A 354 -6.27 5.55 -31.52
CA PRO A 354 -6.56 5.43 -32.96
C PRO A 354 -6.11 6.61 -33.82
N LYS A 355 -5.31 7.51 -33.24
CA LYS A 355 -4.87 8.69 -33.96
C LYS A 355 -3.57 8.44 -34.72
N LYS A 356 -3.44 9.11 -35.86
CA LYS A 356 -2.27 9.01 -36.73
C LYS A 356 -1.67 10.38 -36.95
N TYR A 357 -0.35 10.45 -36.89
CA TYR A 357 0.37 11.70 -37.09
C TYR A 357 1.21 11.58 -38.35
N GLN A 358 0.54 11.61 -39.51
CA GLN A 358 1.21 11.37 -40.79
C GLN A 358 2.28 12.42 -41.13
N ASP A 359 2.25 13.59 -40.49
CA ASP A 359 3.18 14.67 -40.77
C ASP A 359 4.48 14.62 -39.96
N ILE A 360 4.68 13.63 -39.09
CA ILE A 360 5.87 13.56 -38.25
C ILE A 360 6.42 12.15 -38.15
N TYR A 361 7.71 12.07 -37.80
CA TYR A 361 8.42 10.87 -37.38
C TYR A 361 8.61 10.88 -35.86
N PRO A 362 8.42 9.74 -35.21
CA PRO A 362 8.80 9.60 -33.79
C PRO A 362 10.28 9.33 -33.65
N ILE A 363 10.82 9.70 -32.49
CA ILE A 363 12.23 9.47 -32.20
C ILE A 363 12.44 8.06 -31.67
N ALA A 364 13.56 7.44 -32.04
CA ALA A 364 13.99 6.15 -31.52
C ALA A 364 15.18 6.37 -30.59
N PHE A 365 15.22 5.63 -29.48
CA PHE A 365 16.11 5.94 -28.36
C PHE A 365 17.20 4.93 -28.09
N ASP A 366 17.22 3.80 -28.79
CA ASP A 366 18.12 2.73 -28.38
C ASP A 366 19.40 2.63 -29.21
N ALA A 367 19.56 3.45 -30.24
CA ALA A 367 20.82 3.52 -30.97
C ALA A 367 21.79 4.53 -30.36
N ASP A 368 21.31 5.70 -29.96
CA ASP A 368 22.18 6.79 -29.48
C ASP A 368 21.52 7.53 -28.33
N PRO A 369 21.27 6.85 -27.21
CA PRO A 369 20.61 7.55 -26.08
C PRO A 369 21.44 8.72 -25.53
N ASP A 370 22.78 8.62 -25.56
CA ASP A 370 23.61 9.71 -25.06
C ASP A 370 23.51 10.93 -25.95
N GLY A 371 23.60 10.72 -27.27
CA GLY A 371 23.51 11.85 -28.18
C GLY A 371 22.16 12.55 -28.08
N LEU A 372 21.09 11.77 -27.92
CA LEU A 372 19.75 12.35 -27.80
C LEU A 372 19.61 13.16 -26.51
N ALA A 373 20.12 12.63 -25.40
CA ALA A 373 20.07 13.38 -24.15
C ALA A 373 20.88 14.67 -24.26
N THR A 374 22.09 14.58 -24.82
CA THR A 374 22.92 15.78 -24.98
C THR A 374 22.19 16.83 -25.82
N GLU A 375 21.56 16.42 -26.90
CA GLU A 375 20.90 17.37 -27.79
C GLU A 375 19.64 17.93 -27.12
N THR A 376 18.90 17.09 -26.40
CA THR A 376 17.71 17.56 -25.72
C THR A 376 18.04 18.65 -24.70
N VAL A 377 19.04 18.39 -23.84
CA VAL A 377 19.35 19.41 -22.84
C VAL A 377 20.00 20.64 -23.49
N ARG A 378 20.68 20.47 -24.63
CA ARG A 378 21.17 21.64 -25.35
C ARG A 378 20.01 22.53 -25.80
N ILE A 379 18.98 21.92 -26.39
CA ILE A 379 17.82 22.70 -26.82
C ILE A 379 17.13 23.36 -25.63
N LEU A 380 16.90 22.60 -24.57
CA LEU A 380 16.25 23.20 -23.40
C LEU A 380 17.07 24.37 -22.86
N ARG A 381 18.39 24.22 -22.77
CA ARG A 381 19.21 25.31 -22.24
C ARG A 381 19.23 26.53 -23.16
N HIS A 382 19.10 26.32 -24.47
CA HIS A 382 18.95 27.46 -25.38
C HIS A 382 17.72 28.31 -25.01
N TRP A 383 16.55 27.67 -24.90
CA TRP A 383 15.35 28.44 -24.55
C TRP A 383 15.43 28.98 -23.12
N MET A 384 16.07 28.23 -22.23
CA MET A 384 16.25 28.66 -20.85
C MET A 384 17.10 29.94 -20.80
N ASP A 385 18.11 30.01 -21.66
CA ASP A 385 18.92 31.23 -21.80
C ASP A 385 18.11 32.40 -22.33
N HIS A 386 17.01 32.15 -23.02
CA HIS A 386 16.13 33.22 -23.47
C HIS A 386 14.92 33.39 -22.56
N GLY A 387 15.07 33.02 -21.29
CA GLY A 387 14.06 33.35 -20.30
C GLY A 387 12.92 32.37 -20.13
N VAL A 388 12.97 31.21 -20.79
CA VAL A 388 11.90 30.23 -20.67
C VAL A 388 12.29 29.28 -19.55
N ARG A 389 11.52 29.29 -18.47
CA ARG A 389 11.80 28.45 -17.31
C ARG A 389 10.73 27.38 -17.08
N ILE A 390 9.83 27.18 -18.04
CA ILE A 390 8.75 26.19 -17.95
C ILE A 390 8.60 25.52 -19.30
N PHE A 391 8.49 24.18 -19.31
CA PHE A 391 8.32 23.44 -20.56
C PHE A 391 7.12 22.52 -20.46
N ARG A 392 6.25 22.60 -21.46
CA ARG A 392 5.11 21.68 -21.61
C ARG A 392 5.57 20.55 -22.54
N VAL A 393 5.75 19.35 -21.99
CA VAL A 393 6.37 18.25 -22.73
C VAL A 393 5.27 17.38 -23.34
N ASP A 394 5.24 17.28 -24.68
CA ASP A 394 4.19 16.51 -25.34
C ASP A 394 4.38 15.02 -25.15
N ASN A 395 3.24 14.31 -24.98
CA ASN A 395 3.18 12.85 -24.97
C ASN A 395 4.46 12.24 -24.40
N PRO A 396 4.87 12.59 -23.17
CA PRO A 396 6.14 12.04 -22.65
C PRO A 396 6.13 10.53 -22.58
N HIS A 397 4.96 9.92 -22.47
CA HIS A 397 4.83 8.46 -22.34
C HIS A 397 5.16 7.72 -23.63
N THR A 398 5.45 8.41 -24.75
CA THR A 398 5.95 7.69 -25.93
C THR A 398 7.45 7.80 -26.05
N LYS A 399 8.14 8.34 -25.05
CA LYS A 399 9.59 8.38 -24.95
C LYS A 399 9.98 7.71 -23.63
N PRO A 400 11.18 7.14 -23.51
CA PRO A 400 11.47 6.28 -22.34
C PRO A 400 11.41 7.04 -21.01
N VAL A 401 10.84 6.38 -20.01
CA VAL A 401 10.73 6.97 -18.68
C VAL A 401 12.09 7.41 -18.16
N ALA A 402 13.09 6.53 -18.26
CA ALA A 402 14.41 6.85 -17.75
C ALA A 402 15.11 7.92 -18.58
N PHE A 403 14.70 8.11 -19.83
CA PHE A 403 15.20 9.25 -20.58
C PHE A 403 14.79 10.56 -19.91
N TRP A 404 13.51 10.68 -19.57
CA TRP A 404 13.06 11.88 -18.87
C TRP A 404 13.72 12.01 -17.50
N GLU A 405 13.89 10.88 -16.80
CA GLU A 405 14.55 10.97 -15.49
C GLU A 405 15.94 11.56 -15.62
N ARG A 406 16.70 11.13 -16.62
CA ARG A 406 18.03 11.68 -16.88
C ARG A 406 17.96 13.15 -17.28
N VAL A 407 17.07 13.49 -18.22
CA VAL A 407 17.04 14.85 -18.76
C VAL A 407 16.63 15.85 -17.68
N ILE A 408 15.61 15.50 -16.89
CA ILE A 408 15.14 16.43 -15.87
C ILE A 408 16.18 16.59 -14.77
N ALA A 409 16.85 15.49 -14.39
CA ALA A 409 17.93 15.60 -13.41
C ALA A 409 19.07 16.48 -13.92
N ASP A 410 19.40 16.37 -15.20
CA ASP A 410 20.44 17.20 -15.79
C ASP A 410 20.08 18.68 -15.71
N ILE A 411 18.89 19.04 -16.20
CA ILE A 411 18.48 20.44 -16.24
C ILE A 411 18.32 20.99 -14.81
N ASN A 412 17.60 20.28 -13.94
CA ASN A 412 17.39 20.80 -12.60
C ASN A 412 18.67 20.79 -11.76
N GLY A 413 19.66 19.99 -12.16
CA GLY A 413 20.96 20.03 -11.47
C GLY A 413 21.61 21.39 -11.55
N THR A 414 21.56 22.04 -12.72
CA THR A 414 22.10 23.39 -12.86
C THR A 414 21.05 24.48 -12.66
N ASP A 415 19.77 24.15 -12.88
CA ASP A 415 18.69 25.15 -12.89
C ASP A 415 17.47 24.57 -12.21
N PRO A 416 17.47 24.48 -10.88
CA PRO A 416 16.36 23.80 -10.18
C PRO A 416 15.02 24.51 -10.31
N ASP A 417 14.99 25.75 -10.79
CA ASP A 417 13.72 26.46 -10.94
C ASP A 417 12.91 26.01 -12.15
N VAL A 418 13.52 25.32 -13.11
CA VAL A 418 12.79 24.94 -14.33
C VAL A 418 11.68 23.96 -14.00
N ILE A 419 10.49 24.21 -14.54
CA ILE A 419 9.30 23.40 -14.32
C ILE A 419 8.98 22.62 -15.59
N PHE A 420 8.78 21.31 -15.47
CA PHE A 420 8.37 20.45 -16.58
C PHE A 420 6.95 19.96 -16.33
N LEU A 421 6.09 20.11 -17.33
CA LEU A 421 4.70 19.67 -17.26
C LEU A 421 4.51 18.50 -18.22
N ALA A 422 4.05 17.35 -17.70
CA ALA A 422 3.91 16.11 -18.47
C ALA A 422 2.51 16.05 -19.08
N GLU A 423 2.42 16.13 -20.41
CA GLU A 423 1.12 15.92 -21.08
C GLU A 423 0.97 14.43 -21.41
N ALA A 424 0.75 13.62 -20.36
CA ALA A 424 0.63 12.18 -20.51
C ALA A 424 -0.80 11.73 -20.18
N PHE A 425 -1.66 11.70 -21.20
CA PHE A 425 -3.01 11.17 -21.06
C PHE A 425 -2.92 9.68 -21.36
N THR A 426 -2.74 8.86 -20.33
CA THR A 426 -2.47 7.45 -20.60
C THR A 426 -2.90 6.64 -19.38
N ARG A 427 -2.35 5.44 -19.24
CA ARG A 427 -2.75 4.57 -18.14
C ARG A 427 -2.14 5.06 -16.82
N PRO A 428 -2.74 4.69 -15.67
CA PRO A 428 -2.30 5.29 -14.39
C PRO A 428 -0.86 5.01 -14.01
N ALA A 429 -0.35 3.79 -14.25
CA ALA A 429 1.02 3.49 -13.82
C ALA A 429 2.05 4.43 -14.45
N MET A 430 1.96 4.62 -15.78
CA MET A 430 2.85 5.54 -16.49
C MET A 430 2.71 6.96 -15.97
N MET A 431 1.47 7.38 -15.79
CA MET A 431 1.13 8.74 -15.38
C MET A 431 1.77 9.03 -14.01
N ALA A 432 1.67 8.07 -13.08
CA ALA A 432 2.29 8.23 -11.76
C ALA A 432 3.81 8.15 -11.85
N THR A 433 4.34 7.23 -12.65
CA THR A 433 5.79 7.07 -12.71
C THR A 433 6.47 8.31 -13.28
N LEU A 434 5.90 8.91 -14.32
CA LEU A 434 6.49 10.13 -14.88
C LEU A 434 6.57 11.24 -13.82
N ALA A 435 5.51 11.41 -13.04
CA ALA A 435 5.57 12.37 -11.93
C ALA A 435 6.68 12.00 -10.96
N GLN A 436 6.77 10.72 -10.61
CA GLN A 436 7.72 10.29 -9.59
C GLN A 436 9.18 10.43 -10.04
N ILE A 437 9.47 10.35 -11.34
CA ILE A 437 10.86 10.49 -11.76
C ILE A 437 11.26 11.94 -12.03
N GLY A 438 10.37 12.90 -11.83
CA GLY A 438 10.84 14.28 -11.88
C GLY A 438 9.90 15.33 -12.43
N PHE A 439 8.86 14.94 -13.19
CA PHE A 439 7.97 15.95 -13.76
C PHE A 439 7.30 16.74 -12.64
N GLN A 440 7.50 18.07 -12.66
CA GLN A 440 6.96 18.93 -11.60
C GLN A 440 5.44 18.96 -11.61
N GLN A 441 4.84 18.88 -12.79
CA GLN A 441 3.40 18.97 -12.97
C GLN A 441 2.94 17.88 -13.94
N SER A 442 1.66 17.53 -13.84
CA SER A 442 1.08 16.53 -14.72
C SER A 442 -0.28 16.98 -15.22
N TYR A 443 -0.54 16.78 -16.51
CA TYR A 443 -1.92 16.77 -16.95
C TYR A 443 -2.65 15.57 -16.33
N THR A 444 -3.98 15.67 -16.26
CA THR A 444 -4.79 14.75 -15.46
C THR A 444 -5.98 14.25 -16.28
N TYR A 445 -6.83 13.46 -15.63
CA TYR A 445 -8.07 13.00 -16.21
C TYR A 445 -9.21 14.01 -16.06
N PHE A 446 -8.91 15.24 -15.64
CA PHE A 446 -9.95 16.21 -15.26
C PHE A 446 -11.06 16.34 -16.29
N THR A 447 -10.72 16.48 -17.58
CA THR A 447 -11.76 16.75 -18.58
C THR A 447 -12.77 15.61 -18.70
N TRP A 448 -12.39 14.40 -18.29
CA TRP A 448 -13.28 13.24 -18.31
C TRP A 448 -13.86 12.94 -16.94
N ARG A 449 -13.88 13.92 -16.04
CA ARG A 449 -14.49 13.76 -14.72
C ARG A 449 -15.53 14.88 -14.58
N ASN A 450 -16.80 14.55 -14.80
CA ASN A 450 -17.85 15.56 -14.92
C ASN A 450 -19.05 15.36 -14.00
N THR A 451 -19.35 14.13 -13.54
CA THR A 451 -20.39 13.91 -12.55
C THR A 451 -19.86 14.16 -11.13
N LYS A 452 -20.77 14.28 -10.16
CA LYS A 452 -20.34 14.49 -8.79
C LYS A 452 -19.49 13.32 -8.30
N GLN A 453 -19.87 12.09 -8.62
CA GLN A 453 -19.11 10.97 -8.10
C GLN A 453 -17.75 10.88 -8.79
N GLU A 454 -17.70 11.20 -10.10
CA GLU A 454 -16.42 11.25 -10.80
C GLU A 454 -15.47 12.28 -10.19
N LEU A 455 -15.97 13.50 -9.95
CA LEU A 455 -15.15 14.55 -9.39
C LEU A 455 -14.72 14.25 -7.97
N THR A 456 -15.65 13.74 -7.15
CA THR A 456 -15.33 13.47 -5.76
C THR A 456 -14.28 12.36 -5.67
N GLU A 457 -14.44 11.29 -6.44
CA GLU A 457 -13.47 10.21 -6.37
C GLU A 457 -12.11 10.65 -6.89
N TYR A 458 -12.08 11.37 -8.02
CA TYR A 458 -10.80 11.71 -8.62
C TYR A 458 -10.04 12.72 -7.77
N LEU A 459 -10.73 13.73 -7.23
CA LEU A 459 -10.03 14.72 -6.41
C LEU A 459 -9.61 14.11 -5.07
N THR A 460 -10.38 13.17 -4.54
CA THR A 460 -9.93 12.44 -3.36
C THR A 460 -8.61 11.75 -3.62
N GLU A 461 -8.45 11.16 -4.81
CA GLU A 461 -7.19 10.53 -5.18
C GLU A 461 -6.07 11.57 -5.32
N LEU A 462 -6.33 12.66 -6.07
CA LEU A 462 -5.29 13.65 -6.33
C LEU A 462 -4.88 14.41 -5.08
N SER A 463 -5.80 14.64 -4.14
CA SER A 463 -5.45 15.38 -2.93
C SER A 463 -4.91 14.47 -1.83
N GLY A 464 -4.93 13.16 -2.05
CA GLY A 464 -4.46 12.17 -1.08
C GLY A 464 -3.02 11.79 -1.30
N GLU A 465 -2.73 10.50 -1.36
CA GLU A 465 -1.33 10.05 -1.43
C GLU A 465 -0.63 10.51 -2.71
N ALA A 466 -1.37 10.64 -3.82
CA ALA A 466 -0.75 11.12 -5.06
C ALA A 466 -0.08 12.48 -4.88
N ALA A 467 -0.57 13.30 -3.96
CA ALA A 467 0.01 14.63 -3.79
C ALA A 467 1.44 14.59 -3.27
N SER A 468 1.94 13.45 -2.78
CA SER A 468 3.36 13.41 -2.44
C SER A 468 4.27 13.34 -3.65
N TYR A 469 3.75 13.08 -4.85
CA TYR A 469 4.61 13.03 -6.02
C TYR A 469 4.03 13.70 -7.26
N MET A 470 2.77 14.10 -7.28
CA MET A 470 2.19 14.64 -8.49
C MET A 470 1.55 15.99 -8.18
N ARG A 471 1.74 16.95 -9.07
CA ARG A 471 1.03 18.23 -8.96
C ARG A 471 0.14 18.41 -10.18
N PRO A 472 -1.18 18.47 -10.01
CA PRO A 472 -2.08 18.47 -11.17
C PRO A 472 -2.23 19.85 -11.80
N ASN A 473 -2.31 19.86 -13.14
CA ASN A 473 -2.63 21.07 -13.89
C ASN A 473 -3.98 20.83 -14.58
N PHE A 474 -5.05 21.44 -14.05
CA PHE A 474 -6.41 21.25 -14.55
C PHE A 474 -6.69 22.22 -15.72
N PHE A 475 -6.30 21.81 -16.93
CA PHE A 475 -6.76 22.49 -18.14
C PHE A 475 -8.20 22.06 -18.41
N ALA A 476 -9.14 23.02 -18.40
CA ALA A 476 -10.54 22.66 -18.64
C ALA A 476 -10.80 22.30 -20.10
N ASN A 477 -9.91 22.71 -21.01
CA ASN A 477 -9.91 22.27 -22.39
C ASN A 477 -8.47 22.29 -22.88
N THR A 478 -8.21 21.62 -24.01
CA THR A 478 -6.97 21.80 -24.75
C THR A 478 -7.30 21.82 -26.24
N PRO A 479 -6.36 22.14 -27.13
CA PRO A 479 -6.70 22.08 -28.57
C PRO A 479 -7.13 20.70 -29.02
N ASP A 480 -6.86 19.65 -28.22
CA ASP A 480 -7.22 18.27 -28.55
C ASP A 480 -8.39 17.74 -27.75
N ILE A 481 -8.95 18.52 -26.83
CA ILE A 481 -10.00 17.99 -25.96
C ILE A 481 -11.09 19.03 -25.80
N LEU A 482 -12.17 18.84 -26.54
CA LEU A 482 -13.42 19.56 -26.33
C LEU A 482 -14.42 18.49 -25.86
N HIS A 483 -14.68 18.43 -24.56
CA HIS A 483 -15.49 17.35 -24.01
C HIS A 483 -16.97 17.54 -24.33
N ALA A 484 -17.68 16.41 -24.43
CA ALA A 484 -19.13 16.45 -24.70
C ALA A 484 -19.89 17.28 -23.66
N TYR A 485 -19.40 17.33 -22.41
CA TYR A 485 -20.05 18.17 -21.40
C TYR A 485 -20.16 19.62 -21.88
N LEU A 486 -19.07 20.15 -22.45
CA LEU A 486 -19.08 21.50 -23.00
C LEU A 486 -19.86 21.57 -24.32
N GLN A 487 -19.71 20.56 -25.18
CA GLN A 487 -20.47 20.56 -26.43
C GLN A 487 -21.96 20.64 -26.18
N HIS A 488 -22.46 19.87 -25.23
CA HIS A 488 -23.89 19.77 -25.03
C HIS A 488 -24.42 20.83 -24.08
N GLY A 489 -23.57 21.34 -23.19
CA GLY A 489 -24.02 22.26 -22.16
C GLY A 489 -23.91 23.73 -22.51
N GLY A 490 -23.14 24.08 -23.54
CA GLY A 490 -23.04 25.49 -23.88
C GLY A 490 -22.39 26.34 -22.79
N ARG A 491 -22.67 27.65 -22.84
CA ARG A 491 -22.00 28.59 -21.92
C ARG A 491 -22.15 28.22 -20.44
N PRO A 492 -23.33 27.85 -19.93
CA PRO A 492 -23.41 27.45 -18.50
C PRO A 492 -22.45 26.32 -18.15
N ALA A 493 -22.11 25.46 -19.11
CA ALA A 493 -21.14 24.39 -18.85
C ALA A 493 -19.71 24.93 -18.80
N PHE A 494 -19.37 25.91 -19.65
CA PHE A 494 -18.07 26.56 -19.57
C PHE A 494 -17.90 27.27 -18.23
N GLU A 495 -18.97 27.87 -17.72
CA GLU A 495 -18.89 28.53 -16.42
C GLU A 495 -18.65 27.52 -15.30
N VAL A 496 -19.35 26.39 -15.34
CA VAL A 496 -19.20 25.36 -14.30
C VAL A 496 -17.79 24.79 -14.30
N ARG A 497 -17.28 24.41 -15.47
CA ARG A 497 -15.95 23.79 -15.53
C ARG A 497 -14.87 24.77 -15.12
N ALA A 498 -15.06 26.07 -15.38
CA ALA A 498 -14.09 27.06 -14.93
C ALA A 498 -14.08 27.16 -13.41
N VAL A 499 -15.27 27.24 -12.79
CA VAL A 499 -15.33 27.28 -11.33
C VAL A 499 -14.66 26.06 -10.73
N LEU A 500 -14.97 24.87 -11.26
CA LEU A 500 -14.41 23.62 -10.73
C LEU A 500 -12.89 23.57 -10.88
N ALA A 501 -12.39 23.88 -12.08
CA ALA A 501 -10.94 23.80 -12.31
C ALA A 501 -10.19 24.77 -11.40
N ALA A 502 -10.69 26.00 -11.31
CA ALA A 502 -10.03 27.06 -10.56
C ALA A 502 -10.05 26.82 -9.05
N THR A 503 -11.10 26.15 -8.53
CA THR A 503 -11.22 25.96 -7.08
C THR A 503 -10.79 24.57 -6.61
N LEU A 504 -10.63 23.59 -7.49
CA LEU A 504 -10.22 22.27 -7.03
C LEU A 504 -8.73 22.02 -7.17
N SER A 505 -8.03 22.76 -8.04
CA SER A 505 -6.60 22.59 -8.16
C SER A 505 -5.91 23.94 -8.03
N PRO A 506 -4.76 24.01 -7.33
CA PRO A 506 -4.02 25.26 -7.31
C PRO A 506 -3.41 25.63 -8.65
N THR A 507 -3.36 24.72 -9.61
CA THR A 507 -2.97 25.05 -10.98
C THR A 507 -4.10 24.67 -11.93
N TRP A 508 -4.56 25.64 -12.74
CA TRP A 508 -5.57 25.37 -13.74
C TRP A 508 -5.22 26.15 -15.00
N GLY A 509 -5.93 25.87 -16.08
CA GLY A 509 -5.61 26.50 -17.35
C GLY A 509 -6.77 26.42 -18.32
N ILE A 510 -6.72 27.29 -19.33
CA ILE A 510 -7.63 27.19 -20.46
C ILE A 510 -6.86 27.44 -21.74
N TYR A 511 -7.38 26.91 -22.83
CA TYR A 511 -6.86 27.18 -24.16
C TYR A 511 -7.77 28.20 -24.84
N SER A 512 -7.15 29.26 -25.38
CA SER A 512 -7.81 30.40 -26.03
C SER A 512 -9.04 30.01 -26.84
N GLY A 513 -10.13 30.74 -26.62
CA GLY A 513 -11.41 30.40 -27.18
C GLY A 513 -12.34 29.73 -26.20
N TYR A 514 -11.80 29.11 -25.15
CA TYR A 514 -12.61 28.65 -24.02
C TYR A 514 -13.48 29.78 -23.50
N GLU A 515 -12.89 30.97 -23.34
CA GLU A 515 -13.68 32.04 -22.74
C GLU A 515 -14.77 32.54 -23.70
N LEU A 516 -14.62 32.30 -25.01
CA LEU A 516 -15.67 32.55 -26.00
C LEU A 516 -16.69 31.43 -26.10
N CYS A 517 -16.54 30.40 -25.25
CA CYS A 517 -17.41 29.22 -25.24
C CYS A 517 -17.49 28.55 -26.62
N GLU A 518 -16.35 28.50 -27.33
CA GLU A 518 -16.29 27.74 -28.58
C GLU A 518 -16.51 26.26 -28.29
N ASN A 519 -17.54 25.65 -28.92
CA ASN A 519 -17.87 24.29 -28.55
C ASN A 519 -18.43 23.46 -29.70
N THR A 520 -18.04 23.76 -30.94
CA THR A 520 -18.53 22.98 -32.08
C THR A 520 -17.55 21.86 -32.37
N PRO A 521 -17.95 20.59 -32.25
CA PRO A 521 -17.01 19.51 -32.48
C PRO A 521 -16.82 19.24 -33.96
N LEU A 522 -15.75 18.52 -34.26
CA LEU A 522 -15.51 18.06 -35.63
C LEU A 522 -16.67 17.22 -36.14
N ARG A 523 -17.25 16.39 -35.27
CA ARG A 523 -18.42 15.57 -35.58
C ARG A 523 -18.93 15.03 -34.26
N GLU A 524 -20.19 14.60 -34.25
CA GLU A 524 -20.75 13.97 -33.06
C GLU A 524 -19.85 12.82 -32.59
N GLY A 525 -19.56 12.79 -31.29
CA GLY A 525 -18.76 11.74 -30.70
C GLY A 525 -17.26 11.96 -30.76
N SER A 526 -16.82 13.08 -31.33
CA SER A 526 -15.42 13.45 -31.35
C SER A 526 -15.13 14.44 -30.21
N GLU A 527 -13.86 14.52 -29.81
CA GLU A 527 -13.44 15.57 -28.89
C GLU A 527 -12.53 16.59 -29.57
N GLU A 528 -12.40 16.51 -30.90
CA GLU A 528 -11.76 17.55 -31.68
C GLU A 528 -12.69 18.73 -31.92
N TYR A 529 -12.10 19.92 -32.03
CA TYR A 529 -12.81 21.10 -32.49
C TYR A 529 -13.01 21.05 -34.00
N LEU A 530 -14.16 21.53 -34.46
CA LEU A 530 -14.32 21.83 -35.88
C LEU A 530 -13.38 22.96 -36.28
N ASP A 531 -12.79 22.85 -37.48
CA ASP A 531 -11.88 23.87 -38.00
C ASP A 531 -10.76 24.17 -37.00
N SER A 532 -10.12 23.09 -36.52
CA SER A 532 -9.19 23.22 -35.39
C SER A 532 -8.03 24.15 -35.69
N GLU A 533 -7.70 24.98 -34.68
CA GLU A 533 -6.60 25.93 -34.79
C GLU A 533 -5.26 25.22 -34.97
N LYS A 534 -5.17 23.93 -34.67
CA LYS A 534 -3.93 23.20 -34.92
C LYS A 534 -3.55 23.20 -36.39
N TYR A 535 -4.53 23.37 -37.30
CA TYR A 535 -4.28 23.27 -38.73
C TYR A 535 -4.63 24.53 -39.51
N GLN A 536 -5.04 25.62 -38.84
CA GLN A 536 -5.37 26.83 -39.59
C GLN A 536 -5.25 28.03 -38.67
N LEU A 537 -4.99 29.19 -39.27
CA LEU A 537 -5.11 30.44 -38.54
C LEU A 537 -6.55 30.63 -38.08
N LYS A 538 -6.71 31.11 -36.85
CA LYS A 538 -8.04 31.32 -36.27
C LYS A 538 -8.12 32.74 -35.72
N PRO A 539 -8.34 33.73 -36.59
CA PRO A 539 -8.53 35.10 -36.10
C PRO A 539 -9.80 35.18 -35.27
N ARG A 540 -9.68 35.84 -34.13
CA ARG A 540 -10.82 36.03 -33.25
C ARG A 540 -10.94 37.52 -32.96
N ASP A 541 -12.18 38.04 -33.00
CA ASP A 541 -12.43 39.45 -32.73
C ASP A 541 -12.70 39.59 -31.23
N TRP A 542 -11.61 39.66 -30.47
CA TRP A 542 -11.71 39.71 -29.01
C TRP A 542 -12.48 40.96 -28.54
N THR A 543 -12.18 42.11 -29.13
CA THR A 543 -12.85 43.34 -28.70
C THR A 543 -14.36 43.25 -28.91
N ARG A 544 -14.77 42.71 -30.06
CA ARG A 544 -16.20 42.55 -30.33
C ARG A 544 -16.86 41.56 -29.36
N ALA A 545 -16.21 40.43 -29.07
CA ALA A 545 -16.79 39.47 -28.14
C ALA A 545 -17.05 40.10 -26.78
N ALA A 546 -16.13 40.96 -26.33
CA ALA A 546 -16.31 41.62 -25.05
C ALA A 546 -17.46 42.62 -25.10
N ARG A 547 -17.54 43.39 -26.18
CA ARG A 547 -18.65 44.35 -26.32
C ARG A 547 -20.01 43.64 -26.40
N GLU A 548 -20.07 42.49 -27.07
CA GLU A 548 -21.32 41.72 -27.18
C GLU A 548 -21.57 40.83 -25.97
N GLY A 549 -20.66 40.81 -24.99
CA GLY A 549 -20.86 40.04 -23.78
C GLY A 549 -20.95 38.55 -23.99
N THR A 550 -20.36 38.04 -25.06
CA THR A 550 -20.39 36.60 -25.33
C THR A 550 -19.15 35.89 -24.82
N THR A 551 -18.35 36.55 -23.98
CA THR A 551 -17.17 35.97 -23.38
C THR A 551 -17.37 35.83 -21.87
N ILE A 552 -16.82 34.76 -21.31
CA ILE A 552 -16.79 34.61 -19.86
C ILE A 552 -15.44 35.05 -19.28
N ALA A 553 -14.68 35.86 -20.03
CA ALA A 553 -13.49 36.51 -19.45
C ALA A 553 -13.74 37.17 -18.11
N PRO A 554 -14.88 37.85 -17.86
CA PRO A 554 -15.10 38.39 -16.50
C PRO A 554 -15.14 37.33 -15.41
N LEU A 555 -15.84 36.21 -15.64
CA LEU A 555 -15.83 35.14 -14.64
C LEU A 555 -14.41 34.59 -14.44
N VAL A 556 -13.68 34.36 -15.53
CA VAL A 556 -12.32 33.86 -15.42
C VAL A 556 -11.47 34.83 -14.60
N THR A 557 -11.59 36.13 -14.91
CA THR A 557 -10.87 37.17 -14.16
C THR A 557 -11.22 37.11 -12.67
N ARG A 558 -12.51 37.00 -12.37
CA ARG A 558 -12.96 36.96 -10.98
C ARG A 558 -12.39 35.74 -10.26
N LEU A 559 -12.42 34.57 -10.90
CA LEU A 559 -11.90 33.36 -10.27
C LEU A 559 -10.41 33.49 -9.95
N ASN A 560 -9.64 34.06 -10.89
CA ASN A 560 -8.21 34.22 -10.63
C ASN A 560 -7.96 35.23 -9.51
N THR A 561 -8.78 36.27 -9.41
CA THR A 561 -8.62 37.20 -8.28
C THR A 561 -8.96 36.52 -6.96
N ILE A 562 -10.03 35.72 -6.94
CA ILE A 562 -10.39 34.99 -5.72
C ILE A 562 -9.24 34.08 -5.29
N ARG A 563 -8.63 33.38 -6.25
CA ARG A 563 -7.48 32.53 -5.93
C ARG A 563 -6.31 33.35 -5.37
N ARG A 564 -6.05 34.53 -5.95
CA ARG A 564 -4.96 35.37 -5.47
C ARG A 564 -5.22 35.95 -4.09
N GLU A 565 -6.50 36.01 -3.68
CA GLU A 565 -6.88 36.60 -2.41
C GLU A 565 -7.08 35.59 -1.30
N ASN A 566 -7.15 34.30 -1.62
CA ASN A 566 -7.51 33.27 -0.65
C ASN A 566 -6.48 32.14 -0.65
N PRO A 567 -5.58 32.11 0.33
CA PRO A 567 -4.53 31.08 0.36
C PRO A 567 -5.03 29.65 0.32
N ALA A 568 -6.27 29.39 0.78
CA ALA A 568 -6.80 28.04 0.71
C ALA A 568 -6.89 27.52 -0.72
N LEU A 569 -7.02 28.41 -1.70
CA LEU A 569 -7.11 27.97 -3.08
C LEU A 569 -5.74 27.82 -3.74
N ARG A 570 -4.66 28.14 -3.02
CA ARG A 570 -3.32 28.03 -3.57
C ARG A 570 -2.61 26.77 -3.11
N GLN A 571 -3.35 25.83 -2.53
CA GLN A 571 -2.81 24.54 -2.13
C GLN A 571 -3.76 23.45 -2.61
N LEU A 572 -3.31 22.21 -2.48
CA LEU A 572 -3.99 21.03 -3.04
C LEU A 572 -4.53 20.07 -1.99
N ARG A 573 -3.75 19.81 -0.95
CA ARG A 573 -3.98 18.64 -0.11
C ARG A 573 -5.16 18.80 0.84
N ASP A 574 -5.47 20.02 1.28
CA ASP A 574 -6.58 20.22 2.22
C ASP A 574 -7.85 20.48 1.41
N LEU A 575 -8.72 19.48 1.38
CA LEU A 575 -9.92 19.49 0.56
C LEU A 575 -10.89 18.51 1.19
N HIS A 576 -12.13 18.95 1.41
CA HIS A 576 -13.14 18.08 1.99
C HIS A 576 -14.48 18.27 1.28
N PHE A 577 -15.12 17.17 0.91
CA PHE A 577 -16.43 17.21 0.27
C PHE A 577 -17.52 17.08 1.32
N HIS A 578 -18.49 17.98 1.26
CA HIS A 578 -19.65 18.04 2.16
C HIS A 578 -20.89 17.48 1.47
N PRO A 579 -21.69 16.67 2.16
CA PRO A 579 -22.84 16.03 1.50
C PRO A 579 -23.97 17.00 1.19
N THR A 580 -24.60 16.79 0.04
CA THR A 580 -25.83 17.46 -0.36
C THR A 580 -26.85 16.38 -0.70
N ASP A 581 -28.12 16.79 -0.84
CA ASP A 581 -29.16 15.82 -1.14
C ASP A 581 -29.62 15.86 -2.60
N LYS A 582 -28.80 16.41 -3.50
CA LYS A 582 -29.09 16.35 -4.94
C LYS A 582 -27.84 15.90 -5.69
N GLU A 583 -28.00 14.89 -6.55
CA GLU A 583 -26.84 14.32 -7.23
C GLU A 583 -26.14 15.34 -8.11
N GLU A 584 -26.85 16.36 -8.59
CA GLU A 584 -26.24 17.37 -9.46
C GLU A 584 -25.52 18.48 -8.69
N VAL A 585 -25.61 18.53 -7.37
CA VAL A 585 -25.03 19.62 -6.59
C VAL A 585 -23.90 19.07 -5.73
N ILE A 586 -22.69 19.57 -5.97
CA ILE A 586 -21.50 19.15 -5.23
C ILE A 586 -21.06 20.30 -4.34
N ALA A 587 -20.47 19.97 -3.18
CA ALA A 587 -20.01 20.97 -2.23
C ALA A 587 -18.69 20.52 -1.61
N TYR A 588 -17.77 21.48 -1.42
CA TYR A 588 -16.45 21.15 -0.88
C TYR A 588 -15.84 22.39 -0.25
N SER A 589 -14.92 22.16 0.69
CA SER A 589 -14.21 23.26 1.31
C SER A 589 -12.71 23.00 1.29
N LYS A 590 -11.96 24.10 1.31
CA LYS A 590 -10.50 24.07 1.38
C LYS A 590 -10.06 25.10 2.39
N ARG A 591 -9.01 24.76 3.15
CA ARG A 591 -8.51 25.60 4.22
C ARG A 591 -7.00 25.75 4.12
N GLN A 592 -6.52 26.93 4.48
CA GLN A 592 -5.08 27.15 4.65
C GLN A 592 -4.95 28.16 5.78
N GLY A 593 -4.40 27.74 6.91
CA GLY A 593 -4.37 28.64 8.07
C GLY A 593 -5.78 29.08 8.42
N SER A 594 -5.93 30.39 8.62
CA SER A 594 -7.23 30.95 9.00
C SER A 594 -8.15 31.20 7.81
N ASN A 595 -7.73 30.86 6.58
CA ASN A 595 -8.55 31.07 5.39
C ASN A 595 -9.33 29.80 5.06
N THR A 596 -10.64 29.94 4.92
CA THR A 596 -11.53 28.84 4.54
C THR A 596 -12.37 29.26 3.35
N VAL A 597 -12.41 28.44 2.30
CA VAL A 597 -13.24 28.69 1.13
C VAL A 597 -14.22 27.53 1.00
N LEU A 598 -15.49 27.85 0.82
CA LEU A 598 -16.56 26.87 0.69
C LEU A 598 -17.24 27.07 -0.66
N VAL A 599 -17.29 26.01 -1.46
CA VAL A 599 -17.79 26.08 -2.83
C VAL A 599 -18.97 25.13 -2.98
N VAL A 600 -20.05 25.60 -3.60
CA VAL A 600 -21.19 24.77 -3.98
C VAL A 600 -21.42 24.98 -5.47
N VAL A 601 -21.44 23.88 -6.25
CA VAL A 601 -21.54 23.96 -7.70
C VAL A 601 -22.73 23.14 -8.18
N ASN A 602 -23.52 23.71 -9.08
CA ASN A 602 -24.55 22.97 -9.77
C ASN A 602 -23.96 22.42 -11.07
N LEU A 603 -23.77 21.11 -11.15
CA LEU A 603 -23.16 20.48 -12.32
C LEU A 603 -24.12 20.36 -13.49
N ASP A 604 -25.40 20.65 -13.28
CA ASP A 604 -26.40 20.58 -14.35
C ASP A 604 -26.36 21.90 -15.12
N PRO A 605 -25.95 21.88 -16.39
CA PRO A 605 -25.88 23.12 -17.18
C PRO A 605 -27.21 23.55 -17.76
N ARG A 606 -28.27 22.75 -17.59
CA ARG A 606 -29.53 23.00 -18.26
C ARG A 606 -30.69 23.30 -17.31
N HIS A 607 -30.68 22.78 -16.09
CA HIS A 607 -31.80 22.99 -15.19
C HIS A 607 -31.34 23.58 -13.87
N THR A 608 -32.17 24.49 -13.34
CA THR A 608 -32.01 24.98 -11.97
C THR A 608 -32.06 23.83 -10.99
N GLN A 609 -31.23 23.89 -9.95
CA GLN A 609 -31.17 22.82 -8.97
C GLN A 609 -31.24 23.42 -7.57
N GLU A 610 -32.10 22.84 -6.74
CA GLU A 610 -32.26 23.21 -5.34
C GLU A 610 -31.74 22.05 -4.49
N ALA A 611 -31.04 22.37 -3.41
CA ALA A 611 -30.49 21.30 -2.57
C ALA A 611 -30.25 21.85 -1.18
N THR A 612 -30.21 20.92 -0.22
CA THR A 612 -29.71 21.22 1.11
C THR A 612 -28.28 20.73 1.21
N VAL A 613 -27.38 21.64 1.55
CA VAL A 613 -25.98 21.30 1.78
C VAL A 613 -25.81 21.13 3.28
N SER A 614 -25.43 19.93 3.71
CA SER A 614 -25.22 19.63 5.13
C SER A 614 -23.73 19.61 5.42
N LEU A 615 -23.24 20.70 6.02
CA LEU A 615 -21.82 20.88 6.24
C LEU A 615 -21.30 20.01 7.39
N ASP A 616 -20.15 19.38 7.18
CA ASP A 616 -19.40 18.74 8.25
C ASP A 616 -18.66 19.84 9.02
N MET A 617 -19.37 20.43 9.99
CA MET A 617 -18.86 21.53 10.80
C MET A 617 -17.44 21.36 11.34
N PRO A 618 -17.07 20.25 11.97
CA PRO A 618 -15.68 20.17 12.49
C PRO A 618 -14.63 20.24 11.38
N GLN A 619 -14.94 19.74 10.18
CA GLN A 619 -14.01 19.92 9.06
C GLN A 619 -13.84 21.38 8.66
N LEU A 620 -14.76 22.25 9.08
CA LEU A 620 -14.62 23.68 8.91
C LEU A 620 -13.98 24.34 10.14
N GLY A 621 -13.58 23.55 11.14
CA GLY A 621 -13.07 24.10 12.38
C GLY A 621 -14.15 24.66 13.29
N LEU A 622 -15.40 24.26 13.09
CA LEU A 622 -16.53 24.86 13.77
C LEU A 622 -17.29 23.79 14.54
N ASP A 623 -17.95 24.20 15.62
CA ASP A 623 -18.84 23.28 16.31
C ASP A 623 -20.22 23.28 15.63
N TRP A 624 -20.99 22.22 15.90
CA TRP A 624 -22.19 21.96 15.11
C TRP A 624 -23.23 23.06 15.25
N HIS A 625 -23.23 23.79 16.36
CA HIS A 625 -24.22 24.84 16.62
C HIS A 625 -23.78 26.22 16.15
N GLU A 626 -22.54 26.36 15.68
CA GLU A 626 -22.05 27.67 15.27
C GLU A 626 -22.67 28.07 13.94
N SER A 627 -22.67 29.38 13.69
CA SER A 627 -23.08 29.88 12.40
C SER A 627 -21.87 30.00 11.48
N VAL A 628 -22.14 30.04 10.18
CA VAL A 628 -21.06 30.14 9.19
C VAL A 628 -21.29 31.42 8.39
N PRO A 629 -20.81 32.57 8.84
CA PRO A 629 -20.92 33.80 8.03
C PRO A 629 -20.05 33.66 6.79
N VAL A 630 -20.66 33.80 5.61
CA VAL A 630 -19.93 33.65 4.36
C VAL A 630 -20.21 34.84 3.44
N ARG A 631 -19.23 35.16 2.59
CA ARG A 631 -19.44 36.10 1.50
C ARG A 631 -19.22 35.34 0.20
N ASP A 632 -20.21 35.38 -0.68
CA ASP A 632 -20.10 34.78 -2.01
C ASP A 632 -19.23 35.71 -2.85
N GLU A 633 -18.00 35.27 -3.16
CA GLU A 633 -17.07 36.12 -3.90
C GLU A 633 -17.49 36.32 -5.35
N LEU A 634 -18.41 35.52 -5.87
CA LEU A 634 -18.87 35.75 -7.23
C LEU A 634 -19.84 36.93 -7.31
N THR A 635 -20.56 37.23 -6.23
CA THR A 635 -21.60 38.26 -6.26
C THR A 635 -21.43 39.37 -5.22
N GLY A 636 -20.58 39.18 -4.21
CA GLY A 636 -20.48 40.12 -3.12
C GLY A 636 -21.56 39.98 -2.05
N GLU A 637 -22.55 39.12 -2.24
CA GLU A 637 -23.58 38.94 -1.23
C GLU A 637 -23.04 38.19 -0.02
N THR A 638 -23.64 38.46 1.14
CA THR A 638 -23.32 37.80 2.40
C THR A 638 -24.47 36.89 2.80
N TYR A 639 -24.13 35.73 3.35
CA TYR A 639 -25.12 34.78 3.87
C TYR A 639 -24.77 34.42 5.30
N HIS A 640 -25.80 34.13 6.08
CA HIS A 640 -25.67 33.59 7.43
C HIS A 640 -25.97 32.10 7.33
N TRP A 641 -24.94 31.31 7.06
CA TRP A 641 -25.12 29.88 6.92
C TRP A 641 -24.89 29.17 8.24
N GLY A 642 -25.29 27.89 8.29
CA GLY A 642 -25.09 27.06 9.44
C GLY A 642 -24.75 25.65 9.02
N ARG A 643 -25.16 24.66 9.81
CA ARG A 643 -24.87 23.27 9.50
C ARG A 643 -25.66 22.72 8.32
N ALA A 644 -26.83 23.29 8.02
CA ALA A 644 -27.65 22.82 6.90
C ALA A 644 -28.23 24.03 6.18
N ASN A 645 -27.96 24.14 4.87
CA ASN A 645 -28.23 25.36 4.11
C ASN A 645 -28.91 25.04 2.79
N TYR A 646 -30.02 25.73 2.52
CA TYR A 646 -30.73 25.59 1.26
C TYR A 646 -30.06 26.45 0.20
N VAL A 647 -29.81 25.87 -0.97
CA VAL A 647 -29.22 26.61 -2.08
C VAL A 647 -30.12 26.42 -3.29
N ARG A 648 -30.11 27.42 -4.17
CA ARG A 648 -30.83 27.33 -5.42
C ARG A 648 -29.95 27.94 -6.49
N LEU A 649 -29.54 27.14 -7.47
CA LEU A 649 -28.53 27.55 -8.44
C LEU A 649 -29.11 27.42 -9.84
N GLU A 650 -29.06 28.52 -10.60
CA GLU A 650 -29.74 28.61 -11.88
C GLU A 650 -28.72 28.78 -13.00
N PRO A 651 -28.67 27.85 -13.96
CA PRO A 651 -27.63 27.91 -15.00
C PRO A 651 -27.73 29.20 -15.81
N GLY A 652 -26.57 29.79 -16.11
CA GLY A 652 -26.51 31.06 -16.80
C GLY A 652 -26.55 32.26 -15.89
N ARG A 653 -27.04 32.12 -14.66
CA ARG A 653 -27.03 33.19 -13.66
C ARG A 653 -26.14 32.88 -12.48
N THR A 654 -26.33 31.73 -11.83
CA THR A 654 -25.57 31.33 -10.65
C THR A 654 -25.08 29.90 -10.85
N PRO A 655 -23.95 29.70 -11.52
CA PRO A 655 -23.40 28.35 -11.66
C PRO A 655 -22.96 27.76 -10.33
N ALA A 656 -22.66 28.59 -9.34
CA ALA A 656 -21.99 28.16 -8.12
C ALA A 656 -22.03 29.28 -7.09
N HIS A 657 -21.79 28.91 -5.83
CA HIS A 657 -21.37 29.84 -4.80
C HIS A 657 -19.89 29.58 -4.53
N VAL A 658 -19.08 30.61 -4.53
CA VAL A 658 -17.67 30.50 -4.13
C VAL A 658 -17.50 31.42 -2.93
N CYS A 659 -17.56 30.85 -1.73
CA CYS A 659 -17.68 31.63 -0.51
C CYS A 659 -16.41 31.62 0.30
N THR A 660 -16.09 32.77 0.88
CA THR A 660 -15.08 32.83 1.93
C THR A 660 -15.81 32.88 3.27
N VAL A 661 -15.34 32.07 4.21
CA VAL A 661 -15.88 32.11 5.57
C VAL A 661 -15.35 33.36 6.26
N LEU A 662 -16.26 34.12 6.87
CA LEU A 662 -15.92 35.39 7.49
C LEU A 662 -15.50 35.15 8.93
N ARG A 663 -14.38 35.72 9.33
CA ARG A 663 -13.84 35.52 10.68
C ARG A 663 -13.87 36.82 11.48
N PRO B 15 23.27 7.74 -12.75
CA PRO B 15 22.38 6.59 -12.92
C PRO B 15 20.92 6.95 -12.65
N THR B 16 20.00 6.25 -13.28
CA THR B 16 18.58 6.49 -13.07
C THR B 16 18.01 5.40 -12.17
N VAL B 17 16.95 5.73 -11.45
CA VAL B 17 16.28 4.74 -10.62
C VAL B 17 15.50 3.76 -11.49
N VAL B 18 14.79 4.28 -12.49
CA VAL B 18 14.03 3.45 -13.42
C VAL B 18 14.97 2.95 -14.51
N GLY B 19 14.81 1.68 -14.89
CA GLY B 19 15.61 1.09 -15.95
C GLY B 19 14.98 1.27 -17.33
N ARG B 20 15.55 0.57 -18.32
CA ARG B 20 15.10 0.79 -19.70
C ARG B 20 13.63 0.40 -19.87
N ILE B 21 13.23 -0.74 -19.34
CA ILE B 21 11.84 -1.16 -19.28
C ILE B 21 11.43 -1.10 -17.81
N PRO B 22 10.47 -0.25 -17.45
CA PRO B 22 10.08 -0.09 -16.04
C PRO B 22 9.63 -1.39 -15.37
N VAL B 23 10.28 -1.71 -14.25
CA VAL B 23 9.88 -2.80 -13.35
C VAL B 23 9.79 -2.18 -11.96
N LEU B 24 8.57 -2.06 -11.43
CA LEU B 24 8.34 -1.28 -10.22
C LEU B 24 7.54 -2.09 -9.21
N ASP B 25 7.75 -1.76 -7.93
CA ASP B 25 6.93 -2.27 -6.83
C ASP B 25 6.80 -3.80 -6.88
N VAL B 26 7.93 -4.48 -6.92
CA VAL B 26 7.91 -5.94 -6.86
C VAL B 26 7.36 -6.40 -5.50
N ARG B 27 6.47 -7.36 -5.52
CA ARG B 27 5.94 -7.98 -4.30
C ARG B 27 6.06 -9.49 -4.41
N PRO B 28 6.12 -10.21 -3.26
CA PRO B 28 6.05 -9.74 -1.88
C PRO B 28 7.21 -8.84 -1.48
N VAL B 29 6.96 -7.94 -0.53
CA VAL B 29 8.01 -7.12 0.06
C VAL B 29 7.66 -6.91 1.52
N VAL B 30 8.68 -6.91 2.38
CA VAL B 30 8.47 -6.74 3.82
C VAL B 30 9.40 -5.64 4.29
N GLN B 31 8.82 -4.60 4.90
CA GLN B 31 9.57 -3.45 5.39
C GLN B 31 10.53 -2.93 4.32
N ARG B 32 10.00 -2.77 3.11
CA ARG B 32 10.71 -2.18 1.98
C ARG B 32 11.94 -2.98 1.59
N GLY B 33 11.97 -4.28 1.93
CA GLY B 33 13.10 -5.12 1.60
C GLY B 33 14.13 -5.30 2.69
N ARG B 34 13.93 -4.68 3.87
CA ARG B 34 14.84 -4.85 4.99
C ARG B 34 14.62 -6.15 5.76
N ARG B 35 13.51 -6.83 5.55
CA ARG B 35 13.27 -8.14 6.16
C ARG B 35 12.85 -9.11 5.06
N PRO B 36 13.09 -10.41 5.24
CA PRO B 36 12.73 -11.36 4.18
C PRO B 36 11.23 -11.64 4.15
N ALA B 37 10.73 -11.85 2.94
CA ALA B 37 9.44 -12.52 2.76
C ALA B 37 9.61 -14.00 3.15
N LYS B 38 8.49 -14.66 3.45
CA LYS B 38 8.48 -16.01 3.99
C LYS B 38 7.97 -17.03 2.97
N ALA B 39 8.51 -18.23 3.05
CA ALA B 39 7.92 -19.40 2.38
C ALA B 39 8.43 -20.64 3.10
N VAL B 40 7.88 -21.80 2.72
CA VAL B 40 8.43 -23.08 3.15
C VAL B 40 8.70 -23.95 1.92
N THR B 41 9.51 -24.98 2.13
CA THR B 41 9.83 -25.93 1.08
C THR B 41 8.56 -26.46 0.42
N GLY B 42 8.51 -26.41 -0.91
CA GLY B 42 7.37 -26.89 -1.66
C GLY B 42 6.19 -25.94 -1.77
N GLU B 43 6.26 -24.76 -1.17
CA GLU B 43 5.16 -23.81 -1.18
C GLU B 43 5.23 -22.93 -2.42
N SER B 44 4.10 -22.79 -3.11
CA SER B 44 4.00 -21.90 -4.27
C SER B 44 3.36 -20.58 -3.85
N PHE B 45 3.87 -19.48 -4.39
CA PHE B 45 3.28 -18.17 -4.11
C PHE B 45 3.54 -17.26 -5.29
N GLU B 46 2.76 -16.18 -5.37
CA GLU B 46 2.82 -15.28 -6.53
C GLU B 46 3.84 -14.18 -6.30
N VAL B 47 4.72 -13.98 -7.27
CA VAL B 47 5.59 -12.80 -7.34
C VAL B 47 4.98 -11.86 -8.37
N SER B 48 4.86 -10.57 -8.02
CA SER B 48 4.19 -9.62 -8.91
C SER B 48 4.98 -8.33 -9.04
N ALA B 49 4.65 -7.56 -10.08
CA ALA B 49 5.34 -6.31 -10.33
C ALA B 49 4.48 -5.44 -11.23
N THR B 50 4.78 -4.15 -11.23
CA THR B 50 4.19 -3.24 -12.19
C THR B 50 5.18 -3.14 -13.36
N VAL B 51 4.73 -3.51 -14.56
CA VAL B 51 5.59 -3.62 -15.73
C VAL B 51 4.89 -2.97 -16.91
N PHE B 52 5.62 -2.10 -17.63
CA PHE B 52 5.08 -1.43 -18.81
C PHE B 52 6.24 -0.78 -19.54
N ARG B 53 5.96 -0.24 -20.73
CA ARG B 53 6.99 0.50 -21.45
C ARG B 53 6.38 1.72 -22.12
N GLU B 54 7.24 2.56 -22.66
CA GLU B 54 6.81 3.70 -23.44
C GLU B 54 6.34 3.26 -24.82
N GLY B 55 5.39 4.01 -25.37
CA GLY B 55 4.89 3.65 -26.69
C GLY B 55 3.89 2.51 -26.61
N HIS B 56 3.60 1.92 -27.77
CA HIS B 56 2.51 0.98 -27.89
C HIS B 56 2.96 -0.47 -28.04
N ASP B 57 4.26 -0.75 -28.11
CA ASP B 57 4.73 -2.11 -28.34
C ASP B 57 4.56 -2.97 -27.09
N ALA B 58 4.56 -4.28 -27.31
CA ALA B 58 4.28 -5.24 -26.24
C ALA B 58 5.47 -5.43 -25.31
N VAL B 59 5.19 -5.76 -24.04
CA VAL B 59 6.20 -6.12 -23.06
C VAL B 59 5.97 -7.56 -22.62
N GLY B 60 7.03 -8.17 -22.12
CA GLY B 60 6.93 -9.43 -21.42
C GLY B 60 7.71 -9.33 -20.12
N ALA B 61 7.54 -10.33 -19.26
CA ALA B 61 8.25 -10.33 -17.99
C ALA B 61 8.32 -11.76 -17.45
N ASN B 62 9.27 -11.98 -16.53
CA ASN B 62 9.47 -13.30 -15.95
C ASN B 62 10.12 -13.14 -14.59
N VAL B 63 9.97 -14.17 -13.76
CA VAL B 63 10.49 -14.17 -12.39
C VAL B 63 11.73 -15.05 -12.32
N VAL B 64 12.81 -14.51 -11.75
CA VAL B 64 14.03 -15.28 -11.57
C VAL B 64 14.20 -15.52 -10.07
N LEU B 65 13.95 -16.76 -9.65
CA LEU B 65 14.12 -17.16 -8.25
C LEU B 65 15.46 -17.86 -8.12
N ARG B 66 16.30 -17.38 -7.18
CA ARG B 66 17.67 -17.90 -7.00
C ARG B 66 17.83 -18.54 -5.62
N ASP B 67 18.44 -19.72 -5.59
CA ASP B 67 18.60 -20.46 -4.34
C ASP B 67 19.79 -19.89 -3.55
N PRO B 68 20.07 -20.41 -2.35
CA PRO B 68 21.14 -19.81 -1.54
C PRO B 68 22.51 -19.82 -2.21
N ARG B 69 22.72 -20.71 -3.19
CA ARG B 69 23.97 -20.72 -3.93
C ARG B 69 23.93 -19.81 -5.16
N GLY B 70 22.83 -19.09 -5.39
CA GLY B 70 22.71 -18.24 -6.55
C GLY B 70 22.22 -18.93 -7.80
N ARG B 71 21.81 -20.20 -7.71
CA ARG B 71 21.37 -20.93 -8.89
C ARG B 71 19.96 -20.52 -9.26
N PRO B 72 19.69 -20.17 -10.53
CA PRO B 72 18.34 -19.73 -10.92
C PRO B 72 17.39 -20.89 -11.15
N GLY B 73 16.11 -20.60 -10.91
CA GLY B 73 15.06 -21.55 -11.18
C GLY B 73 14.70 -21.60 -12.65
N PRO B 74 13.62 -22.31 -12.97
CA PRO B 74 13.21 -22.46 -14.37
C PRO B 74 12.65 -21.16 -14.95
N TRP B 75 12.54 -21.15 -16.28
CA TRP B 75 11.84 -20.08 -16.97
C TRP B 75 10.41 -19.95 -16.42
N THR B 76 10.08 -18.75 -15.94
CA THR B 76 8.82 -18.53 -15.24
C THR B 76 8.20 -17.25 -15.79
N PRO B 77 7.56 -17.33 -16.96
CA PRO B 77 6.99 -16.11 -17.57
C PRO B 77 5.79 -15.60 -16.78
N MET B 78 5.64 -14.27 -16.78
CA MET B 78 4.53 -13.63 -16.08
C MET B 78 3.43 -13.28 -17.09
N ARG B 79 2.27 -12.93 -16.56
CA ARG B 79 1.14 -12.48 -17.36
C ARG B 79 0.52 -11.25 -16.71
N GLU B 80 -0.08 -10.37 -17.51
CA GLU B 80 -0.79 -9.24 -16.90
C GLU B 80 -2.01 -9.76 -16.17
N LEU B 81 -2.18 -9.35 -14.91
CA LEU B 81 -3.15 -9.98 -14.02
C LEU B 81 -4.58 -9.48 -14.26
N ALA B 82 -4.75 -8.23 -14.68
CA ALA B 82 -6.07 -7.71 -15.06
C ALA B 82 -5.84 -6.70 -16.17
N PRO B 83 -6.75 -6.62 -17.15
CA PRO B 83 -6.50 -5.73 -18.30
C PRO B 83 -6.37 -4.27 -17.88
N GLY B 84 -5.42 -3.58 -18.51
CA GLY B 84 -5.22 -2.15 -18.28
C GLY B 84 -4.58 -1.77 -16.97
N THR B 85 -4.11 -2.73 -16.17
CA THR B 85 -3.55 -2.42 -14.86
C THR B 85 -2.02 -2.38 -14.84
N ASP B 86 -1.36 -2.98 -15.83
CA ASP B 86 0.08 -3.09 -15.88
C ASP B 86 0.66 -3.81 -14.67
N ARG B 87 -0.16 -4.62 -14.00
CA ARG B 87 0.30 -5.48 -12.91
C ARG B 87 0.45 -6.89 -13.45
N TRP B 88 1.65 -7.46 -13.31
CA TRP B 88 2.00 -8.76 -13.85
C TRP B 88 2.36 -9.70 -12.71
N GLY B 89 2.14 -11.01 -12.90
CA GLY B 89 2.45 -11.98 -11.86
C GLY B 89 2.71 -13.36 -12.42
N ALA B 90 3.42 -14.15 -11.62
CA ALA B 90 3.70 -15.56 -11.91
C ALA B 90 3.87 -16.27 -10.58
N THR B 91 3.59 -17.57 -10.57
CA THR B 91 3.76 -18.39 -9.38
C THR B 91 5.15 -19.02 -9.38
N VAL B 92 5.84 -18.93 -8.24
CA VAL B 92 7.13 -19.61 -8.05
C VAL B 92 7.00 -20.60 -6.91
N THR B 93 7.95 -21.53 -6.85
CA THR B 93 7.93 -22.57 -5.83
C THR B 93 9.30 -22.66 -5.17
N ALA B 94 9.30 -22.56 -3.85
CA ALA B 94 10.51 -22.65 -3.06
C ALA B 94 10.94 -24.09 -2.87
N GLY B 95 12.24 -24.34 -2.96
CA GLY B 95 12.76 -25.67 -2.72
C GLY B 95 13.37 -25.81 -1.34
N GLU B 96 14.67 -26.11 -1.29
CA GLU B 96 15.35 -26.37 -0.03
C GLU B 96 15.34 -25.13 0.87
N THR B 97 15.49 -25.37 2.18
CA THR B 97 15.51 -24.27 3.13
C THR B 97 16.76 -23.39 2.95
N GLY B 98 16.65 -22.15 3.41
CA GLY B 98 17.76 -21.22 3.41
C GLY B 98 17.31 -19.85 2.93
N THR B 99 18.26 -18.95 2.69
CA THR B 99 17.93 -17.61 2.24
C THR B 99 18.06 -17.54 0.72
N TRP B 100 16.94 -17.31 0.06
CA TRP B 100 16.82 -17.22 -1.39
C TRP B 100 16.68 -15.75 -1.77
N SER B 101 16.63 -15.48 -3.08
CA SER B 101 16.34 -14.14 -3.57
C SER B 101 15.51 -14.25 -4.83
N TYR B 102 14.79 -13.16 -5.17
CA TYR B 102 14.06 -13.15 -6.44
C TYR B 102 14.11 -11.77 -7.07
N THR B 103 14.10 -11.77 -8.40
CA THR B 103 14.02 -10.55 -9.21
C THR B 103 12.93 -10.74 -10.22
N VAL B 104 12.44 -9.62 -10.76
CA VAL B 104 11.56 -9.62 -11.92
C VAL B 104 12.36 -9.01 -13.07
N GLU B 105 12.35 -9.69 -14.21
CA GLU B 105 12.94 -9.17 -15.45
C GLU B 105 11.81 -8.78 -16.39
N ALA B 106 11.95 -7.62 -17.03
CA ALA B 106 10.97 -7.16 -17.99
C ALA B 106 11.70 -6.83 -19.29
N TRP B 107 10.95 -6.86 -20.38
CA TRP B 107 11.62 -6.81 -21.69
C TRP B 107 10.62 -6.42 -22.77
N GLY B 108 11.14 -5.81 -23.83
CA GLY B 108 10.35 -5.66 -25.03
C GLY B 108 10.13 -7.01 -25.67
N ASP B 109 8.92 -7.22 -26.18
CA ASP B 109 8.48 -8.47 -26.81
C ASP B 109 8.29 -8.22 -28.31
N PRO B 110 9.36 -8.28 -29.10
CA PRO B 110 9.23 -7.90 -30.52
C PRO B 110 8.38 -8.86 -31.34
N VAL B 111 8.37 -10.15 -31.04
CA VAL B 111 7.58 -11.09 -31.84
C VAL B 111 6.10 -10.81 -31.66
N THR B 112 5.65 -10.67 -30.41
CA THR B 112 4.25 -10.30 -30.17
C THR B 112 3.92 -8.98 -30.84
N THR B 113 4.84 -8.00 -30.77
CA THR B 113 4.60 -6.72 -31.41
C THR B 113 4.45 -6.88 -32.93
N TRP B 114 5.38 -7.60 -33.56
CA TRP B 114 5.33 -7.76 -35.01
C TRP B 114 4.06 -8.50 -35.44
N ARG B 115 3.73 -9.60 -34.76
CA ARG B 115 2.53 -10.36 -35.13
C ARG B 115 1.29 -9.50 -35.09
N HIS B 116 1.18 -8.62 -34.09
CA HIS B 116 0.00 -7.76 -34.01
C HIS B 116 -0.09 -6.87 -35.25
N HIS B 117 1.03 -6.26 -35.64
CA HIS B 117 1.00 -5.36 -36.79
C HIS B 117 0.79 -6.13 -38.09
N ALA B 118 1.44 -7.29 -38.23
CA ALA B 118 1.32 -8.07 -39.46
C ALA B 118 -0.11 -8.56 -39.66
N ARG B 119 -0.77 -8.99 -38.59
CA ARG B 119 -2.13 -9.47 -38.71
C ARG B 119 -3.09 -8.39 -39.22
N ILE B 120 -2.75 -7.12 -39.00
CA ILE B 120 -3.55 -6.02 -39.51
C ILE B 120 -3.12 -5.62 -40.91
N LYS B 121 -1.82 -5.36 -41.11
CA LYS B 121 -1.36 -4.74 -42.34
C LYS B 121 -1.41 -5.69 -43.55
N ILE B 122 -1.19 -6.99 -43.34
CA ILE B 122 -1.14 -7.93 -44.47
C ILE B 122 -2.50 -7.95 -45.16
N PRO B 123 -3.63 -8.22 -44.48
CA PRO B 123 -4.91 -8.16 -45.20
C PRO B 123 -5.24 -6.75 -45.70
N ALA B 124 -4.81 -5.70 -45.01
CA ALA B 124 -5.03 -4.35 -45.51
C ALA B 124 -4.16 -4.02 -46.72
N GLY B 125 -3.17 -4.85 -47.05
CA GLY B 125 -2.28 -4.54 -48.14
C GLY B 125 -1.36 -3.37 -47.91
N LEU B 126 -1.02 -3.10 -46.64
CA LEU B 126 -0.21 -1.93 -46.29
C LEU B 126 1.24 -2.36 -46.10
N ASP B 127 2.14 -1.86 -46.94
CA ASP B 127 3.59 -2.04 -46.78
C ASP B 127 3.97 -3.52 -46.64
N THR B 128 3.28 -4.40 -47.38
CA THR B 128 3.38 -5.83 -47.05
C THR B 128 4.78 -6.40 -47.31
N ASP B 129 5.49 -5.90 -48.33
CA ASP B 129 6.87 -6.34 -48.55
C ASP B 129 7.75 -6.02 -47.35
N LEU B 130 7.58 -4.82 -46.80
CA LEU B 130 8.39 -4.41 -45.64
C LEU B 130 8.00 -5.22 -44.39
N VAL B 131 6.70 -5.46 -44.21
CA VAL B 131 6.22 -6.19 -43.04
C VAL B 131 6.76 -7.62 -43.03
N LEU B 132 6.73 -8.28 -44.19
CA LEU B 132 7.18 -9.66 -44.25
C LEU B 132 8.70 -9.76 -44.11
N GLU B 133 9.45 -8.80 -44.67
CA GLU B 133 10.90 -8.84 -44.51
C GLU B 133 11.30 -8.54 -43.07
N GLU B 134 10.64 -7.59 -42.42
CA GLU B 134 10.91 -7.37 -41.01
C GLU B 134 10.62 -8.64 -40.21
N GLY B 135 9.54 -9.35 -40.54
CA GLY B 135 9.26 -10.61 -39.88
C GLY B 135 10.35 -11.65 -40.11
N ALA B 136 10.87 -11.73 -41.33
CA ALA B 136 11.91 -12.72 -41.60
C ALA B 136 13.18 -12.41 -40.82
N ARG B 137 13.59 -11.13 -40.79
CA ARG B 137 14.78 -10.75 -40.04
C ARG B 137 14.59 -10.97 -38.54
N LEU B 138 13.36 -10.75 -38.06
CA LEU B 138 13.05 -10.97 -36.65
C LEU B 138 13.15 -12.45 -36.27
N TYR B 139 12.54 -13.33 -37.07
CA TYR B 139 12.61 -14.76 -36.75
C TYR B 139 14.04 -15.30 -36.88
N GLU B 140 14.84 -14.71 -37.77
CA GLU B 140 16.25 -15.10 -37.84
C GLU B 140 16.97 -14.71 -36.56
N ARG B 141 16.65 -13.53 -36.03
CA ARG B 141 17.24 -13.09 -34.75
C ARG B 141 16.80 -14.02 -33.62
N ALA B 142 15.52 -14.40 -33.58
CA ALA B 142 15.07 -15.34 -32.55
C ALA B 142 15.78 -16.68 -32.68
N ALA B 143 16.05 -17.12 -33.92
CA ALA B 143 16.67 -18.42 -34.13
C ALA B 143 18.14 -18.45 -33.74
N ALA B 144 18.81 -17.30 -33.75
CA ALA B 144 20.23 -17.22 -33.46
C ALA B 144 20.57 -17.78 -32.08
N ASP B 145 19.62 -17.75 -31.16
CA ASP B 145 19.85 -18.13 -29.76
C ASP B 145 19.26 -19.47 -29.41
N VAL B 146 18.69 -20.19 -30.39
CA VAL B 146 17.97 -21.43 -30.13
C VAL B 146 18.95 -22.59 -30.30
N PRO B 147 19.32 -23.29 -29.24
CA PRO B 147 20.09 -24.52 -29.40
C PRO B 147 19.18 -25.70 -29.70
N GLY B 148 19.67 -26.60 -30.53
CA GLY B 148 18.87 -27.74 -30.94
C GLY B 148 18.51 -27.61 -32.40
N ARG B 149 19.09 -28.49 -33.23
CA ARG B 149 18.91 -28.40 -34.67
C ARG B 149 17.43 -28.35 -35.04
N GLU B 150 16.60 -29.14 -34.37
CA GLU B 150 15.18 -29.21 -34.73
C GLU B 150 14.49 -27.87 -34.55
N ASP B 151 14.68 -27.24 -33.39
CA ASP B 151 13.98 -26.00 -33.07
C ASP B 151 14.48 -24.85 -33.94
N ARG B 152 15.80 -24.73 -34.07
CA ARG B 152 16.37 -23.69 -34.91
C ARG B 152 15.94 -23.85 -36.36
N ARG B 153 15.90 -25.09 -36.87
CA ARG B 153 15.49 -25.33 -38.25
C ARG B 153 14.03 -24.95 -38.48
N GLU B 154 13.16 -25.26 -37.51
CA GLU B 154 11.75 -24.88 -37.61
C GLU B 154 11.61 -23.38 -37.81
N LEU B 155 12.34 -22.60 -37.02
CA LEU B 155 12.26 -21.15 -37.13
C LEU B 155 12.82 -20.68 -38.47
N LEU B 156 13.95 -21.26 -38.90
CA LEU B 156 14.55 -20.81 -40.16
C LEU B 156 13.68 -21.20 -41.36
N ALA B 157 12.89 -22.27 -41.23
CA ALA B 157 11.95 -22.61 -42.28
C ALA B 157 10.85 -21.57 -42.39
N ALA B 158 10.40 -21.01 -41.25
CA ALA B 158 9.43 -19.93 -41.29
C ALA B 158 10.04 -18.68 -41.89
N VAL B 159 11.32 -18.42 -41.59
CA VAL B 159 12.03 -17.31 -42.24
C VAL B 159 11.96 -17.46 -43.75
N ASP B 160 12.31 -18.64 -44.26
CA ASP B 160 12.36 -18.81 -45.71
C ASP B 160 10.98 -18.70 -46.34
N ALA B 161 9.94 -19.16 -45.64
CA ALA B 161 8.58 -19.02 -46.14
C ALA B 161 8.15 -17.56 -46.14
N LEU B 162 8.51 -16.80 -45.10
CA LEU B 162 8.21 -15.37 -45.10
C LEU B 162 8.85 -14.67 -46.28
N ARG B 163 10.03 -15.11 -46.72
CA ARG B 163 10.74 -14.46 -47.82
C ARG B 163 10.31 -14.96 -49.19
N ASP B 164 9.41 -15.93 -49.29
CA ASP B 164 9.16 -16.61 -50.56
C ASP B 164 8.13 -15.82 -51.35
N GLU B 165 8.63 -14.91 -52.19
CA GLU B 165 7.73 -14.02 -52.93
C GLU B 165 6.96 -14.75 -54.03
N SER B 166 7.22 -16.04 -54.26
CA SER B 166 6.39 -16.79 -55.19
C SER B 166 5.08 -17.29 -54.54
N ARG B 167 4.84 -16.98 -53.27
CA ARG B 167 3.59 -17.37 -52.60
C ARG B 167 2.81 -16.11 -52.21
N PRO B 168 1.50 -16.22 -52.01
CA PRO B 168 0.71 -15.02 -51.65
C PRO B 168 1.13 -14.47 -50.29
N ALA B 169 0.97 -13.14 -50.13
CA ALA B 169 1.35 -12.49 -48.89
C ALA B 169 0.71 -13.16 -47.67
N ALA B 170 -0.57 -13.52 -47.79
CA ALA B 170 -1.24 -14.15 -46.65
C ALA B 170 -0.66 -15.51 -46.33
N SER B 171 -0.20 -16.23 -47.36
CA SER B 171 0.42 -17.54 -47.14
CA SER B 171 0.42 -17.54 -47.14
C SER B 171 1.78 -17.39 -46.47
N ARG B 172 2.54 -16.37 -46.87
CA ARG B 172 3.84 -16.11 -46.27
C ARG B 172 3.68 -15.78 -44.79
N LEU B 173 2.72 -14.90 -44.46
CA LEU B 173 2.45 -14.58 -43.06
C LEU B 173 2.02 -15.82 -42.28
N ALA B 174 1.07 -16.59 -42.83
CA ALA B 174 0.53 -17.74 -42.12
C ALA B 174 1.63 -18.72 -41.71
N ALA B 175 2.69 -18.83 -42.50
CA ALA B 175 3.79 -19.73 -42.15
C ALA B 175 4.53 -19.28 -40.90
N ALA B 176 4.46 -18.00 -40.53
CA ALA B 176 5.10 -17.51 -39.32
C ALA B 176 4.24 -17.69 -38.07
N LEU B 177 3.01 -18.19 -38.22
CA LEU B 177 2.02 -18.18 -37.14
C LEU B 177 1.51 -19.59 -36.83
N THR B 178 2.30 -20.62 -37.13
CA THR B 178 1.85 -21.99 -36.93
C THR B 178 2.10 -22.45 -35.49
N PRO B 179 1.32 -23.44 -35.01
CA PRO B 179 1.55 -23.95 -33.65
C PRO B 179 2.96 -24.45 -33.42
N GLN B 180 3.59 -25.09 -34.41
CA GLN B 180 4.97 -25.55 -34.22
C GLN B 180 5.93 -24.37 -34.06
N VAL B 181 5.61 -23.22 -34.64
CA VAL B 181 6.46 -22.04 -34.46
C VAL B 181 6.26 -21.44 -33.07
N ASP B 182 4.99 -21.26 -32.67
CA ASP B 182 4.67 -20.83 -31.31
C ASP B 182 5.39 -21.68 -30.27
N ALA B 183 5.45 -23.00 -30.50
CA ALA B 183 6.06 -23.91 -29.53
C ALA B 183 7.53 -23.59 -29.29
N VAL B 184 8.28 -23.33 -30.37
CA VAL B 184 9.69 -22.98 -30.20
C VAL B 184 9.82 -21.65 -29.47
N LEU B 185 8.99 -20.66 -29.84
CA LEU B 185 9.08 -19.34 -29.25
C LEU B 185 8.71 -19.35 -27.78
N ALA B 186 7.78 -20.22 -27.38
CA ALA B 186 7.41 -20.32 -25.98
C ALA B 186 8.57 -20.84 -25.12
N ARG B 187 9.48 -21.61 -25.72
CA ARG B 187 10.62 -22.15 -24.99
C ARG B 187 11.89 -21.33 -25.13
N HIS B 188 12.04 -20.56 -26.21
CA HIS B 188 13.19 -19.69 -26.41
C HIS B 188 12.70 -18.31 -26.83
N PRO B 189 12.00 -17.60 -25.94
CA PRO B 189 11.45 -16.28 -26.31
C PRO B 189 12.55 -15.28 -26.62
N LEU B 190 12.26 -14.40 -27.57
CA LEU B 190 13.20 -13.36 -27.96
C LEU B 190 12.90 -12.11 -27.11
N ARG B 191 13.83 -11.76 -26.23
CA ARG B 191 13.63 -10.68 -25.27
C ARG B 191 14.59 -9.53 -25.57
N ASP B 192 14.05 -8.33 -25.71
CA ASP B 192 14.86 -7.14 -25.95
C ASP B 192 14.87 -6.23 -24.72
N LEU B 193 15.97 -5.48 -24.57
CA LEU B 193 16.06 -4.43 -23.54
C LEU B 193 15.83 -5.00 -22.13
N VAL B 194 16.33 -6.20 -21.88
CA VAL B 194 16.02 -6.90 -20.63
C VAL B 194 16.44 -6.06 -19.45
N THR B 195 15.51 -5.86 -18.52
CA THR B 195 15.71 -4.96 -17.39
C THR B 195 15.31 -5.70 -16.11
N SER B 196 16.15 -5.65 -15.09
CA SER B 196 15.92 -6.42 -13.87
C SER B 196 15.59 -5.50 -12.70
N SER B 197 14.69 -5.96 -11.83
CA SER B 197 14.58 -5.36 -10.51
C SER B 197 15.80 -5.72 -9.66
N ASP B 198 16.01 -4.94 -8.58
CA ASP B 198 17.02 -5.37 -7.61
C ASP B 198 16.49 -6.54 -6.78
N PRO B 199 17.36 -7.45 -6.35
CA PRO B 199 16.88 -8.68 -5.68
C PRO B 199 16.20 -8.38 -4.36
N LEU B 200 15.19 -9.20 -4.06
CA LEU B 200 14.49 -9.17 -2.77
C LEU B 200 14.72 -10.48 -2.04
N PRO B 201 14.82 -10.45 -0.71
CA PRO B 201 15.15 -11.66 0.06
C PRO B 201 13.94 -12.52 0.39
N LEU B 202 14.18 -13.84 0.39
CA LEU B 202 13.15 -14.82 0.73
C LEU B 202 13.74 -15.82 1.70
N LEU B 203 13.12 -15.98 2.86
CA LEU B 203 13.56 -16.96 3.86
C LEU B 203 12.67 -18.19 3.70
N VAL B 204 13.26 -19.30 3.27
CA VAL B 204 12.53 -20.55 3.07
C VAL B 204 12.79 -21.45 4.27
N GLU B 205 11.73 -21.88 4.95
CA GLU B 205 11.84 -22.65 6.19
C GLU B 205 11.20 -24.02 5.98
N ARG B 206 11.33 -24.90 6.97
CA ARG B 206 10.84 -26.26 6.82
C ARG B 206 9.30 -26.31 6.81
N GLU B 207 8.74 -27.40 6.25
CA GLU B 207 7.31 -27.46 6.01
C GLU B 207 6.49 -27.25 7.28
N ARG B 208 6.99 -27.74 8.43
CA ARG B 208 6.22 -27.63 9.67
C ARG B 208 5.97 -26.18 10.08
N ALA B 209 6.78 -25.22 9.59
CA ALA B 209 6.54 -23.82 9.90
C ALA B 209 5.19 -23.36 9.37
N LEU B 210 4.76 -23.91 8.22
CA LEU B 210 3.47 -23.57 7.61
C LEU B 210 2.38 -24.60 7.88
N TYR B 211 2.73 -25.88 7.94
CA TYR B 211 1.75 -26.97 7.90
C TYR B 211 1.93 -27.89 9.11
N GLY B 212 0.85 -28.14 9.83
CA GLY B 212 0.88 -29.06 10.96
C GLY B 212 -0.36 -28.96 11.84
N ALA B 213 -0.70 -30.05 12.53
CA ALA B 213 -1.84 -30.07 13.43
C ALA B 213 -1.31 -30.15 14.87
N TRP B 214 -1.82 -29.27 15.73
CA TRP B 214 -1.28 -29.10 17.08
C TRP B 214 -2.29 -29.53 18.14
N TYR B 215 -1.81 -30.17 19.21
CA TYR B 215 -2.63 -30.58 20.33
C TYR B 215 -1.98 -30.13 21.63
N GLU B 216 -2.73 -29.43 22.47
CA GLU B 216 -2.22 -28.87 23.73
C GLU B 216 -2.81 -29.64 24.89
N PHE B 217 -1.96 -30.11 25.81
CA PHE B 217 -2.49 -30.70 27.05
C PHE B 217 -1.53 -30.46 28.21
N PHE B 218 -2.06 -30.60 29.44
CA PHE B 218 -1.30 -30.40 30.68
C PHE B 218 -0.82 -31.74 31.17
N PRO B 219 0.49 -32.03 31.18
CA PRO B 219 0.94 -33.33 31.71
C PRO B 219 0.44 -33.66 33.12
N ARG B 220 0.37 -32.65 34.02
CA ARG B 220 -0.05 -32.92 35.39
C ARG B 220 -1.48 -33.40 35.50
N SER B 221 -2.34 -33.10 34.53
CA SER B 221 -3.71 -33.61 34.60
C SER B 221 -3.80 -35.10 34.25
N GLU B 222 -2.76 -35.65 33.61
CA GLU B 222 -2.80 -37.03 33.12
C GLU B 222 -2.08 -37.94 34.11
N GLY B 223 -2.70 -38.06 35.28
CA GLY B 223 -2.21 -38.89 36.37
C GLY B 223 -2.99 -40.18 36.49
N THR B 224 -3.02 -40.72 37.71
CA THR B 224 -3.63 -42.00 38.01
C THR B 224 -4.60 -41.84 39.17
N PRO B 225 -5.47 -42.83 39.40
CA PRO B 225 -6.36 -42.75 40.58
C PRO B 225 -5.60 -42.58 41.89
N HIS B 226 -4.45 -43.22 42.02
CA HIS B 226 -3.71 -43.17 43.27
C HIS B 226 -2.74 -42.00 43.35
N THR B 227 -2.30 -41.47 42.22
CA THR B 227 -1.38 -40.32 42.18
C THR B 227 -1.96 -39.32 41.18
N PRO B 228 -2.87 -38.46 41.62
CA PRO B 228 -3.58 -37.58 40.67
C PRO B 228 -2.67 -36.62 39.91
N HIS B 229 -1.56 -36.16 40.49
CA HIS B 229 -0.66 -35.26 39.76
C HIS B 229 0.15 -36.11 38.78
N GLY B 230 -0.11 -35.93 37.47
CA GLY B 230 0.61 -36.71 36.48
C GLY B 230 2.10 -36.44 36.52
N THR B 231 2.87 -37.44 36.09
CA THR B 231 4.30 -37.30 35.81
C THR B 231 4.51 -37.35 34.32
N PHE B 232 5.76 -37.08 33.88
CA PHE B 232 6.05 -37.28 32.46
C PHE B 232 5.83 -38.73 32.05
N ARG B 233 6.05 -39.68 32.97
CA ARG B 233 5.85 -41.08 32.62
C ARG B 233 4.36 -41.43 32.50
N THR B 234 3.51 -40.87 33.36
CA THR B 234 2.08 -41.15 33.16
C THR B 234 1.52 -40.35 31.99
N ALA B 235 2.00 -39.12 31.79
CA ALA B 235 1.52 -38.31 30.68
C ALA B 235 1.95 -38.88 29.33
N ALA B 236 3.08 -39.58 29.28
CA ALA B 236 3.50 -40.21 28.02
C ALA B 236 2.46 -41.19 27.50
N ARG B 237 1.66 -41.77 28.40
CA ARG B 237 0.62 -42.72 28.01
C ARG B 237 -0.52 -42.07 27.25
N ARG B 238 -0.59 -40.74 27.25
CA ARG B 238 -1.59 -40.03 26.48
C ARG B 238 -1.15 -39.79 25.04
N LEU B 239 0.15 -39.87 24.78
CA LEU B 239 0.66 -39.61 23.43
C LEU B 239 0.09 -40.54 22.36
N PRO B 240 -0.10 -41.85 22.59
CA PRO B 240 -0.69 -42.68 21.52
C PRO B 240 -2.04 -42.18 21.03
N ALA B 241 -2.91 -41.72 21.93
CA ALA B 241 -4.22 -41.24 21.48
C ALA B 241 -4.09 -39.94 20.68
N ILE B 242 -3.13 -39.10 21.06
CA ILE B 242 -2.93 -37.85 20.33
C ILE B 242 -2.42 -38.15 18.92
N ALA B 243 -1.46 -39.06 18.80
CA ALA B 243 -0.96 -39.45 17.48
C ALA B 243 -2.04 -40.11 16.65
N ALA B 244 -2.92 -40.87 17.30
CA ALA B 244 -4.03 -41.52 16.61
C ALA B 244 -5.06 -40.52 16.09
N MET B 245 -5.24 -39.35 16.73
CA MET B 245 -6.10 -38.38 16.04
C MET B 245 -5.37 -37.57 14.96
N GLY B 246 -4.14 -37.93 14.62
CA GLY B 246 -3.49 -37.34 13.48
C GLY B 246 -2.77 -36.04 13.76
N PHE B 247 -2.42 -35.77 15.02
CA PHE B 247 -1.67 -34.55 15.31
C PHE B 247 -0.18 -34.75 15.04
N ASP B 248 0.51 -33.63 14.80
CA ASP B 248 1.94 -33.60 14.53
C ASP B 248 2.76 -32.97 15.63
N VAL B 249 2.16 -32.05 16.38
CA VAL B 249 2.85 -31.26 17.41
C VAL B 249 2.05 -31.37 18.70
N VAL B 250 2.76 -31.57 19.80
CA VAL B 250 2.18 -31.53 21.14
C VAL B 250 2.73 -30.29 21.84
N TYR B 251 1.84 -29.36 22.21
CA TYR B 251 2.23 -28.13 22.90
C TYR B 251 1.94 -28.31 24.39
N LEU B 252 2.98 -28.16 25.21
CA LEU B 252 2.84 -28.30 26.67
C LEU B 252 2.91 -26.93 27.33
N PRO B 253 2.00 -26.61 28.26
CA PRO B 253 2.21 -25.47 29.16
C PRO B 253 3.53 -25.62 29.91
N PRO B 254 4.01 -24.56 30.56
CA PRO B 254 5.32 -24.62 31.23
C PRO B 254 5.48 -25.84 32.16
N ILE B 255 6.66 -26.44 32.11
CA ILE B 255 6.96 -27.70 32.78
C ILE B 255 7.93 -27.49 33.96
N HIS B 256 8.08 -26.27 34.44
CA HIS B 256 9.06 -25.90 35.45
C HIS B 256 8.43 -25.85 36.83
N PRO B 257 9.24 -25.72 37.89
CA PRO B 257 8.68 -25.51 39.22
C PRO B 257 7.79 -24.28 39.24
N ILE B 258 6.83 -24.29 40.17
CA ILE B 258 5.82 -23.25 40.27
C ILE B 258 5.99 -22.53 41.60
N GLY B 259 5.93 -21.19 41.56
CA GLY B 259 6.10 -20.42 42.78
C GLY B 259 4.99 -20.64 43.78
N THR B 260 5.29 -20.32 45.04
CA THR B 260 4.29 -20.35 46.09
C THR B 260 3.79 -18.97 46.52
N THR B 261 4.63 -17.94 46.45
CA THR B 261 4.20 -16.60 46.85
C THR B 261 3.13 -16.10 45.89
N HIS B 262 1.97 -15.70 46.44
CA HIS B 262 0.83 -15.25 45.65
C HIS B 262 0.35 -16.30 44.65
N ARG B 263 0.60 -17.57 44.91
CA ARG B 263 0.03 -18.62 44.05
C ARG B 263 -1.48 -18.48 43.97
N LYS B 264 -2.02 -18.69 42.77
CA LYS B 264 -3.46 -18.58 42.55
C LYS B 264 -4.15 -19.90 42.89
N GLY B 265 -5.37 -19.80 43.40
CA GLY B 265 -6.20 -20.96 43.70
C GLY B 265 -7.12 -21.30 42.54
N ARG B 266 -8.02 -22.24 42.80
N ARG B 266 -8.03 -22.23 42.80
CA ARG B 266 -8.95 -22.67 41.77
CA ARG B 266 -8.97 -22.67 41.78
C ARG B 266 -9.80 -21.51 41.26
C ARG B 266 -9.81 -21.52 41.26
N ASN B 267 -10.16 -21.58 39.97
CA ASN B 267 -11.00 -20.57 39.34
C ASN B 267 -10.40 -19.17 39.42
N ASN B 268 -9.08 -19.08 39.29
CA ASN B 268 -8.39 -17.79 39.24
C ASN B 268 -8.62 -16.98 40.52
N THR B 269 -8.73 -17.64 41.67
CA THR B 269 -8.82 -16.94 42.93
C THR B 269 -7.42 -16.56 43.43
N LEU B 270 -7.36 -15.57 44.32
CA LEU B 270 -6.07 -14.95 44.62
C LEU B 270 -5.25 -15.69 45.67
N SER B 271 -5.86 -16.56 46.47
CA SER B 271 -5.11 -17.28 47.49
C SER B 271 -5.30 -18.78 47.31
N ALA B 272 -4.19 -19.49 47.22
CA ALA B 272 -4.20 -20.94 47.09
C ALA B 272 -4.29 -21.58 48.47
N THR B 273 -4.97 -22.72 48.52
CA THR B 273 -4.96 -23.56 49.72
C THR B 273 -3.71 -24.43 49.71
N GLY B 274 -3.63 -25.35 50.66
CA GLY B 274 -2.45 -26.19 50.77
C GLY B 274 -2.25 -27.19 49.64
N ASP B 275 -3.33 -27.73 49.09
CA ASP B 275 -3.20 -28.72 48.01
C ASP B 275 -3.16 -28.09 46.62
N ASP B 276 -3.53 -26.82 46.49
CA ASP B 276 -3.68 -26.20 45.17
C ASP B 276 -2.37 -26.22 44.40
N VAL B 277 -2.46 -26.49 43.09
CA VAL B 277 -1.26 -26.67 42.28
C VAL B 277 -0.76 -25.38 41.63
N GLY B 278 -1.60 -24.34 41.56
CA GLY B 278 -1.17 -23.08 40.97
C GLY B 278 -1.11 -23.12 39.45
N SER B 279 -0.81 -21.96 38.90
CA SER B 279 -0.69 -21.80 37.45
C SER B 279 0.72 -22.18 37.00
N PRO B 280 0.86 -23.03 35.97
CA PRO B 280 2.20 -23.36 35.46
C PRO B 280 2.96 -22.15 34.94
N TRP B 281 2.27 -21.05 34.59
CA TRP B 281 2.95 -19.88 34.09
C TRP B 281 3.60 -19.07 35.21
N ALA B 282 3.36 -19.40 36.47
CA ALA B 282 4.06 -18.73 37.58
C ALA B 282 5.38 -19.45 37.85
N ILE B 283 6.33 -19.24 36.93
CA ILE B 283 7.53 -20.08 36.82
C ILE B 283 8.55 -19.71 37.89
N GLY B 284 9.06 -20.71 38.57
CA GLY B 284 10.28 -20.56 39.37
C GLY B 284 10.05 -20.67 40.87
N SER B 285 11.01 -21.30 41.56
CA SER B 285 10.99 -21.47 43.00
C SER B 285 12.41 -21.82 43.45
N PRO B 286 12.67 -22.04 44.74
CA PRO B 286 13.99 -22.57 45.14
C PRO B 286 14.34 -23.88 44.44
N GLU B 287 13.35 -24.61 43.93
CA GLU B 287 13.60 -25.84 43.18
C GLU B 287 14.18 -25.60 41.78
N GLY B 288 14.14 -24.37 41.28
CA GLY B 288 14.77 -24.09 40.02
C GLY B 288 13.92 -23.17 39.16
N GLY B 289 14.47 -22.74 38.03
CA GLY B 289 13.77 -21.84 37.13
C GLY B 289 13.41 -22.44 35.78
N HIS B 290 13.58 -21.65 34.73
CA HIS B 290 13.14 -22.02 33.38
C HIS B 290 13.93 -23.18 32.78
N ASP B 291 15.06 -23.56 33.38
CA ASP B 291 15.87 -24.66 32.89
C ASP B 291 15.69 -25.93 33.72
N SER B 292 14.65 -25.99 34.53
CA SER B 292 14.43 -27.10 35.45
CA SER B 292 14.45 -27.12 35.43
C SER B 292 13.04 -27.68 35.26
N ILE B 293 12.85 -28.89 35.80
CA ILE B 293 11.59 -29.62 35.75
C ILE B 293 10.87 -29.52 37.09
N HIS B 294 9.57 -29.26 37.05
CA HIS B 294 8.70 -29.37 38.21
C HIS B 294 8.93 -30.74 38.88
N PRO B 295 9.31 -30.78 40.16
CA PRO B 295 9.61 -32.09 40.76
C PRO B 295 8.45 -33.08 40.72
N ALA B 296 7.19 -32.61 40.75
CA ALA B 296 6.07 -33.54 40.64
C ALA B 296 5.95 -34.15 39.24
N LEU B 297 6.54 -33.52 38.22
CA LEU B 297 6.55 -34.14 36.90
C LEU B 297 7.67 -35.17 36.76
N GLY B 298 8.71 -35.10 37.59
CA GLY B 298 9.82 -36.02 37.50
C GLY B 298 11.12 -35.28 37.27
N THR B 299 12.03 -35.95 36.55
CA THR B 299 13.37 -35.45 36.29
C THR B 299 13.54 -35.16 34.82
N LEU B 300 14.69 -34.58 34.49
CA LEU B 300 15.08 -34.37 33.11
C LEU B 300 15.14 -35.69 32.33
N ASP B 301 15.57 -36.78 32.99
CA ASP B 301 15.55 -38.08 32.30
C ASP B 301 14.13 -38.50 31.97
N ASP B 302 13.17 -38.22 32.86
CA ASP B 302 11.77 -38.52 32.56
C ASP B 302 11.29 -37.68 31.39
N PHE B 303 11.73 -36.41 31.32
CA PHE B 303 11.34 -35.58 30.19
C PHE B 303 11.94 -36.13 28.89
N ASP B 304 13.18 -36.60 28.94
CA ASP B 304 13.77 -37.21 27.74
C ASP B 304 12.96 -38.42 27.28
N HIS B 305 12.50 -39.24 28.23
CA HIS B 305 11.64 -40.37 27.91
C HIS B 305 10.39 -39.91 27.17
N PHE B 306 9.71 -38.90 27.70
CA PHE B 306 8.53 -38.31 27.05
C PHE B 306 8.85 -37.87 25.62
N VAL B 307 9.97 -37.16 25.43
CA VAL B 307 10.32 -36.71 24.09
C VAL B 307 10.58 -37.90 23.16
N THR B 308 11.30 -38.90 23.67
CA THR B 308 11.61 -40.08 22.86
C THR B 308 10.34 -40.79 22.43
N GLU B 309 9.42 -41.03 23.36
CA GLU B 309 8.15 -41.68 23.02
C GLU B 309 7.36 -40.87 22.02
N ALA B 310 7.31 -39.55 22.20
CA ALA B 310 6.62 -38.71 21.22
C ALA B 310 7.21 -38.87 19.83
N GLY B 311 8.54 -38.80 19.73
CA GLY B 311 9.17 -38.88 18.42
C GLY B 311 8.90 -40.20 17.73
N LYS B 312 8.83 -41.29 18.49
CA LYS B 312 8.52 -42.60 17.93
C LYS B 312 7.12 -42.63 17.33
N LEU B 313 6.20 -41.83 17.88
CA LEU B 313 4.84 -41.73 17.38
C LEU B 313 4.69 -40.65 16.32
N GLY B 314 5.79 -40.00 15.93
CA GLY B 314 5.73 -38.94 14.94
C GLY B 314 5.25 -37.61 15.49
N LEU B 315 5.44 -37.38 16.78
CA LEU B 315 5.01 -36.14 17.42
C LEU B 315 6.23 -35.31 17.80
N GLU B 316 6.21 -34.03 17.43
CA GLU B 316 7.20 -33.05 17.87
C GLU B 316 6.68 -32.31 19.10
N ILE B 317 7.58 -31.97 20.02
CA ILE B 317 7.19 -31.25 21.24
C ILE B 317 7.38 -29.75 21.02
N ALA B 318 6.39 -28.95 21.39
CA ALA B 318 6.53 -27.50 21.51
C ALA B 318 6.44 -27.16 22.99
N LEU B 319 7.47 -26.52 23.51
CA LEU B 319 7.45 -26.04 24.89
C LEU B 319 7.02 -24.57 24.96
N ASP B 320 6.28 -24.26 26.02
CA ASP B 320 5.88 -22.90 26.32
C ASP B 320 7.10 -22.13 26.81
N PHE B 321 7.33 -20.95 26.23
CA PHE B 321 8.42 -20.10 26.73
C PHE B 321 7.82 -18.78 27.21
N ALA B 322 7.81 -18.58 28.53
CA ALA B 322 7.14 -17.45 29.16
C ALA B 322 8.22 -16.62 29.86
N LEU B 323 8.55 -15.48 29.29
CA LEU B 323 9.63 -14.63 29.81
C LEU B 323 9.01 -13.75 30.89
N GLN B 324 8.98 -14.29 32.11
CA GLN B 324 8.29 -13.78 33.29
C GLN B 324 8.65 -14.76 34.41
N CYS B 325 8.35 -14.39 35.65
CA CYS B 325 8.57 -15.39 36.68
C CYS B 325 7.76 -15.09 37.93
N SER B 326 7.65 -16.12 38.76
CA SER B 326 7.02 -15.96 40.06
C SER B 326 7.97 -15.17 40.97
N PRO B 327 7.45 -14.66 42.08
CA PRO B 327 8.33 -13.95 43.04
C PRO B 327 9.40 -14.84 43.65
N ASP B 328 9.30 -16.16 43.53
CA ASP B 328 10.24 -17.10 44.12
C ASP B 328 11.30 -17.60 43.16
N HIS B 329 11.26 -17.15 41.91
CA HIS B 329 12.23 -17.58 40.92
C HIS B 329 13.64 -17.11 41.32
N PRO B 330 14.68 -17.92 41.07
CA PRO B 330 16.05 -17.48 41.37
C PRO B 330 16.44 -16.13 40.77
N TRP B 331 15.92 -15.78 39.57
CA TRP B 331 16.23 -14.47 38.99
C TRP B 331 15.96 -13.31 39.92
N VAL B 332 14.95 -13.42 40.78
CA VAL B 332 14.51 -12.26 41.56
C VAL B 332 15.64 -11.78 42.48
N HIS B 333 16.42 -12.69 43.06
CA HIS B 333 17.60 -12.26 43.80
C HIS B 333 18.89 -12.32 43.00
N LYS B 334 18.98 -13.15 41.97
CA LYS B 334 20.23 -13.23 41.22
C LYS B 334 20.39 -12.08 40.23
N HIS B 335 19.29 -11.60 39.67
CA HIS B 335 19.31 -10.56 38.65
C HIS B 335 18.21 -9.56 38.94
N PRO B 336 18.32 -8.81 40.05
CA PRO B 336 17.28 -7.82 40.34
C PRO B 336 17.13 -6.80 39.23
N GLU B 337 18.19 -6.53 38.48
CA GLU B 337 18.01 -5.51 37.44
C GLU B 337 17.16 -5.98 36.26
N TRP B 338 16.70 -7.23 36.25
CA TRP B 338 15.73 -7.67 35.24
C TRP B 338 14.29 -7.33 35.62
N PHE B 339 14.07 -6.51 36.65
CA PHE B 339 12.73 -6.16 37.10
C PHE B 339 12.67 -4.67 37.40
N HIS B 340 11.49 -4.08 37.18
CA HIS B 340 11.27 -2.70 37.59
C HIS B 340 10.82 -2.66 39.04
N HIS B 341 11.60 -2.00 39.88
CA HIS B 341 11.26 -1.84 41.29
C HIS B 341 10.75 -0.43 41.51
N ARG B 342 9.64 -0.32 42.25
CA ARG B 342 9.09 0.95 42.67
C ARG B 342 9.93 1.49 43.83
N PRO B 343 9.69 2.74 44.26
CA PRO B 343 10.58 3.34 45.27
C PRO B 343 10.67 2.56 46.57
N ASP B 344 9.64 1.81 46.95
CA ASP B 344 9.68 0.98 48.16
C ASP B 344 10.24 -0.41 47.89
N GLY B 345 10.81 -0.64 46.71
CA GLY B 345 11.39 -1.93 46.38
C GLY B 345 10.42 -2.94 45.79
N THR B 346 9.12 -2.66 45.81
CA THR B 346 8.16 -3.64 45.31
C THR B 346 8.20 -3.71 43.78
N ILE B 347 7.90 -4.91 43.27
CA ILE B 347 7.76 -5.15 41.84
C ILE B 347 6.28 -5.36 41.57
N ALA B 348 5.68 -4.47 40.79
CA ALA B 348 4.27 -4.59 40.44
C ALA B 348 4.03 -5.87 39.67
N HIS B 349 2.95 -6.58 40.00
CA HIS B 349 2.68 -7.83 39.29
C HIS B 349 2.30 -7.53 37.83
N ALA B 350 2.48 -8.55 37.00
CA ALA B 350 2.22 -8.39 35.57
C ALA B 350 0.73 -8.22 35.32
N GLU B 351 0.44 -7.60 34.18
CA GLU B 351 -0.91 -7.30 33.74
C GLU B 351 -0.92 -7.31 32.22
N ASN B 352 -2.05 -7.72 31.65
CA ASN B 352 -2.28 -7.66 30.20
C ASN B 352 -3.74 -7.24 30.07
N PRO B 353 -4.04 -5.99 30.41
CA PRO B 353 -5.41 -5.60 30.81
C PRO B 353 -6.42 -5.97 29.75
N PRO B 354 -7.63 -6.39 30.18
CA PRO B 354 -8.01 -6.34 31.60
C PRO B 354 -7.58 -7.56 32.43
N LYS B 355 -6.72 -8.42 31.91
CA LYS B 355 -6.24 -9.54 32.72
C LYS B 355 -5.24 -9.03 33.76
N LYS B 356 -5.29 -9.61 34.97
CA LYS B 356 -4.29 -9.36 36.02
C LYS B 356 -3.61 -10.67 36.41
N TYR B 357 -2.29 -10.61 36.57
CA TYR B 357 -1.49 -11.80 36.86
C TYR B 357 -0.78 -11.59 38.20
N GLN B 358 -1.53 -11.67 39.31
CA GLN B 358 -0.97 -11.35 40.63
C GLN B 358 0.14 -12.30 41.04
N ASP B 359 0.26 -13.46 40.40
CA ASP B 359 1.24 -14.46 40.78
C ASP B 359 2.59 -14.34 40.08
N ILE B 360 2.79 -13.34 39.21
CA ILE B 360 4.05 -13.21 38.48
C ILE B 360 4.49 -11.76 38.40
N TYR B 361 5.80 -11.59 38.18
CA TYR B 361 6.49 -10.35 37.85
C TYR B 361 6.77 -10.31 36.36
N PRO B 362 6.57 -9.16 35.71
CA PRO B 362 7.06 -8.97 34.35
C PRO B 362 8.53 -8.57 34.35
N ILE B 363 9.18 -8.79 33.21
CA ILE B 363 10.62 -8.52 33.04
C ILE B 363 10.80 -7.06 32.59
N ALA B 364 11.86 -6.43 33.07
CA ALA B 364 12.28 -5.10 32.62
C ALA B 364 13.55 -5.25 31.79
N PHE B 365 13.61 -4.55 30.64
CA PHE B 365 14.57 -4.86 29.60
C PHE B 365 15.71 -3.87 29.44
N ASP B 366 15.69 -2.73 30.11
CA ASP B 366 16.64 -1.69 29.76
C ASP B 366 17.78 -1.51 30.75
N ALA B 367 17.77 -2.21 31.88
CA ALA B 367 18.95 -2.16 32.74
C ALA B 367 20.04 -3.12 32.27
N ASP B 368 19.68 -4.33 31.80
CA ASP B 368 20.67 -5.33 31.39
C ASP B 368 20.16 -6.09 30.19
N PRO B 369 20.05 -5.43 29.03
CA PRO B 369 19.51 -6.12 27.84
C PRO B 369 20.37 -7.27 27.38
N ASP B 370 21.71 -7.12 27.44
CA ASP B 370 22.60 -8.19 27.00
C ASP B 370 22.49 -9.41 27.90
N GLY B 371 22.39 -9.21 29.21
CA GLY B 371 22.28 -10.34 30.12
C GLY B 371 20.99 -11.12 29.90
N LEU B 372 19.89 -10.41 29.69
CA LEU B 372 18.61 -11.07 29.40
C LEU B 372 18.66 -11.85 28.10
N ALA B 373 19.24 -11.25 27.06
CA ALA B 373 19.33 -11.96 25.79
C ALA B 373 20.19 -13.20 25.92
N THR B 374 21.33 -13.07 26.63
CA THR B 374 22.19 -14.22 26.85
C THR B 374 21.49 -15.33 27.62
N GLU B 375 20.72 -14.96 28.65
CA GLU B 375 20.03 -15.97 29.46
C GLU B 375 18.88 -16.60 28.68
N THR B 376 18.16 -15.80 27.91
CA THR B 376 17.06 -16.33 27.10
C THR B 376 17.55 -17.39 26.13
N VAL B 377 18.59 -17.09 25.34
CA VAL B 377 19.06 -18.07 24.37
C VAL B 377 19.73 -19.25 25.07
N ARG B 378 20.30 -19.05 26.27
CA ARG B 378 20.79 -20.21 27.03
C ARG B 378 19.65 -21.17 27.36
N ILE B 379 18.52 -20.64 27.86
CA ILE B 379 17.39 -21.49 28.22
C ILE B 379 16.85 -22.21 27.00
N LEU B 380 16.69 -21.47 25.89
CA LEU B 380 16.17 -22.10 24.67
C LEU B 380 17.10 -23.22 24.20
N ARG B 381 18.42 -22.98 24.23
CA ARG B 381 19.37 -23.98 23.76
C ARG B 381 19.38 -25.20 24.66
N HIS B 382 19.10 -25.02 25.94
CA HIS B 382 18.99 -26.16 26.83
C HIS B 382 17.86 -27.09 26.38
N TRP B 383 16.66 -26.54 26.18
CA TRP B 383 15.55 -27.38 25.74
C TRP B 383 15.81 -27.93 24.34
N MET B 384 16.44 -27.13 23.50
CA MET B 384 16.81 -27.54 22.15
C MET B 384 17.74 -28.76 22.20
N ASP B 385 18.67 -28.77 23.15
CA ASP B 385 19.57 -29.92 23.34
C ASP B 385 18.81 -31.17 23.76
N HIS B 386 17.64 -31.01 24.38
CA HIS B 386 16.80 -32.13 24.76
C HIS B 386 15.66 -32.37 23.76
N GLY B 387 15.84 -31.92 22.52
CA GLY B 387 14.98 -32.35 21.43
C GLY B 387 13.79 -31.46 21.16
N VAL B 388 13.69 -30.32 21.82
CA VAL B 388 12.58 -29.38 21.61
C VAL B 388 12.99 -28.40 20.52
N ARG B 389 12.29 -28.44 19.38
CA ARG B 389 12.61 -27.59 18.25
C ARG B 389 11.49 -26.60 17.91
N ILE B 390 10.52 -26.45 18.80
CA ILE B 390 9.39 -25.54 18.61
C ILE B 390 9.09 -24.90 19.96
N PHE B 391 8.87 -23.58 19.97
CA PHE B 391 8.56 -22.87 21.20
C PHE B 391 7.31 -22.01 21.00
N ARG B 392 6.37 -22.13 21.93
CA ARG B 392 5.16 -21.31 21.95
C ARG B 392 5.44 -20.16 22.92
N VAL B 393 5.59 -18.94 22.39
CA VAL B 393 6.07 -17.80 23.17
C VAL B 393 4.87 -16.99 23.68
N ASP B 394 4.74 -16.88 25.01
CA ASP B 394 3.61 -16.17 25.61
C ASP B 394 3.69 -14.68 25.40
N ASN B 395 2.53 -14.08 25.11
CA ASN B 395 2.33 -12.62 25.12
C ASN B 395 3.58 -11.89 24.64
N PRO B 396 4.14 -12.20 23.47
CA PRO B 396 5.43 -11.57 23.11
C PRO B 396 5.34 -10.07 22.97
N HIS B 397 4.14 -9.55 22.74
CA HIS B 397 3.92 -8.11 22.59
C HIS B 397 4.12 -7.31 23.88
N THR B 398 4.27 -7.97 25.03
CA THR B 398 4.60 -7.25 26.25
C THR B 398 6.10 -7.22 26.53
N LYS B 399 6.91 -7.74 25.61
CA LYS B 399 8.36 -7.60 25.60
C LYS B 399 8.76 -6.88 24.30
N PRO B 400 9.95 -6.25 24.27
CA PRO B 400 10.29 -5.41 23.11
C PRO B 400 10.39 -6.21 21.82
N VAL B 401 9.85 -5.64 20.74
CA VAL B 401 9.91 -6.28 19.43
C VAL B 401 11.36 -6.57 19.04
N ALA B 402 12.25 -5.60 19.27
CA ALA B 402 13.65 -5.77 18.92
C ALA B 402 14.33 -6.84 19.77
N PHE B 403 13.83 -7.11 20.97
CA PHE B 403 14.37 -8.21 21.76
C PHE B 403 14.11 -9.54 21.08
N TRP B 404 12.88 -9.74 20.62
CA TRP B 404 12.58 -10.99 19.89
C TRP B 404 13.34 -11.06 18.59
N GLU B 405 13.47 -9.93 17.88
CA GLU B 405 14.25 -9.96 16.64
C GLU B 405 15.66 -10.47 16.92
N ARG B 406 16.28 -9.97 18.00
CA ARG B 406 17.64 -10.40 18.36
C ARG B 406 17.68 -11.88 18.74
N VAL B 407 16.75 -12.31 19.59
CA VAL B 407 16.75 -13.68 20.11
C VAL B 407 16.53 -14.68 18.97
N ILE B 408 15.52 -14.43 18.14
CA ILE B 408 15.20 -15.34 17.05
C ILE B 408 16.36 -15.42 16.06
N ALA B 409 16.98 -14.28 15.74
CA ALA B 409 18.13 -14.31 14.84
C ALA B 409 19.30 -15.11 15.42
N ASP B 410 19.52 -14.99 16.73
CA ASP B 410 20.57 -15.75 17.40
C ASP B 410 20.31 -17.25 17.28
N ILE B 411 19.13 -17.69 17.70
CA ILE B 411 18.80 -19.12 17.69
C ILE B 411 18.80 -19.68 16.27
N ASN B 412 18.10 -18.99 15.34
CA ASN B 412 18.03 -19.50 13.98
C ASN B 412 19.36 -19.38 13.25
N GLY B 413 20.28 -18.56 13.76
CA GLY B 413 21.60 -18.47 13.14
C GLY B 413 22.39 -19.77 13.27
N THR B 414 22.27 -20.44 14.41
CA THR B 414 22.88 -21.74 14.60
C THR B 414 21.93 -22.90 14.31
N ASP B 415 20.61 -22.68 14.46
CA ASP B 415 19.62 -23.75 14.39
C ASP B 415 18.41 -23.26 13.61
N PRO B 416 18.52 -23.18 12.28
CA PRO B 416 17.42 -22.58 11.48
C PRO B 416 16.12 -23.39 11.49
N ASP B 417 16.14 -24.63 11.96
CA ASP B 417 14.92 -25.43 12.02
C ASP B 417 14.00 -25.03 13.17
N VAL B 418 14.48 -24.25 14.14
CA VAL B 418 13.65 -23.97 15.31
C VAL B 418 12.50 -23.06 14.89
N ILE B 419 11.28 -23.39 15.35
CA ILE B 419 10.06 -22.68 15.03
C ILE B 419 9.58 -21.94 16.29
N PHE B 420 9.29 -20.64 16.15
CA PHE B 420 8.72 -19.82 17.22
C PHE B 420 7.30 -19.43 16.86
N LEU B 421 6.36 -19.68 17.77
CA LEU B 421 4.95 -19.33 17.59
C LEU B 421 4.61 -18.17 18.54
N ALA B 422 4.12 -17.05 17.99
CA ALA B 422 3.83 -15.85 18.77
C ALA B 422 2.39 -15.88 19.25
N GLU B 423 2.19 -15.95 20.58
CA GLU B 423 0.84 -15.84 21.16
C GLU B 423 0.55 -14.38 21.49
N ALA B 424 0.35 -13.57 20.43
CA ALA B 424 0.11 -12.15 20.56
C ALA B 424 -1.32 -11.81 20.12
N PHE B 425 -2.26 -11.85 21.06
CA PHE B 425 -3.64 -11.43 20.81
C PHE B 425 -3.71 -9.94 21.16
N THR B 426 -3.48 -9.08 20.17
CA THR B 426 -3.27 -7.67 20.48
C THR B 426 -3.64 -6.83 19.25
N ARG B 427 -3.19 -5.59 19.22
CA ARG B 427 -3.53 -4.70 18.12
C ARG B 427 -2.80 -5.16 16.84
N PRO B 428 -3.36 -4.84 15.67
CA PRO B 428 -2.81 -5.42 14.43
C PRO B 428 -1.39 -5.02 14.12
N ALA B 429 -0.98 -3.78 14.43
CA ALA B 429 0.38 -3.36 14.08
C ALA B 429 1.42 -4.22 14.77
N MET B 430 1.22 -4.48 16.07
CA MET B 430 2.14 -5.32 16.82
C MET B 430 2.12 -6.77 16.34
N MET B 431 0.93 -7.30 16.10
CA MET B 431 0.74 -8.64 15.55
C MET B 431 1.57 -8.81 14.26
N ALA B 432 1.44 -7.86 13.33
CA ALA B 432 2.17 -7.92 12.07
C ALA B 432 3.67 -7.77 12.26
N THR B 433 4.09 -6.80 13.09
CA THR B 433 5.52 -6.55 13.27
C THR B 433 6.23 -7.76 13.88
N LEU B 434 5.59 -8.43 14.84
CA LEU B 434 6.22 -9.61 15.44
C LEU B 434 6.47 -10.70 14.39
N ALA B 435 5.49 -10.98 13.54
CA ALA B 435 5.71 -11.92 12.45
C ALA B 435 6.86 -11.45 11.56
N GLN B 436 6.89 -10.15 11.25
CA GLN B 436 7.86 -9.63 10.28
C GLN B 436 9.29 -9.70 10.81
N ILE B 437 9.50 -9.60 12.13
CA ILE B 437 10.86 -9.67 12.66
C ILE B 437 11.32 -11.10 12.90
N GLY B 438 10.51 -12.10 12.58
CA GLY B 438 11.04 -13.45 12.60
C GLY B 438 10.17 -14.56 13.15
N PHE B 439 9.07 -14.26 13.83
CA PHE B 439 8.23 -15.34 14.37
C PHE B 439 7.70 -16.19 13.21
N GLN B 440 7.99 -17.49 13.26
CA GLN B 440 7.59 -18.39 12.17
C GLN B 440 6.09 -18.53 12.06
N GLN B 441 5.39 -18.48 13.19
CA GLN B 441 3.93 -18.62 13.22
C GLN B 441 3.36 -17.60 14.19
N SER B 442 2.06 -17.32 14.01
CA SER B 442 1.33 -16.38 14.83
C SER B 442 -0.03 -16.95 15.19
N TYR B 443 -0.43 -16.80 16.47
CA TYR B 443 -1.85 -16.88 16.77
C TYR B 443 -2.59 -15.72 16.09
N THR B 444 -3.90 -15.86 15.95
CA THR B 444 -4.71 -14.98 15.10
C THR B 444 -5.99 -14.60 15.84
N TYR B 445 -6.82 -13.82 15.14
CA TYR B 445 -8.15 -13.50 15.62
C TYR B 445 -9.19 -14.59 15.33
N PHE B 446 -8.75 -15.78 14.89
CA PHE B 446 -9.67 -16.83 14.44
C PHE B 446 -10.86 -17.06 15.39
N THR B 447 -10.60 -17.19 16.70
CA THR B 447 -11.68 -17.53 17.62
C THR B 447 -12.78 -16.47 17.68
N TRP B 448 -12.49 -15.23 17.29
CA TRP B 448 -13.48 -14.15 17.28
C TRP B 448 -13.98 -13.84 15.87
N ARG B 449 -13.87 -14.80 14.95
CA ARG B 449 -14.41 -14.68 13.59
C ARG B 449 -15.33 -15.88 13.38
N ASN B 450 -16.64 -15.65 13.49
CA ASN B 450 -17.59 -16.76 13.51
C ASN B 450 -18.70 -16.65 12.46
N THR B 451 -19.07 -15.43 12.04
CA THR B 451 -20.05 -15.30 10.97
C THR B 451 -19.38 -15.49 9.59
N LYS B 452 -20.22 -15.67 8.56
CA LYS B 452 -19.67 -15.81 7.21
C LYS B 452 -18.87 -14.57 6.81
N GLN B 453 -19.40 -13.37 7.09
CA GLN B 453 -18.67 -12.16 6.68
C GLN B 453 -17.34 -12.04 7.43
N GLU B 454 -17.35 -12.34 8.74
CA GLU B 454 -16.13 -12.30 9.54
C GLU B 454 -15.07 -13.27 9.00
N LEU B 455 -15.47 -14.53 8.76
CA LEU B 455 -14.53 -15.52 8.25
C LEU B 455 -14.00 -15.16 6.87
N THR B 456 -14.90 -14.73 5.97
CA THR B 456 -14.48 -14.41 4.60
C THR B 456 -13.50 -13.24 4.58
N GLU B 457 -13.81 -12.18 5.33
CA GLU B 457 -12.94 -11.01 5.36
C GLU B 457 -11.59 -11.36 5.99
N TYR B 458 -11.60 -12.07 7.12
CA TYR B 458 -10.35 -12.33 7.81
C TYR B 458 -9.45 -13.28 7.03
N LEU B 459 -10.03 -14.31 6.39
CA LEU B 459 -9.19 -15.22 5.63
C LEU B 459 -8.72 -14.61 4.31
N THR B 460 -9.49 -13.68 3.76
CA THR B 460 -8.98 -12.96 2.60
C THR B 460 -7.73 -12.17 2.98
N GLU B 461 -7.73 -11.57 4.17
CA GLU B 461 -6.54 -10.88 4.69
C GLU B 461 -5.38 -11.85 4.92
N LEU B 462 -5.62 -12.96 5.61
CA LEU B 462 -4.50 -13.86 5.96
C LEU B 462 -3.93 -14.55 4.73
N SER B 463 -4.77 -14.85 3.74
CA SER B 463 -4.27 -15.55 2.56
C SER B 463 -3.70 -14.59 1.51
N GLY B 464 -3.81 -13.28 1.75
CA GLY B 464 -3.31 -12.27 0.84
C GLY B 464 -1.94 -11.74 1.19
N GLU B 465 -1.76 -10.42 1.24
CA GLU B 465 -0.42 -9.87 1.44
C GLU B 465 0.19 -10.30 2.78
N ALA B 466 -0.64 -10.50 3.81
CA ALA B 466 -0.12 -10.93 5.11
C ALA B 466 0.63 -12.26 5.01
N ALA B 467 0.26 -13.14 4.07
CA ALA B 467 0.95 -14.41 3.95
C ALA B 467 2.42 -14.27 3.56
N SER B 468 2.85 -13.10 3.08
CA SER B 468 4.27 -12.92 2.83
C SER B 468 5.09 -12.79 4.12
N TYR B 469 4.46 -12.55 5.28
CA TYR B 469 5.24 -12.43 6.52
C TYR B 469 4.65 -13.18 7.71
N MET B 470 3.44 -13.76 7.62
CA MET B 470 2.79 -14.38 8.76
C MET B 470 2.22 -15.74 8.37
N ARG B 471 2.45 -16.74 9.23
CA ARG B 471 1.86 -18.06 9.05
C ARG B 471 0.88 -18.30 10.19
N PRO B 472 -0.42 -18.44 9.91
CA PRO B 472 -1.41 -18.50 11.00
C PRO B 472 -1.51 -19.89 11.62
N ASN B 473 -1.67 -19.93 12.93
CA ASN B 473 -1.96 -21.19 13.63
C ASN B 473 -3.35 -21.05 14.23
N PHE B 474 -4.33 -21.74 13.61
CA PHE B 474 -5.74 -21.63 14.01
C PHE B 474 -6.06 -22.59 15.16
N PHE B 475 -5.76 -22.17 16.39
CA PHE B 475 -6.27 -22.89 17.55
C PHE B 475 -7.77 -22.59 17.71
N ALA B 476 -8.63 -23.62 17.62
CA ALA B 476 -10.07 -23.39 17.76
C ALA B 476 -10.47 -23.03 19.19
N ASN B 477 -9.65 -23.39 20.17
CA ASN B 477 -9.80 -22.97 21.55
C ASN B 477 -8.40 -22.91 22.15
N THR B 478 -8.27 -22.27 23.32
CA THR B 478 -7.07 -22.32 24.14
C THR B 478 -7.54 -22.35 25.59
N PRO B 479 -6.67 -22.61 26.56
CA PRO B 479 -7.13 -22.58 27.97
C PRO B 479 -7.69 -21.24 28.37
N ASP B 480 -7.41 -20.17 27.61
CA ASP B 480 -7.89 -18.82 27.91
C ASP B 480 -9.05 -18.36 27.01
N ILE B 481 -9.50 -19.18 26.05
CA ILE B 481 -10.51 -18.73 25.09
C ILE B 481 -11.52 -19.84 24.82
N LEU B 482 -12.66 -19.76 25.50
CA LEU B 482 -13.85 -20.56 25.20
C LEU B 482 -14.87 -19.56 24.65
N HIS B 483 -14.98 -19.49 23.32
CA HIS B 483 -15.83 -18.46 22.73
C HIS B 483 -17.32 -18.76 22.95
N ALA B 484 -18.13 -17.70 22.93
CA ALA B 484 -19.57 -17.85 23.10
C ALA B 484 -20.18 -18.73 22.02
N TYR B 485 -19.59 -18.75 20.82
CA TYR B 485 -20.11 -19.61 19.75
C TYR B 485 -20.14 -21.07 20.21
N LEU B 486 -19.08 -21.52 20.88
CA LEU B 486 -19.02 -22.89 21.42
C LEU B 486 -19.89 -23.04 22.65
N GLN B 487 -19.95 -22.01 23.50
CA GLN B 487 -20.80 -22.07 24.68
C GLN B 487 -22.26 -22.25 24.31
N HIS B 488 -22.72 -21.53 23.28
CA HIS B 488 -24.14 -21.57 22.94
C HIS B 488 -24.49 -22.67 21.96
N GLY B 489 -23.54 -23.12 21.16
CA GLY B 489 -23.82 -24.05 20.09
C GLY B 489 -23.63 -25.50 20.45
N GLY B 490 -22.95 -25.78 21.55
CA GLY B 490 -22.72 -27.20 21.93
C GLY B 490 -21.93 -27.99 20.89
N ARG B 491 -22.12 -29.31 20.91
CA ARG B 491 -21.30 -30.18 20.05
C ARG B 491 -21.36 -29.83 18.57
N PRO B 492 -22.51 -29.48 17.98
CA PRO B 492 -22.47 -29.10 16.56
C PRO B 492 -21.60 -27.88 16.28
N ALA B 493 -21.46 -26.97 17.26
CA ALA B 493 -20.55 -25.83 17.09
C ALA B 493 -19.09 -26.26 17.15
N PHE B 494 -18.74 -27.20 18.03
CA PHE B 494 -17.39 -27.73 18.04
C PHE B 494 -17.05 -28.40 16.72
N GLU B 495 -18.03 -29.07 16.11
CA GLU B 495 -17.78 -29.73 14.84
C GLU B 495 -17.53 -28.71 13.74
N VAL B 496 -18.31 -27.64 13.74
CA VAL B 496 -18.15 -26.59 12.72
C VAL B 496 -16.78 -25.94 12.84
N ARG B 497 -16.38 -25.55 14.06
CA ARG B 497 -15.11 -24.84 14.19
C ARG B 497 -13.92 -25.73 13.87
N ALA B 498 -14.05 -27.04 14.12
CA ALA B 498 -12.98 -27.96 13.74
C ALA B 498 -12.82 -28.02 12.23
N VAL B 499 -13.94 -28.22 11.51
CA VAL B 499 -13.86 -28.23 10.05
C VAL B 499 -13.26 -26.92 9.52
N LEU B 500 -13.70 -25.79 10.05
CA LEU B 500 -13.22 -24.49 9.57
C LEU B 500 -11.73 -24.33 9.84
N ALA B 501 -11.29 -24.62 11.07
CA ALA B 501 -9.88 -24.44 11.40
C ALA B 501 -8.99 -25.36 10.55
N ALA B 502 -9.40 -26.63 10.41
CA ALA B 502 -8.57 -27.62 9.71
C ALA B 502 -8.49 -27.35 8.21
N THR B 503 -9.51 -26.72 7.62
CA THR B 503 -9.49 -26.53 6.18
C THR B 503 -9.13 -25.13 5.74
N LEU B 504 -9.21 -24.13 6.62
CA LEU B 504 -8.84 -22.78 6.22
C LEU B 504 -7.39 -22.43 6.52
N SER B 505 -6.74 -23.15 7.43
CA SER B 505 -5.32 -22.90 7.63
C SER B 505 -4.53 -24.20 7.56
N PRO B 506 -3.35 -24.19 6.94
CA PRO B 506 -2.51 -25.40 6.96
C PRO B 506 -1.97 -25.73 8.35
N THR B 507 -2.08 -24.83 9.32
CA THR B 507 -1.78 -25.17 10.71
C THR B 507 -3.00 -24.87 11.58
N TRP B 508 -3.45 -25.87 12.34
CA TRP B 508 -4.55 -25.65 13.28
C TRP B 508 -4.26 -26.39 14.57
N GLY B 509 -5.05 -26.12 15.60
CA GLY B 509 -4.84 -26.79 16.88
C GLY B 509 -6.08 -26.81 17.72
N ILE B 510 -6.08 -27.71 18.72
CA ILE B 510 -7.09 -27.69 19.78
C ILE B 510 -6.40 -27.88 21.12
N TYR B 511 -7.06 -27.41 22.18
CA TYR B 511 -6.63 -27.61 23.54
C TYR B 511 -7.50 -28.71 24.16
N SER B 512 -6.84 -29.72 24.75
CA SER B 512 -7.47 -30.92 25.30
C SER B 512 -8.78 -30.65 26.03
N GLY B 513 -9.79 -31.46 25.72
CA GLY B 513 -11.13 -31.20 26.18
C GLY B 513 -12.03 -30.60 25.12
N TYR B 514 -11.43 -29.94 24.11
CA TYR B 514 -12.21 -29.53 22.93
C TYR B 514 -12.96 -30.71 22.34
N GLU B 515 -12.29 -31.86 22.23
CA GLU B 515 -12.94 -32.99 21.59
C GLU B 515 -14.07 -33.53 22.45
N LEU B 516 -14.07 -33.27 23.76
CA LEU B 516 -15.18 -33.61 24.64
C LEU B 516 -16.27 -32.55 24.65
N CYS B 517 -16.09 -31.47 23.87
CA CYS B 517 -17.07 -30.40 23.76
C CYS B 517 -17.28 -29.70 25.10
N GLU B 518 -16.23 -29.63 25.92
CA GLU B 518 -16.30 -28.86 27.16
C GLU B 518 -16.59 -27.40 26.83
N ASN B 519 -17.69 -26.86 27.38
CA ASN B 519 -18.12 -25.52 26.98
C ASN B 519 -18.83 -24.77 28.10
N THR B 520 -18.57 -25.11 29.34
CA THR B 520 -19.15 -24.40 30.48
C THR B 520 -18.26 -23.21 30.84
N PRO B 521 -18.73 -21.98 30.68
CA PRO B 521 -17.90 -20.81 31.01
C PRO B 521 -17.88 -20.51 32.50
N LEU B 522 -16.90 -19.70 32.88
CA LEU B 522 -16.80 -19.26 34.27
C LEU B 522 -18.04 -18.51 34.71
N ARG B 523 -18.60 -17.70 33.82
CA ARG B 523 -19.84 -16.96 34.01
C ARG B 523 -20.26 -16.46 32.65
N GLU B 524 -21.52 -16.05 32.53
CA GLU B 524 -21.99 -15.48 31.27
C GLU B 524 -21.16 -14.24 30.92
N GLY B 525 -20.77 -14.14 29.64
CA GLY B 525 -19.95 -13.06 29.18
C GLY B 525 -18.46 -13.29 29.35
N SER B 526 -18.05 -14.37 29.99
CA SER B 526 -16.64 -14.69 30.11
C SER B 526 -16.22 -15.60 28.97
N GLU B 527 -14.92 -15.59 28.66
CA GLU B 527 -14.35 -16.58 27.77
C GLU B 527 -13.44 -17.54 28.52
N GLU B 528 -13.45 -17.49 29.86
CA GLU B 528 -12.76 -18.47 30.69
C GLU B 528 -13.61 -19.71 30.84
N TYR B 529 -12.95 -20.86 30.96
CA TYR B 529 -13.59 -22.09 31.39
C TYR B 529 -13.92 -22.05 32.88
N LEU B 530 -15.08 -22.57 33.25
CA LEU B 530 -15.32 -22.89 34.65
C LEU B 530 -14.33 -23.96 35.11
N ASP B 531 -13.84 -23.81 36.34
CA ASP B 531 -12.92 -24.78 36.96
C ASP B 531 -11.70 -25.01 36.06
N SER B 532 -11.10 -23.90 35.60
CA SER B 532 -10.08 -23.95 34.58
C SER B 532 -8.90 -24.82 34.98
N GLU B 533 -8.41 -25.60 34.02
CA GLU B 533 -7.25 -26.46 34.17
C GLU B 533 -5.97 -25.67 34.48
N LYS B 534 -5.97 -24.37 34.19
CA LYS B 534 -4.81 -23.54 34.54
C LYS B 534 -4.55 -23.54 36.05
N TYR B 535 -5.57 -23.77 36.87
CA TYR B 535 -5.44 -23.65 38.32
C TYR B 535 -5.77 -24.93 39.08
N GLN B 536 -6.04 -26.04 38.39
CA GLN B 536 -6.35 -27.29 39.08
C GLN B 536 -6.11 -28.46 38.13
N LEU B 537 -5.77 -29.60 38.71
CA LEU B 537 -5.74 -30.86 37.97
C LEU B 537 -7.11 -31.13 37.38
N LYS B 538 -7.13 -31.67 36.16
CA LYS B 538 -8.36 -31.91 35.42
C LYS B 538 -8.33 -33.32 34.84
N PRO B 539 -8.49 -34.35 35.67
CA PRO B 539 -8.55 -35.71 35.13
C PRO B 539 -9.77 -35.83 34.22
N ARG B 540 -9.58 -36.51 33.09
CA ARG B 540 -10.64 -36.70 32.12
C ARG B 540 -10.76 -38.19 31.80
N ASP B 541 -12.00 -38.68 31.71
CA ASP B 541 -12.24 -40.11 31.50
C ASP B 541 -12.28 -40.37 29.99
N TRP B 542 -11.07 -40.48 29.41
CA TRP B 542 -10.96 -40.65 27.96
C TRP B 542 -11.57 -41.99 27.52
N THR B 543 -11.39 -43.04 28.32
CA THR B 543 -11.95 -44.34 27.94
C THR B 543 -13.47 -44.30 27.88
N ARG B 544 -14.10 -43.67 28.88
CA ARG B 544 -15.56 -43.54 28.88
C ARG B 544 -16.05 -42.72 27.70
N ALA B 545 -15.44 -41.55 27.46
CA ALA B 545 -15.90 -40.70 26.36
C ALA B 545 -15.79 -41.42 25.02
N ALA B 546 -14.72 -42.18 24.81
CA ALA B 546 -14.55 -42.91 23.56
C ALA B 546 -15.64 -43.96 23.40
N ARG B 547 -15.88 -44.75 24.45
CA ARG B 547 -16.86 -45.83 24.40
C ARG B 547 -18.28 -45.31 24.18
N GLU B 548 -18.64 -44.22 24.84
CA GLU B 548 -19.98 -43.64 24.74
C GLU B 548 -20.14 -42.69 23.57
N GLY B 549 -19.08 -42.48 22.79
CA GLY B 549 -19.20 -41.69 21.57
C GLY B 549 -19.50 -40.23 21.82
N THR B 550 -19.19 -39.74 23.02
CA THR B 550 -19.41 -38.35 23.37
C THR B 550 -18.19 -37.48 23.10
N THR B 551 -17.29 -37.93 22.23
CA THR B 551 -16.12 -37.17 21.80
C THR B 551 -16.18 -37.01 20.29
N ILE B 552 -15.68 -35.87 19.79
CA ILE B 552 -15.55 -35.69 18.35
C ILE B 552 -14.15 -36.08 17.88
N ALA B 553 -13.42 -36.84 18.69
CA ALA B 553 -12.12 -37.34 18.23
C ALA B 553 -12.17 -38.03 16.87
N PRO B 554 -13.20 -38.80 16.51
CA PRO B 554 -13.19 -39.38 15.16
C PRO B 554 -13.28 -38.34 14.05
N LEU B 555 -14.07 -37.27 14.24
CA LEU B 555 -14.10 -36.20 13.26
C LEU B 555 -12.73 -35.52 13.16
N VAL B 556 -12.12 -35.19 14.30
CA VAL B 556 -10.78 -34.60 14.31
C VAL B 556 -9.82 -35.49 13.54
N THR B 557 -9.85 -36.80 13.82
CA THR B 557 -8.99 -37.74 13.13
C THR B 557 -9.23 -37.69 11.62
N ARG B 558 -10.49 -37.70 11.21
CA ARG B 558 -10.79 -37.72 9.78
C ARG B 558 -10.28 -36.43 9.12
N LEU B 559 -10.45 -35.28 9.78
CA LEU B 559 -9.99 -34.04 9.19
C LEU B 559 -8.46 -34.04 9.02
N ASN B 560 -7.73 -34.55 10.02
CA ASN B 560 -6.28 -34.60 9.85
C ASN B 560 -5.87 -35.58 8.75
N THR B 561 -6.60 -36.69 8.59
CA THR B 561 -6.29 -37.60 7.49
C THR B 561 -6.55 -36.96 6.14
N ILE B 562 -7.67 -36.22 6.01
CA ILE B 562 -7.96 -35.50 4.76
C ILE B 562 -6.87 -34.51 4.43
N ARG B 563 -6.40 -33.75 5.44
CA ARG B 563 -5.28 -32.83 5.21
C ARG B 563 -4.04 -33.58 4.75
N ARG B 564 -3.75 -34.72 5.36
CA ARG B 564 -2.56 -35.49 4.98
C ARG B 564 -2.67 -36.07 3.57
N GLU B 565 -3.87 -36.26 3.06
CA GLU B 565 -4.08 -36.86 1.75
C GLU B 565 -4.30 -35.84 0.64
N ASN B 566 -4.42 -34.56 0.96
CA ASN B 566 -4.83 -33.54 -0.01
C ASN B 566 -3.90 -32.35 0.06
N PRO B 567 -2.93 -32.24 -0.85
CA PRO B 567 -1.96 -31.12 -0.81
C PRO B 567 -2.59 -29.74 -0.75
N ALA B 568 -3.79 -29.54 -1.33
CA ALA B 568 -4.43 -28.23 -1.27
C ALA B 568 -4.64 -27.75 0.16
N LEU B 569 -4.81 -28.67 1.11
CA LEU B 569 -5.05 -28.28 2.49
C LEU B 569 -3.75 -28.08 3.28
N ARG B 570 -2.59 -28.32 2.66
CA ARG B 570 -1.30 -28.10 3.30
C ARG B 570 -0.67 -26.78 2.88
N GLN B 571 -1.46 -25.87 2.31
CA GLN B 571 -0.99 -24.54 1.98
C GLN B 571 -2.08 -23.53 2.36
N LEU B 572 -1.73 -22.25 2.26
CA LEU B 572 -2.56 -21.16 2.76
C LEU B 572 -3.09 -20.24 1.68
N ARG B 573 -2.25 -19.86 0.73
CA ARG B 573 -2.50 -18.69 -0.11
C ARG B 573 -3.52 -18.95 -1.21
N ASP B 574 -3.68 -20.19 -1.65
CA ASP B 574 -4.64 -20.51 -2.70
C ASP B 574 -5.98 -20.85 -2.03
N LEU B 575 -6.93 -19.93 -2.14
CA LEU B 575 -8.19 -20.00 -1.40
C LEU B 575 -9.18 -19.07 -2.08
N HIS B 576 -10.36 -19.59 -2.39
CA HIS B 576 -11.38 -18.77 -3.03
C HIS B 576 -12.74 -19.05 -2.41
N PHE B 577 -13.47 -18.00 -2.07
CA PHE B 577 -14.81 -18.12 -1.52
C PHE B 577 -15.85 -18.05 -2.63
N HIS B 578 -16.76 -19.04 -2.66
CA HIS B 578 -17.83 -19.11 -3.64
C HIS B 578 -19.16 -18.67 -3.03
N PRO B 579 -19.98 -17.94 -3.79
CA PRO B 579 -21.22 -17.38 -3.20
C PRO B 579 -22.28 -18.46 -2.96
N THR B 580 -23.03 -18.27 -1.88
CA THR B 580 -24.22 -19.03 -1.59
C THR B 580 -25.35 -18.04 -1.32
N ASP B 581 -26.59 -18.53 -1.35
CA ASP B 581 -27.73 -17.68 -1.09
C ASP B 581 -28.25 -17.79 0.35
N LYS B 582 -27.41 -18.24 1.29
CA LYS B 582 -27.82 -18.29 2.69
C LYS B 582 -26.70 -17.75 3.56
N GLU B 583 -26.99 -16.75 4.40
CA GLU B 583 -25.89 -16.12 5.12
C GLU B 583 -25.25 -17.08 6.11
N GLU B 584 -25.95 -18.14 6.52
CA GLU B 584 -25.36 -19.15 7.41
C GLU B 584 -24.48 -20.17 6.70
N VAL B 585 -24.46 -20.22 5.38
CA VAL B 585 -23.72 -21.25 4.64
C VAL B 585 -22.59 -20.61 3.87
N ILE B 586 -21.36 -21.04 4.17
CA ILE B 586 -20.15 -20.53 3.54
C ILE B 586 -19.54 -21.63 2.67
N ALA B 587 -18.91 -21.22 1.58
CA ALA B 587 -18.30 -22.17 0.66
C ALA B 587 -16.97 -21.64 0.17
N TYR B 588 -15.99 -22.54 0.03
CA TYR B 588 -14.67 -22.11 -0.42
C TYR B 588 -13.92 -23.30 -1.00
N SER B 589 -12.93 -23.00 -1.85
CA SER B 589 -12.09 -24.02 -2.44
C SER B 589 -10.63 -23.65 -2.31
N LYS B 590 -9.78 -24.67 -2.36
CA LYS B 590 -8.33 -24.55 -2.28
C LYS B 590 -7.72 -25.51 -3.28
N ARG B 591 -6.65 -25.09 -3.96
CA ARG B 591 -6.02 -25.92 -4.97
C ARG B 591 -4.51 -25.92 -4.81
N GLN B 592 -3.92 -27.07 -5.14
CA GLN B 592 -2.48 -27.24 -5.18
C GLN B 592 -2.21 -28.24 -6.31
N GLY B 593 -1.61 -27.79 -7.41
CA GLY B 593 -1.50 -28.65 -8.57
C GLY B 593 -2.86 -29.19 -8.97
N SER B 594 -2.94 -30.49 -9.23
CA SER B 594 -4.20 -31.08 -9.66
C SER B 594 -5.16 -31.37 -8.52
N ASN B 595 -4.78 -31.08 -7.27
CA ASN B 595 -5.61 -31.35 -6.10
C ASN B 595 -6.52 -30.15 -5.83
N THR B 596 -7.83 -30.40 -5.78
CA THR B 596 -8.83 -29.37 -5.50
C THR B 596 -9.74 -29.85 -4.39
N VAL B 597 -9.86 -29.05 -3.32
CA VAL B 597 -10.75 -29.35 -2.21
C VAL B 597 -11.82 -28.27 -2.16
N LEU B 598 -13.07 -28.68 -2.03
CA LEU B 598 -14.20 -27.77 -2.03
C LEU B 598 -14.98 -28.00 -0.75
N VAL B 599 -15.13 -26.95 0.07
CA VAL B 599 -15.75 -27.08 1.40
C VAL B 599 -17.01 -26.23 1.46
N VAL B 600 -18.07 -26.81 2.02
CA VAL B 600 -19.33 -26.10 2.28
C VAL B 600 -19.69 -26.32 3.75
N VAL B 601 -19.81 -25.25 4.52
CA VAL B 601 -20.04 -25.35 5.96
C VAL B 601 -21.31 -24.64 6.35
N ASN B 602 -22.13 -25.29 7.18
CA ASN B 602 -23.27 -24.63 7.81
C ASN B 602 -22.80 -24.06 9.14
N LEU B 603 -22.76 -22.72 9.25
CA LEU B 603 -22.31 -22.05 10.46
C LEU B 603 -23.35 -22.01 11.55
N ASP B 604 -24.60 -22.37 11.24
CA ASP B 604 -25.67 -22.44 12.22
C ASP B 604 -25.58 -23.76 12.97
N PRO B 605 -25.28 -23.75 14.27
CA PRO B 605 -25.20 -25.01 15.03
C PRO B 605 -26.54 -25.49 15.56
N ARG B 606 -27.63 -24.76 15.32
CA ARG B 606 -28.92 -25.11 15.90
C ARG B 606 -29.97 -25.51 14.88
N HIS B 607 -29.92 -25.00 13.66
CA HIS B 607 -30.96 -25.23 12.67
C HIS B 607 -30.40 -25.79 11.37
N THR B 608 -31.15 -26.72 10.77
CA THR B 608 -30.83 -27.19 9.43
C THR B 608 -30.90 -26.03 8.45
N GLN B 609 -29.95 -25.99 7.53
CA GLN B 609 -29.89 -24.94 6.52
C GLN B 609 -29.80 -25.58 5.15
N GLU B 610 -30.61 -25.08 4.23
CA GLU B 610 -30.50 -25.46 2.83
C GLU B 610 -30.12 -24.22 2.02
N ALA B 611 -29.29 -24.42 1.00
CA ALA B 611 -28.84 -23.29 0.21
C ALA B 611 -28.43 -23.77 -1.16
N THR B 612 -28.30 -22.82 -2.09
CA THR B 612 -27.67 -23.07 -3.37
C THR B 612 -26.26 -22.50 -3.32
N VAL B 613 -25.27 -23.35 -3.57
CA VAL B 613 -23.89 -22.93 -3.73
C VAL B 613 -23.64 -22.69 -5.22
N SER B 614 -23.39 -21.44 -5.59
CA SER B 614 -23.11 -21.10 -6.98
C SER B 614 -21.60 -21.01 -7.15
N LEU B 615 -21.01 -22.05 -7.74
CA LEU B 615 -19.56 -22.14 -7.85
C LEU B 615 -19.03 -21.25 -8.96
N ASP B 616 -17.95 -20.52 -8.66
N ASP B 616 -17.94 -20.54 -8.66
CA ASP B 616 -17.19 -19.80 -9.68
CA ASP B 616 -17.16 -19.80 -9.64
C ASP B 616 -16.35 -20.83 -10.41
C ASP B 616 -16.33 -20.84 -10.41
N MET B 617 -16.92 -21.40 -11.46
CA MET B 617 -16.30 -22.52 -12.16
C MET B 617 -14.90 -22.25 -12.70
N PRO B 618 -14.59 -21.10 -13.31
CA PRO B 618 -13.20 -20.90 -13.76
C PRO B 618 -12.18 -20.90 -12.63
N GLN B 619 -12.60 -20.55 -11.41
CA GLN B 619 -11.72 -20.61 -10.25
C GLN B 619 -11.38 -22.04 -9.87
N LEU B 620 -12.19 -23.01 -10.31
CA LEU B 620 -11.91 -24.43 -10.17
C LEU B 620 -11.23 -25.02 -11.40
N GLY B 621 -10.92 -24.18 -12.40
CA GLY B 621 -10.35 -24.68 -13.64
C GLY B 621 -11.34 -25.32 -14.57
N LEU B 622 -12.63 -24.99 -14.45
CA LEU B 622 -13.68 -25.62 -15.21
C LEU B 622 -14.47 -24.57 -15.99
N ASP B 623 -15.10 -25.00 -17.07
CA ASP B 623 -15.99 -24.10 -17.79
C ASP B 623 -17.36 -24.09 -17.13
N TRP B 624 -18.12 -23.03 -17.39
CA TRP B 624 -19.34 -22.77 -16.63
C TRP B 624 -20.37 -23.88 -16.75
N HIS B 625 -20.33 -24.65 -17.83
CA HIS B 625 -21.34 -25.67 -18.14
C HIS B 625 -20.94 -27.07 -17.71
N GLU B 626 -19.67 -27.29 -17.36
CA GLU B 626 -19.21 -28.62 -16.98
C GLU B 626 -19.86 -29.06 -15.66
N SER B 627 -19.79 -30.35 -15.42
CA SER B 627 -20.12 -30.90 -14.12
C SER B 627 -18.81 -31.31 -13.44
N VAL B 628 -18.82 -31.26 -12.11
CA VAL B 628 -17.64 -31.68 -11.34
C VAL B 628 -18.02 -32.86 -10.46
N PRO B 629 -17.46 -34.04 -10.70
CA PRO B 629 -17.67 -35.15 -9.76
C PRO B 629 -16.84 -34.94 -8.52
N VAL B 630 -17.47 -35.01 -7.35
CA VAL B 630 -16.81 -34.76 -6.08
C VAL B 630 -17.11 -35.91 -5.13
N ARG B 631 -16.14 -36.21 -4.26
CA ARG B 631 -16.37 -37.14 -3.16
C ARG B 631 -16.32 -36.35 -1.85
N ASP B 632 -17.38 -36.49 -1.04
CA ASP B 632 -17.41 -35.93 0.31
C ASP B 632 -16.51 -36.78 1.19
N GLU B 633 -15.32 -36.28 1.51
CA GLU B 633 -14.34 -37.07 2.25
C GLU B 633 -14.80 -37.39 3.67
N LEU B 634 -15.82 -36.68 4.18
CA LEU B 634 -16.31 -36.98 5.52
C LEU B 634 -17.19 -38.22 5.56
N THR B 635 -17.79 -38.58 4.43
CA THR B 635 -18.73 -39.69 4.38
C THR B 635 -18.39 -40.74 3.33
N GLY B 636 -17.58 -40.41 2.33
CA GLY B 636 -17.36 -41.29 1.21
C GLY B 636 -18.41 -41.22 0.12
N GLU B 637 -19.49 -40.47 0.32
CA GLU B 637 -20.52 -40.32 -0.71
C GLU B 637 -19.99 -39.49 -1.88
N THR B 638 -20.45 -39.83 -3.08
CA THR B 638 -20.06 -39.11 -4.29
C THR B 638 -21.23 -38.28 -4.79
N TYR B 639 -20.94 -37.08 -5.26
CA TYR B 639 -21.93 -36.19 -5.85
C TYR B 639 -21.47 -35.77 -7.23
N HIS B 640 -22.42 -35.32 -8.03
CA HIS B 640 -22.13 -34.73 -9.34
C HIS B 640 -22.62 -33.29 -9.28
N TRP B 641 -21.68 -32.37 -9.15
CA TRP B 641 -21.97 -30.98 -8.92
C TRP B 641 -21.67 -30.16 -10.17
N GLY B 642 -22.30 -28.99 -10.23
CA GLY B 642 -22.05 -28.07 -11.32
C GLY B 642 -21.95 -26.66 -10.82
N ARG B 643 -22.27 -25.69 -11.67
CA ARG B 643 -22.20 -24.29 -11.29
C ARG B 643 -23.22 -23.91 -10.22
N ALA B 644 -24.27 -24.70 -10.02
CA ALA B 644 -25.25 -24.39 -8.97
C ALA B 644 -25.71 -25.67 -8.31
N ASN B 645 -25.60 -25.74 -6.98
CA ASN B 645 -25.79 -27.00 -6.26
C ASN B 645 -26.60 -26.79 -4.99
N TYR B 646 -27.66 -27.57 -4.85
CA TYR B 646 -28.48 -27.56 -3.65
C TYR B 646 -27.78 -28.35 -2.55
N VAL B 647 -27.69 -27.78 -1.35
CA VAL B 647 -27.15 -28.50 -0.20
C VAL B 647 -28.15 -28.38 0.94
N ARG B 648 -28.12 -29.37 1.82
CA ARG B 648 -28.95 -29.36 3.02
C ARG B 648 -28.11 -29.93 4.16
N LEU B 649 -27.84 -29.11 5.17
CA LEU B 649 -26.89 -29.50 6.21
C LEU B 649 -27.59 -29.49 7.55
N GLU B 650 -27.62 -30.66 8.21
CA GLU B 650 -28.36 -30.86 9.44
C GLU B 650 -27.40 -30.88 10.62
N PRO B 651 -27.41 -29.89 11.51
CA PRO B 651 -26.44 -29.83 12.61
C PRO B 651 -26.56 -31.04 13.52
N GLY B 652 -25.41 -31.62 13.89
CA GLY B 652 -25.37 -32.87 14.63
C GLY B 652 -25.14 -34.07 13.72
N ARG B 653 -25.83 -34.08 12.58
CA ARG B 653 -25.62 -35.12 11.58
C ARG B 653 -24.46 -34.78 10.66
N THR B 654 -24.44 -33.55 10.12
CA THR B 654 -23.51 -33.10 9.10
C THR B 654 -23.14 -31.63 9.36
N PRO B 655 -21.93 -31.31 9.81
CA PRO B 655 -21.55 -29.89 9.87
C PRO B 655 -21.25 -29.28 8.50
N ALA B 656 -20.87 -30.09 7.53
CA ALA B 656 -20.20 -29.58 6.34
C ALA B 656 -20.06 -30.69 5.30
N HIS B 657 -19.85 -30.28 4.07
CA HIS B 657 -19.25 -31.12 3.04
C HIS B 657 -17.78 -30.74 2.88
N VAL B 658 -16.89 -31.72 2.95
CA VAL B 658 -15.47 -31.51 2.67
C VAL B 658 -15.13 -32.40 1.48
N CYS B 659 -15.21 -31.85 0.27
CA CYS B 659 -15.13 -32.62 -0.96
C CYS B 659 -13.81 -32.44 -1.69
N THR B 660 -13.38 -33.52 -2.33
CA THR B 660 -12.29 -33.45 -3.31
C THR B 660 -12.90 -33.58 -4.71
N VAL B 661 -12.34 -32.86 -5.66
CA VAL B 661 -12.74 -32.98 -7.05
C VAL B 661 -12.07 -34.20 -7.65
N LEU B 662 -12.83 -35.03 -8.35
CA LEU B 662 -12.32 -36.29 -8.87
C LEU B 662 -11.85 -36.12 -10.31
N ARG B 663 -10.82 -36.90 -10.68
CA ARG B 663 -10.30 -36.98 -12.05
C ARG B 663 -9.97 -35.62 -12.64
#